data_8CML
#
_entry.id   8CML
#
_cell.length_a   1.00
_cell.length_b   1.00
_cell.length_c   1.00
_cell.angle_alpha   90.00
_cell.angle_beta   90.00
_cell.angle_gamma   90.00
#
_symmetry.space_group_name_H-M   'P 1'
#
loop_
_entity.id
_entity.type
_entity.pdbx_description
1 polymer 'Nanobody UNbC5-2'
2 polymer 'Complement C5 beta chain'
3 polymer 'Complement C5 alpha chain'
4 polymer 'Nanobody UNbC5-1'
5 branched 2-acetamido-2-deoxy-beta-D-glucopyranose-(1-4)-2-acetamido-2-deoxy-beta-D-glucopyranose
#
loop_
_entity_poly.entity_id
_entity_poly.type
_entity_poly.pdbx_seq_one_letter_code
_entity_poly.pdbx_strand_id
1 'polypeptide(L)'
;MEVQLVESGGGLVQPGGSLRLSCAASGRTFSTNTMGWFRQAPGQEREFVALISGNGRILDYSDSAKGRFTISRDNAKNTV
YLQMNSLKPEDTGVYFCAAEFRGRTLASYWGQGTQVTVSSAAASGSLEQKLISEEDLNGAAHHHHHHGAA
;
A
2 'polypeptide(L)'
;QEQTYVISAPKIFRVGASENIVIQVYGYTEAFDATISIKSYPDKKFSYSSGHVHLSSENKFQNSAILTIQPKQLPGGQNP
VSYVYLEVVSKHFSKSKRMPITYDNGFLFIHTDKPVYTPDQSVKVRVYSLNDDLKPAKRETVLTFIDPEGSEVDMVEEID
HIGIISFPDFKIPSNPRYGMWTIKAKYKEDFSTTGTAYFEVKEYVLPHFSVSIEPEYNFIGYKNFKNFEITIKARYFYNK
VVTEADVYITFGIREDLKDDQKEMMQTAMQNTMLINGIAQVTFDSETAVKELSYYSLEDLNNKYLYIAVTVIESTGGFSE
EAEIPGIKYVLSPYKLNLVATPLFLKPGIPYPIKVQVKDSLDQLVGGVPVTLNAQTIDVNQETSDLDPSKSVTRVDDGVA
SFVLNLPSGVTVLEFNVKTDAPDLPEENQAREGYRAIAYSSLSQSYLYIDWTDNHKALLVGEHLNIIVTPKSPYIDKITH
YNYLILSKGKIIHFGTREKFSDASYQSINIPVTQNMVPSSRLLVYYIVTGEQTAELVSDSVWLNIEEKCGNQLQVHLSPD
ADAYSPGQTVSLNMATGMDSWVALAAVDSAVYGVQRGAKKPLERVFQFLEKSDLGCGAGGGLNNANVFHLAGLTFLTNAN
ADDSQENDEPCKEIL
;
E
3 'polypeptide(L)'
;TLQKKIEEIAAKYKHSVVKKCCYDGACVNNDETCEQRAARISLGPRCIKAFTECCVVASQLRANISHKDMQLGRLHMKTL
LPVSKPEIRSYFPESWLWEVHLVPRRKQLQFALPDSLTTWEIQGVGISNTGICVADTVKAKVFKDVFLEMNIPYSVVRGE
QIQLKGTVYNYRTSGMQFCVKMSAVEGICTSESPVIDHQGTKSSKCVRQKVEGSSSHLVTFTVLPLEIGLHNINFSLETW
FGKEILVKTLRVVPEGVKRESYSGVTLDPRGIYGTISRRKEFPYRIPLDLVPKTEIKRILSVKGLLVGEILSAVLSQEGI
NILTHLPKGSAEAELMSVVPVFYVFHYLETGNHWNIFHSDPLIEKQKLKKKLKEGMLSIMSYRNADYSYSVWKGGSASTW
LTAFALRVLGQVNKYVEQNQNSICNSLLWLVENYQLDNGSFKENSQYQPIKLQGTLPVEARENSLYLTAFTVIGIRKAFD
ICPLVKIDTALIKADNFLLENTLPAQSTFTLAISAYALSLGDKTHPQFRSIVSALKREALVKGNPPIYRFWKDNLQHKDS
SVPNTGTARMVETTAYALLTSLNLKDINYVNPVIKWLSEEQRYGGGFYSTQDTINAIEGLTEYSLLVKQLRLSMDIDVSY
KHKGALHNYKMTDKNFLGRPVEVLLNDDLIVSTGFGSGLATVHVTTVVHKTSTSEEVCSFYLKIDTQDIEASHYRGYGNS
DYKRIVACASYKPSREESSSGSSHAVMDISLPTGISANEEDLKALVEGVDQLFTDYQIKDGHVILQLNSIPSSDFLCVRF
RIFELFEVGFLSPATFTVYEYHRPDKQCTMFYSTSNIKIQKVCEGAACKCVEADCGQMQEELDLTISAETRKQTACKPEI
AYAYKVSITSITVENVFVKYKATLLDIYKTGEAVAEKDSEITFIKKVTCTNAELVKGRQYLIMGKEALQIKYNFSFRYIY
PLDSLTWIEYWPRDTTCSSCQAFLANLDEFAEDIFLNGC
;
B
4 'polypeptide(L)'
;MEVQLVESGGGLVQAGGSLRLSCAASGFTFDDYAIGWFRQAPGKEREGVSCISTSDGSTYYADSVKGRFTISSDNAKNTV
YLQMNSLKPEDTAVYYCAADPYLPIRGRGIESTDFGSWGQGTQVTVSSAAASGSLEQKLISEEDLNGAAHHHHHHGAA
;
C
#
loop_
_chem_comp.id
_chem_comp.type
_chem_comp.name
_chem_comp.formula
NAG D-saccharide, beta linking 2-acetamido-2-deoxy-beta-D-glucopyranose 'C8 H15 N O6'
#
# COMPACT_ATOMS: atom_id res chain seq x y z
N GLU A 2 14.76 3.56 -40.24
CA GLU A 2 16.05 4.18 -40.50
C GLU A 2 16.14 5.54 -39.81
N VAL A 3 16.68 5.54 -38.59
CA VAL A 3 16.79 6.76 -37.79
C VAL A 3 17.89 7.61 -38.43
N GLN A 4 17.51 8.75 -39.00
CA GLN A 4 18.44 9.67 -39.64
C GLN A 4 18.22 11.07 -39.08
N LEU A 5 19.27 11.89 -39.16
CA LEU A 5 19.32 13.22 -38.57
C LEU A 5 19.64 14.26 -39.63
N VAL A 6 18.87 14.23 -40.73
CA VAL A 6 19.10 15.14 -41.85
C VAL A 6 19.13 16.57 -41.35
N GLU A 7 20.19 17.30 -41.72
CA GLU A 7 20.43 18.63 -41.19
C GLU A 7 19.60 19.68 -41.93
N SER A 8 19.25 20.74 -41.20
CA SER A 8 18.53 21.87 -41.77
C SER A 8 19.13 23.16 -41.22
N GLY A 9 19.30 24.14 -42.10
CA GLY A 9 19.87 25.42 -41.72
C GLY A 9 21.32 25.54 -42.15
N GLY A 10 21.77 26.76 -42.39
CA GLY A 10 23.12 27.02 -42.83
C GLY A 10 23.18 27.42 -44.29
N GLY A 11 24.27 28.08 -44.65
CA GLY A 11 24.48 28.54 -46.01
C GLY A 11 25.64 29.49 -46.17
N LEU A 12 25.42 30.59 -46.87
CA LEU A 12 26.45 31.60 -47.11
C LEU A 12 26.28 32.75 -46.13
N VAL A 13 27.41 33.28 -45.64
CA VAL A 13 27.38 34.33 -44.65
C VAL A 13 28.66 35.17 -44.77
N GLN A 14 28.55 36.46 -44.42
CA GLN A 14 29.53 37.52 -44.32
C GLN A 14 30.14 37.54 -42.93
N PRO A 15 31.43 37.90 -42.80
CA PRO A 15 32.01 38.09 -41.46
C PRO A 15 31.20 39.07 -40.63
N GLY A 16 30.69 38.61 -39.49
CA GLY A 16 29.75 39.40 -38.72
C GLY A 16 28.31 39.31 -39.18
N GLY A 17 27.98 38.29 -39.98
CA GLY A 17 26.63 38.13 -40.48
C GLY A 17 25.69 37.48 -39.47
N SER A 18 24.91 36.49 -39.91
CA SER A 18 24.03 35.76 -39.03
C SER A 18 23.59 34.47 -39.71
N LEU A 19 23.29 33.47 -38.89
CA LEU A 19 22.83 32.17 -39.39
C LEU A 19 22.20 31.41 -38.23
N ARG A 20 21.51 30.31 -38.58
CA ARG A 20 20.86 29.47 -37.59
C ARG A 20 20.54 28.13 -38.22
N LEU A 21 20.74 27.06 -37.46
CA LEU A 21 20.45 25.69 -37.91
C LEU A 21 19.43 25.06 -36.99
N SER A 22 18.58 24.23 -37.58
CA SER A 22 17.59 23.44 -36.86
C SER A 22 17.78 21.98 -37.27
N CYS A 23 18.64 21.26 -36.54
CA CYS A 23 18.80 19.83 -36.75
C CYS A 23 17.45 19.13 -36.52
N ALA A 24 16.87 18.58 -37.58
CA ALA A 24 15.53 18.01 -37.54
C ALA A 24 15.63 16.49 -37.63
N ALA A 25 14.96 15.81 -36.71
CA ALA A 25 14.95 14.36 -36.71
C ALA A 25 14.18 13.82 -37.91
N SER A 26 14.58 12.64 -38.36
CA SER A 26 13.98 11.97 -39.52
C SER A 26 13.72 10.51 -39.21
N GLY A 27 13.13 10.25 -38.03
CA GLY A 27 12.86 8.88 -37.65
C GLY A 27 12.34 8.71 -36.23
N ARG A 28 12.91 7.75 -35.51
CA ARG A 28 12.44 7.42 -34.17
C ARG A 28 12.64 8.59 -33.22
N THR A 29 11.71 8.71 -32.27
CA THR A 29 11.67 9.85 -31.35
C THR A 29 12.97 9.99 -30.58
N PHE A 30 13.22 11.22 -30.11
CA PHE A 30 14.49 11.58 -29.49
C PHE A 30 14.30 12.41 -28.22
N SER A 31 13.26 12.13 -27.43
CA SER A 31 12.86 13.04 -26.37
C SER A 31 13.93 13.17 -25.29
N THR A 32 14.43 12.06 -24.78
CA THR A 32 15.29 12.08 -23.61
C THR A 32 16.78 11.99 -23.95
N ASN A 33 17.11 11.74 -25.22
CA ASN A 33 18.50 11.53 -25.61
C ASN A 33 19.21 12.86 -25.80
N THR A 34 20.38 12.99 -25.18
CA THR A 34 21.17 14.22 -25.27
C THR A 34 21.62 14.46 -26.70
N MET A 35 21.51 15.72 -27.15
CA MET A 35 21.94 16.12 -28.48
C MET A 35 22.81 17.37 -28.40
N GLY A 36 23.77 17.46 -29.31
CA GLY A 36 24.72 18.57 -29.34
C GLY A 36 25.27 18.86 -30.72
N TRP A 37 26.32 19.69 -30.79
CA TRP A 37 26.89 20.13 -32.05
C TRP A 37 28.41 20.01 -32.05
N PHE A 38 28.96 19.74 -33.22
CA PHE A 38 30.39 19.59 -33.43
C PHE A 38 30.88 20.63 -34.44
N ARG A 39 32.20 20.66 -34.64
CA ARG A 39 32.83 21.52 -35.63
C ARG A 39 33.72 20.68 -36.53
N GLN A 40 33.70 21.00 -37.82
CA GLN A 40 34.34 20.20 -38.85
C GLN A 40 35.26 21.06 -39.72
N ALA A 41 36.15 21.81 -39.07
CA ALA A 41 37.15 22.64 -39.75
C ALA A 41 37.81 21.86 -40.88
N PRO A 42 37.91 22.44 -42.07
CA PRO A 42 38.42 21.68 -43.23
C PRO A 42 39.82 21.15 -43.00
N GLY A 43 40.07 19.96 -43.49
CA GLY A 43 41.33 19.25 -43.25
C GLY A 43 41.27 18.39 -42.00
N GLN A 44 40.80 18.97 -40.90
CA GLN A 44 40.62 18.23 -39.65
C GLN A 44 39.25 17.55 -39.67
N GLU A 45 38.80 17.05 -38.53
CA GLU A 45 37.55 16.28 -38.52
C GLU A 45 36.69 16.81 -37.36
N ARG A 46 35.59 16.14 -37.03
CA ARG A 46 34.61 16.67 -36.10
C ARG A 46 35.22 17.02 -34.75
N GLU A 47 34.83 18.17 -34.20
CA GLU A 47 35.30 18.62 -32.89
C GLU A 47 34.13 19.20 -32.11
N PHE A 48 34.06 18.85 -30.83
CA PHE A 48 32.93 19.23 -29.98
C PHE A 48 32.78 20.73 -29.89
N VAL A 49 31.52 21.20 -29.81
CA VAL A 49 31.23 22.63 -29.68
C VAL A 49 30.34 22.87 -28.48
N ALA A 50 29.18 22.22 -28.45
CA ALA A 50 28.24 22.41 -27.35
C ALA A 50 27.26 21.23 -27.32
N LEU A 51 26.66 21.04 -26.15
CA LEU A 51 25.65 20.01 -25.99
C LEU A 51 24.63 20.45 -24.94
N ILE A 52 23.43 19.88 -25.05
CA ILE A 52 22.36 20.11 -24.09
C ILE A 52 21.62 18.79 -23.90
N SER A 53 21.23 18.51 -22.66
CA SER A 53 20.66 17.22 -22.30
C SER A 53 19.24 17.10 -22.84
N GLY A 54 18.58 15.98 -22.50
CA GLY A 54 17.21 15.74 -22.92
C GLY A 54 16.15 16.47 -22.15
N ASN A 55 16.53 17.14 -21.06
CA ASN A 55 15.61 17.97 -20.29
C ASN A 55 15.86 19.46 -20.50
N GLY A 56 17.09 19.85 -20.82
CA GLY A 56 17.44 21.24 -21.01
C GLY A 56 18.12 21.88 -19.83
N ARG A 57 18.17 21.22 -18.67
CA ARG A 57 18.77 21.80 -17.48
C ARG A 57 20.29 21.69 -17.47
N ILE A 58 20.87 20.84 -18.32
CA ILE A 58 22.30 20.64 -18.37
C ILE A 58 22.81 21.09 -19.73
N LEU A 59 23.78 22.00 -19.72
CA LEU A 59 24.40 22.51 -20.93
C LEU A 59 25.91 22.46 -20.79
N ASP A 60 26.59 22.37 -21.94
CA ASP A 60 28.04 22.39 -21.96
C ASP A 60 28.49 23.11 -23.22
N TYR A 61 29.46 24.02 -23.06
CA TYR A 61 29.99 24.80 -24.16
C TYR A 61 31.49 24.59 -24.25
N SER A 62 31.99 24.36 -25.47
CA SER A 62 33.42 24.27 -25.68
C SER A 62 34.07 25.63 -25.45
N ASP A 63 35.35 25.61 -25.10
CA ASP A 63 36.05 26.85 -24.77
C ASP A 63 36.12 27.79 -25.97
N SER A 64 36.35 27.25 -27.16
CA SER A 64 36.43 28.08 -28.36
C SER A 64 35.11 28.80 -28.60
N ALA A 65 34.03 28.04 -28.83
CA ALA A 65 32.70 28.61 -28.98
C ALA A 65 32.05 28.65 -27.60
N LYS A 66 32.25 29.77 -26.90
CA LYS A 66 31.83 29.90 -25.51
C LYS A 66 30.32 29.97 -25.34
N GLY A 67 29.56 30.01 -26.43
CA GLY A 67 28.13 30.16 -26.32
C GLY A 67 27.60 31.29 -27.17
N ARG A 68 28.38 31.70 -28.16
CA ARG A 68 27.95 32.69 -29.13
C ARG A 68 26.91 32.14 -30.10
N PHE A 69 26.64 30.84 -30.04
CA PHE A 69 25.59 30.17 -30.80
C PHE A 69 24.64 29.45 -29.85
N THR A 70 24.14 30.19 -28.85
CA THR A 70 23.36 29.66 -27.74
C THR A 70 22.40 28.56 -28.16
N ILE A 71 22.45 27.44 -27.46
CA ILE A 71 21.82 26.19 -27.88
C ILE A 71 20.46 26.04 -27.23
N SER A 72 19.49 25.52 -27.99
CA SER A 72 18.20 25.14 -27.44
C SER A 72 17.67 23.95 -28.22
N ARG A 73 16.55 23.41 -27.78
CA ARG A 73 15.94 22.29 -28.48
C ARG A 73 14.46 22.22 -28.16
N ASP A 74 13.69 21.72 -29.14
CA ASP A 74 12.25 21.54 -29.02
C ASP A 74 11.94 20.06 -29.18
N ASN A 75 11.12 19.54 -28.27
CA ASN A 75 10.76 18.12 -28.26
C ASN A 75 9.49 17.81 -29.05
N ALA A 76 8.68 18.83 -29.37
CA ALA A 76 7.46 18.58 -30.14
C ALA A 76 7.79 18.08 -31.54
N LYS A 77 8.80 18.66 -32.17
CA LYS A 77 9.21 18.27 -33.51
C LYS A 77 10.56 17.56 -33.53
N ASN A 78 11.15 17.32 -32.36
CA ASN A 78 12.46 16.68 -32.23
C ASN A 78 13.51 17.44 -33.04
N THR A 79 13.72 18.70 -32.64
CA THR A 79 14.59 19.60 -33.39
C THR A 79 15.54 20.29 -32.42
N VAL A 80 16.74 20.60 -32.91
CA VAL A 80 17.77 21.24 -32.10
C VAL A 80 18.17 22.54 -32.80
N TYR A 81 18.06 23.65 -32.07
CA TYR A 81 18.31 24.99 -32.62
C TYR A 81 19.67 25.48 -32.14
N LEU A 82 20.54 25.82 -33.10
CA LEU A 82 21.81 26.49 -32.83
C LEU A 82 21.85 27.77 -33.65
N GLN A 83 21.96 28.92 -32.98
CA GLN A 83 21.78 30.22 -33.61
C GLN A 83 23.15 30.91 -33.71
N MET A 84 23.81 30.76 -34.87
CA MET A 84 25.10 31.39 -35.09
C MET A 84 24.89 32.79 -35.68
N ASN A 85 24.76 33.77 -34.78
CA ASN A 85 24.77 35.15 -35.23
C ASN A 85 26.19 35.64 -35.46
N SER A 86 27.02 35.59 -34.42
CA SER A 86 28.42 35.98 -34.56
C SER A 86 29.17 34.96 -35.41
N LEU A 87 29.74 35.42 -36.53
CA LEU A 87 30.46 34.55 -37.44
C LEU A 87 31.68 35.26 -37.99
N LYS A 88 32.74 34.49 -38.22
CA LYS A 88 34.01 34.96 -38.77
C LYS A 88 34.54 33.93 -39.77
N PRO A 89 35.46 34.30 -40.66
CA PRO A 89 35.94 33.32 -41.65
C PRO A 89 36.88 32.29 -41.05
N GLU A 90 36.48 31.69 -39.93
CA GLU A 90 37.19 30.54 -39.36
C GLU A 90 36.25 29.48 -38.82
N ASP A 91 34.93 29.66 -38.98
CA ASP A 91 33.94 28.67 -38.58
C ASP A 91 33.51 27.79 -39.75
N THR A 92 34.28 27.77 -40.82
CA THR A 92 33.97 26.94 -41.97
C THR A 92 34.06 25.47 -41.61
N GLY A 93 33.19 24.67 -42.25
CA GLY A 93 33.16 23.24 -41.99
C GLY A 93 31.76 22.69 -41.92
N VAL A 94 31.60 21.42 -42.32
CA VAL A 94 30.29 20.79 -42.35
C VAL A 94 29.85 20.47 -40.92
N TYR A 95 29.00 21.34 -40.36
CA TYR A 95 28.61 21.20 -38.96
C TYR A 95 27.79 19.94 -38.76
N PHE A 96 27.90 19.37 -37.55
CA PHE A 96 27.32 18.07 -37.25
C PHE A 96 26.48 18.15 -35.98
N CYS A 97 25.27 17.59 -36.04
CA CYS A 97 24.42 17.40 -34.89
C CYS A 97 24.33 15.92 -34.57
N ALA A 98 24.28 15.59 -33.28
CA ALA A 98 24.51 14.22 -32.84
C ALA A 98 23.30 13.66 -32.10
N ALA A 99 23.24 12.34 -32.09
CA ALA A 99 22.24 11.55 -31.36
C ALA A 99 22.65 11.42 -29.91
N GLU A 100 22.02 10.50 -29.16
CA GLU A 100 22.44 10.24 -27.78
C GLU A 100 23.95 10.03 -27.74
N PHE A 101 24.58 10.64 -26.74
CA PHE A 101 26.00 10.96 -26.84
C PHE A 101 26.91 9.78 -26.47
N ARG A 102 26.55 9.02 -25.44
CA ARG A 102 27.40 7.93 -24.95
C ARG A 102 28.80 8.47 -24.63
N GLY A 103 28.81 9.34 -23.64
CA GLY A 103 30.01 10.11 -23.32
C GLY A 103 29.88 11.54 -23.80
N ARG A 104 30.93 12.07 -24.43
CA ARG A 104 30.87 13.42 -24.99
C ARG A 104 31.04 13.40 -26.51
N THR A 105 32.09 12.75 -26.98
CA THR A 105 32.32 12.67 -28.42
C THR A 105 31.71 11.41 -29.00
N LEU A 106 32.05 11.09 -30.25
CA LEU A 106 31.62 9.88 -30.95
C LEU A 106 30.12 9.89 -31.25
N ALA A 107 29.28 9.68 -30.23
CA ALA A 107 27.82 9.63 -30.37
C ALA A 107 27.38 8.43 -31.21
N SER A 108 26.08 8.12 -31.17
CA SER A 108 25.59 6.88 -31.78
C SER A 108 25.16 7.07 -33.24
N TYR A 109 24.16 7.91 -33.47
CA TYR A 109 23.67 8.16 -34.83
C TYR A 109 24.27 9.44 -35.36
N TRP A 110 24.53 9.46 -36.67
CA TRP A 110 25.20 10.59 -37.30
C TRP A 110 24.44 11.02 -38.55
N GLY A 111 24.51 12.32 -38.83
CA GLY A 111 23.93 12.90 -40.02
C GLY A 111 25.01 13.28 -41.03
N GLN A 112 24.57 13.51 -42.26
CA GLN A 112 25.49 13.87 -43.35
C GLN A 112 26.09 15.25 -43.18
N GLY A 113 25.49 16.10 -42.36
CA GLY A 113 26.00 17.45 -42.15
C GLY A 113 25.55 18.41 -43.23
N THR A 114 25.72 19.70 -42.93
CA THR A 114 25.42 20.77 -43.87
C THR A 114 26.59 21.72 -43.95
N GLN A 115 26.82 22.28 -45.13
CA GLN A 115 27.97 23.12 -45.39
C GLN A 115 27.64 24.57 -45.07
N VAL A 116 28.47 25.19 -44.23
CA VAL A 116 28.37 26.61 -43.91
C VAL A 116 29.69 27.27 -44.30
N THR A 117 29.61 28.30 -45.14
CA THR A 117 30.79 29.00 -45.65
C THR A 117 30.71 30.45 -45.25
N VAL A 118 31.77 30.96 -44.61
CA VAL A 118 31.85 32.37 -44.22
C VAL A 118 32.66 33.06 -45.32
N SER A 119 31.96 33.53 -46.35
CA SER A 119 32.60 34.21 -47.45
C SER A 119 32.89 35.66 -47.08
N SER A 120 34.14 36.09 -47.32
CA SER A 120 34.54 37.45 -46.98
C SER A 120 34.09 38.48 -48.00
N ALA A 121 33.52 38.04 -49.13
CA ALA A 121 33.05 38.97 -50.15
C ALA A 121 31.84 39.75 -49.69
N GLU B 2 -31.11 63.50 1.26
CA GLU B 2 -29.89 62.72 1.19
C GLU B 2 -30.13 61.37 0.54
N GLN B 3 -29.25 61.02 -0.40
CA GLN B 3 -29.33 59.77 -1.13
C GLN B 3 -28.02 59.01 -0.99
N THR B 4 -28.12 57.69 -0.90
CA THR B 4 -26.95 56.85 -0.67
C THR B 4 -27.02 55.61 -1.55
N TYR B 5 -25.85 55.05 -1.84
CA TYR B 5 -25.73 53.80 -2.58
C TYR B 5 -24.85 52.85 -1.79
N VAL B 6 -25.11 51.55 -1.92
CA VAL B 6 -24.32 50.51 -1.28
C VAL B 6 -24.01 49.45 -2.32
N ILE B 7 -22.72 49.20 -2.54
CA ILE B 7 -22.27 48.10 -3.37
C ILE B 7 -21.68 47.04 -2.46
N SER B 8 -22.20 45.83 -2.52
CA SER B 8 -21.74 44.73 -1.68
C SER B 8 -21.13 43.64 -2.57
N ALA B 9 -19.96 43.16 -2.20
CA ALA B 9 -19.24 42.16 -2.97
C ALA B 9 -18.52 41.22 -2.02
N PRO B 10 -18.22 40.00 -2.46
CA PRO B 10 -17.42 39.10 -1.63
C PRO B 10 -16.03 39.66 -1.38
N LYS B 11 -15.46 39.28 -0.23
CA LYS B 11 -14.18 39.85 0.20
C LYS B 11 -13.06 39.55 -0.78
N ILE B 12 -13.00 38.30 -1.28
CA ILE B 12 -11.95 37.87 -2.19
C ILE B 12 -12.60 37.34 -3.46
N PHE B 13 -12.17 37.86 -4.61
CA PHE B 13 -12.66 37.39 -5.89
C PHE B 13 -11.97 36.07 -6.24
N ARG B 14 -12.74 35.13 -6.78
CA ARG B 14 -12.21 33.85 -7.22
C ARG B 14 -12.13 33.85 -8.75
N VAL B 15 -10.97 33.46 -9.27
CA VAL B 15 -10.79 33.43 -10.71
C VAL B 15 -11.65 32.32 -11.32
N GLY B 16 -12.36 32.64 -12.39
CA GLY B 16 -13.21 31.68 -13.05
C GLY B 16 -14.52 31.38 -12.36
N ALA B 17 -14.83 32.07 -11.27
CA ALA B 17 -16.07 31.86 -10.54
C ALA B 17 -17.01 33.04 -10.74
N SER B 18 -18.31 32.76 -10.68
CA SER B 18 -19.34 33.78 -10.87
C SER B 18 -19.61 34.45 -9.53
N GLU B 19 -19.13 35.68 -9.38
CA GLU B 19 -19.33 36.43 -8.15
C GLU B 19 -20.51 37.38 -8.30
N ASN B 20 -21.36 37.43 -7.27
CA ASN B 20 -22.57 38.22 -7.28
C ASN B 20 -22.32 39.55 -6.59
N ILE B 21 -22.40 40.64 -7.34
CA ILE B 21 -22.21 41.99 -6.83
C ILE B 21 -23.58 42.64 -6.74
N VAL B 22 -23.94 43.10 -5.54
CA VAL B 22 -25.28 43.61 -5.27
C VAL B 22 -25.22 45.13 -5.14
N ILE B 23 -26.04 45.83 -5.92
CA ILE B 23 -26.11 47.29 -5.87
C ILE B 23 -27.49 47.67 -5.35
N GLN B 24 -27.52 48.43 -4.26
CA GLN B 24 -28.77 48.89 -3.66
C GLN B 24 -28.66 50.37 -3.40
N VAL B 25 -29.54 51.15 -4.02
CA VAL B 25 -29.52 52.61 -3.88
C VAL B 25 -30.81 53.03 -3.20
N TYR B 26 -30.70 53.92 -2.22
CA TYR B 26 -31.85 54.43 -1.47
C TYR B 26 -31.84 55.95 -1.50
N GLY B 27 -33.02 56.53 -1.65
CA GLY B 27 -33.17 57.97 -1.70
C GLY B 27 -33.33 58.57 -3.08
N TYR B 28 -33.53 57.74 -4.11
CA TYR B 28 -33.65 58.21 -5.48
C TYR B 28 -35.06 57.99 -5.99
N THR B 29 -35.34 58.58 -7.15
CA THR B 29 -36.64 58.48 -7.79
C THR B 29 -36.45 58.19 -9.28
N GLU B 30 -37.54 57.82 -9.94
CA GLU B 30 -37.57 57.50 -11.37
C GLU B 30 -36.65 56.30 -11.60
N ALA B 31 -35.79 56.32 -12.62
CA ALA B 31 -34.97 55.16 -12.94
C ALA B 31 -33.67 55.63 -13.58
N PHE B 32 -32.66 54.78 -13.52
CA PHE B 32 -31.39 55.04 -14.20
C PHE B 32 -30.58 53.75 -14.27
N ASP B 33 -29.59 53.75 -15.14
CA ASP B 33 -28.74 52.60 -15.37
C ASP B 33 -27.36 52.81 -14.75
N ALA B 34 -26.70 51.69 -14.42
CA ALA B 34 -25.38 51.72 -13.82
C ALA B 34 -24.59 50.52 -14.29
N THR B 35 -23.30 50.71 -14.51
CA THR B 35 -22.40 49.66 -14.97
C THR B 35 -21.41 49.31 -13.88
N ILE B 36 -21.31 48.02 -13.57
CA ILE B 36 -20.34 47.52 -12.60
C ILE B 36 -19.34 46.68 -13.39
N SER B 37 -18.10 47.17 -13.46
CA SER B 37 -17.06 46.55 -14.27
C SER B 37 -15.87 46.19 -13.40
N ILE B 38 -14.97 45.38 -13.96
CA ILE B 38 -13.78 44.93 -13.25
C ILE B 38 -12.55 45.19 -14.13
N LYS B 39 -11.55 45.86 -13.56
CA LYS B 39 -10.38 46.32 -14.32
C LYS B 39 -9.07 45.93 -13.65
N SER B 40 -7.95 46.22 -14.33
CA SER B 40 -6.63 45.85 -13.87
C SER B 40 -6.12 46.86 -12.85
N TYR B 41 -5.06 46.49 -12.13
CA TYR B 41 -4.55 47.38 -11.04
C TYR B 41 -3.80 48.58 -11.62
N PRO B 42 -2.71 48.41 -12.41
CA PRO B 42 -1.92 49.54 -12.90
C PRO B 42 -2.77 50.62 -13.57
N ASP B 43 -3.06 50.46 -14.86
CA ASP B 43 -3.93 51.43 -15.58
C ASP B 43 -5.32 50.80 -15.74
N LYS B 44 -6.36 51.64 -15.76
CA LYS B 44 -7.71 51.12 -15.93
C LYS B 44 -7.95 50.74 -17.39
N LYS B 45 -6.97 50.09 -18.00
CA LYS B 45 -7.05 49.75 -19.42
C LYS B 45 -7.81 48.44 -19.65
N PHE B 46 -7.31 47.34 -19.07
CA PHE B 46 -7.95 46.04 -19.24
C PHE B 46 -9.25 45.99 -18.45
N SER B 47 -10.32 45.56 -19.13
CA SER B 47 -11.62 45.37 -18.49
C SER B 47 -11.99 43.89 -18.63
N TYR B 48 -11.80 43.13 -17.55
CA TYR B 48 -12.05 41.70 -17.60
C TYR B 48 -13.52 41.40 -17.92
N SER B 49 -14.44 42.11 -17.30
CA SER B 49 -15.85 41.95 -17.58
C SER B 49 -16.62 43.15 -17.03
N SER B 50 -17.90 43.20 -17.38
CA SER B 50 -18.77 44.29 -16.96
C SER B 50 -20.21 43.79 -16.92
N GLY B 51 -21.04 44.53 -16.20
CA GLY B 51 -22.45 44.22 -16.12
C GLY B 51 -23.30 45.49 -16.07
N HIS B 52 -24.38 45.51 -16.84
CA HIS B 52 -25.27 46.66 -16.95
C HIS B 52 -26.56 46.35 -16.21
N VAL B 53 -26.90 47.18 -15.23
CA VAL B 53 -28.10 46.97 -14.42
C VAL B 53 -28.91 48.26 -14.43
N HIS B 54 -30.23 48.13 -14.48
CA HIS B 54 -31.14 49.27 -14.47
C HIS B 54 -31.98 49.25 -13.21
N LEU B 55 -31.95 50.36 -12.46
CA LEU B 55 -32.72 50.50 -11.23
C LEU B 55 -33.92 51.39 -11.49
N SER B 56 -35.09 50.90 -11.07
CA SER B 56 -36.35 51.61 -11.23
C SER B 56 -37.21 51.34 -10.00
N SER B 57 -38.47 51.79 -10.04
CA SER B 57 -39.35 51.59 -8.91
C SER B 57 -39.82 50.15 -8.80
N GLU B 58 -40.18 49.53 -9.92
CA GLU B 58 -40.64 48.15 -9.90
C GLU B 58 -39.54 47.19 -9.48
N ASN B 59 -38.28 47.57 -9.65
CA ASN B 59 -37.16 46.75 -9.19
C ASN B 59 -36.82 47.00 -7.72
N LYS B 60 -37.54 47.91 -7.05
CA LYS B 60 -37.28 48.29 -5.67
C LYS B 60 -35.88 48.87 -5.48
N PHE B 61 -35.27 49.34 -6.58
CA PHE B 61 -33.94 49.94 -6.56
C PHE B 61 -32.89 48.98 -6.04
N GLN B 62 -33.15 47.68 -6.19
CA GLN B 62 -32.20 46.62 -5.91
C GLN B 62 -31.79 45.99 -7.23
N ASN B 63 -30.50 45.66 -7.37
CA ASN B 63 -30.10 44.93 -8.57
C ASN B 63 -28.85 44.12 -8.28
N SER B 64 -28.62 43.12 -9.12
CA SER B 64 -27.51 42.21 -8.98
C SER B 64 -26.79 42.06 -10.31
N ALA B 65 -25.49 41.83 -10.24
CA ALA B 65 -24.67 41.55 -11.41
C ALA B 65 -23.83 40.31 -11.13
N ILE B 66 -23.56 39.53 -12.16
CA ILE B 66 -22.77 38.31 -12.05
C ILE B 66 -21.49 38.54 -12.85
N LEU B 67 -20.39 38.77 -12.15
CA LEU B 67 -19.11 39.02 -12.79
C LEU B 67 -18.24 37.77 -12.77
N THR B 68 -17.35 37.68 -13.74
CA THR B 68 -16.46 36.53 -13.86
C THR B 68 -15.11 36.98 -14.40
N ILE B 69 -14.06 36.39 -13.87
CA ILE B 69 -12.70 36.62 -14.35
C ILE B 69 -12.32 35.38 -15.17
N GLN B 70 -12.34 35.51 -16.49
CA GLN B 70 -11.94 34.40 -17.34
C GLN B 70 -10.47 34.11 -17.07
N PRO B 71 -10.11 32.87 -16.70
CA PRO B 71 -8.71 32.61 -16.30
C PRO B 71 -7.71 32.83 -17.42
N LYS B 72 -8.14 32.79 -18.67
CA LYS B 72 -7.24 33.05 -19.79
C LYS B 72 -6.98 34.54 -20.01
N GLN B 73 -7.84 35.41 -19.50
CA GLN B 73 -7.68 36.85 -19.71
C GLN B 73 -6.60 37.46 -18.84
N LEU B 74 -6.12 36.76 -17.81
CA LEU B 74 -5.00 37.24 -17.04
C LEU B 74 -3.72 37.13 -17.87
N PRO B 75 -2.68 37.90 -17.51
CA PRO B 75 -1.43 37.84 -18.27
C PRO B 75 -0.86 36.43 -18.32
N GLY B 76 -0.29 36.08 -19.47
CA GLY B 76 0.20 34.73 -19.69
C GLY B 76 1.41 34.35 -18.87
N GLY B 77 2.10 35.33 -18.30
CA GLY B 77 3.24 35.03 -17.46
C GLY B 77 2.82 34.31 -16.19
N GLN B 78 3.73 33.48 -15.68
CA GLN B 78 3.46 32.70 -14.48
C GLN B 78 3.41 33.54 -13.21
N ASN B 79 3.81 34.81 -13.28
CA ASN B 79 3.70 35.68 -12.12
C ASN B 79 2.23 36.05 -11.89
N PRO B 80 1.65 35.70 -10.75
CA PRO B 80 0.23 35.99 -10.53
C PRO B 80 -0.03 37.48 -10.39
N VAL B 81 -1.24 37.88 -10.78
CA VAL B 81 -1.73 39.22 -10.52
C VAL B 81 -2.46 39.18 -9.17
N SER B 82 -2.06 40.06 -8.25
CA SER B 82 -2.52 39.96 -6.87
C SER B 82 -3.67 40.89 -6.52
N TYR B 83 -3.85 41.98 -7.27
CA TYR B 83 -4.89 42.95 -6.97
C TYR B 83 -5.67 43.27 -8.23
N VAL B 84 -6.93 43.63 -8.05
CA VAL B 84 -7.85 43.89 -9.15
C VAL B 84 -8.82 45.00 -8.74
N TYR B 85 -9.11 45.92 -9.67
CA TYR B 85 -10.01 47.02 -9.37
C TYR B 85 -11.45 46.65 -9.71
N LEU B 86 -12.37 47.06 -8.85
CA LEU B 86 -13.80 46.95 -9.10
C LEU B 86 -14.37 48.37 -9.20
N GLU B 87 -15.05 48.67 -10.30
CA GLU B 87 -15.53 50.02 -10.56
C GLU B 87 -17.04 50.01 -10.74
N VAL B 88 -17.70 51.02 -10.18
CA VAL B 88 -19.12 51.27 -10.40
C VAL B 88 -19.26 52.65 -11.01
N VAL B 89 -19.97 52.74 -12.14
CA VAL B 89 -20.16 53.99 -12.85
C VAL B 89 -21.66 54.18 -13.06
N SER B 90 -22.15 55.37 -12.70
CA SER B 90 -23.57 55.67 -12.82
C SER B 90 -23.74 57.12 -13.24
N LYS B 91 -25.00 57.49 -13.52
CA LYS B 91 -25.31 58.85 -13.89
C LYS B 91 -25.08 59.83 -12.74
N HIS B 92 -25.26 59.37 -11.50
CA HIS B 92 -25.16 60.24 -10.33
C HIS B 92 -23.87 60.08 -9.56
N PHE B 93 -23.23 58.92 -9.61
CA PHE B 93 -22.05 58.66 -8.79
C PHE B 93 -21.08 57.75 -9.54
N SER B 94 -19.85 57.71 -9.07
CA SER B 94 -18.82 56.83 -9.60
C SER B 94 -17.83 56.50 -8.50
N LYS B 95 -17.44 55.23 -8.40
CA LYS B 95 -16.55 54.80 -7.34
C LYS B 95 -15.69 53.64 -7.83
N SER B 96 -14.55 53.46 -7.16
CA SER B 96 -13.64 52.37 -7.46
C SER B 96 -13.08 51.82 -6.16
N LYS B 97 -12.73 50.53 -6.19
CA LYS B 97 -12.20 49.83 -5.03
C LYS B 97 -11.12 48.86 -5.49
N ARG B 98 -10.21 48.54 -4.58
CA ARG B 98 -9.14 47.58 -4.82
C ARG B 98 -9.47 46.29 -4.05
N MET B 99 -9.33 45.15 -4.73
CA MET B 99 -9.76 43.89 -4.16
C MET B 99 -8.69 42.84 -4.43
N PRO B 100 -8.26 42.09 -3.42
CA PRO B 100 -7.36 40.96 -3.67
C PRO B 100 -8.11 39.81 -4.32
N ILE B 101 -7.36 38.99 -5.06
CA ILE B 101 -7.91 37.78 -5.67
C ILE B 101 -7.04 36.60 -5.28
N THR B 102 -7.65 35.42 -5.29
CA THR B 102 -6.95 34.18 -5.01
C THR B 102 -7.37 33.15 -6.04
N TYR B 103 -6.47 32.19 -6.29
CA TYR B 103 -6.68 31.20 -7.34
C TYR B 103 -7.31 29.91 -6.85
N ASP B 104 -7.49 29.74 -5.54
CA ASP B 104 -8.10 28.53 -5.00
C ASP B 104 -9.58 28.54 -5.38
N ASN B 105 -9.95 27.75 -6.38
CA ASN B 105 -11.28 27.77 -6.95
C ASN B 105 -12.10 26.53 -6.62
N GLY B 106 -11.53 25.34 -6.71
CA GLY B 106 -12.25 24.10 -6.55
C GLY B 106 -11.89 23.34 -5.29
N PHE B 107 -12.45 22.14 -5.20
CA PHE B 107 -12.18 21.21 -4.12
C PHE B 107 -11.73 19.89 -4.72
N LEU B 108 -10.66 19.31 -4.17
CA LEU B 108 -10.10 18.05 -4.64
C LEU B 108 -10.12 17.06 -3.48
N PHE B 109 -11.02 16.09 -3.55
CA PHE B 109 -11.12 15.04 -2.54
C PHE B 109 -10.52 13.75 -3.10
N ILE B 110 -9.59 13.18 -2.36
CA ILE B 110 -8.89 11.96 -2.78
C ILE B 110 -9.42 10.81 -1.93
N HIS B 111 -10.10 9.87 -2.57
CA HIS B 111 -10.69 8.72 -1.88
C HIS B 111 -9.87 7.47 -2.20
N THR B 112 -9.27 6.88 -1.17
CA THR B 112 -8.60 5.60 -1.27
C THR B 112 -9.37 4.56 -0.47
N ASP B 113 -9.37 3.32 -0.98
CA ASP B 113 -10.27 2.30 -0.45
C ASP B 113 -9.97 1.98 1.01
N LYS B 114 -8.70 1.84 1.36
CA LYS B 114 -8.33 1.40 2.71
C LYS B 114 -7.27 2.31 3.28
N PRO B 115 -7.19 2.40 4.61
CA PRO B 115 -6.14 3.22 5.23
C PRO B 115 -4.86 2.44 5.52
N VAL B 116 -4.92 1.12 5.50
CA VAL B 116 -3.79 0.26 5.79
C VAL B 116 -3.59 -0.73 4.66
N TYR B 117 -2.34 -0.91 4.22
CA TYR B 117 -2.02 -1.85 3.16
C TYR B 117 -0.84 -2.72 3.58
N THR B 118 -0.63 -3.77 2.82
CA THR B 118 0.46 -4.73 2.97
C THR B 118 1.13 -4.91 1.62
N PRO B 119 2.37 -5.42 1.60
CA PRO B 119 3.07 -5.57 0.31
C PRO B 119 2.30 -6.45 -0.66
N ASP B 120 2.47 -6.13 -1.96
CA ASP B 120 1.81 -6.83 -3.06
C ASP B 120 0.30 -6.61 -3.06
N GLN B 121 -0.11 -5.40 -2.72
CA GLN B 121 -1.51 -5.03 -2.77
C GLN B 121 -1.70 -3.84 -3.69
N SER B 122 -2.90 -3.75 -4.26
CA SER B 122 -3.25 -2.71 -5.19
C SER B 122 -3.97 -1.60 -4.44
N VAL B 123 -3.55 -0.36 -4.66
CA VAL B 123 -4.17 0.81 -4.07
C VAL B 123 -5.10 1.42 -5.10
N LYS B 124 -6.41 1.35 -4.83
CA LYS B 124 -7.42 1.90 -5.73
C LYS B 124 -7.78 3.29 -5.23
N VAL B 125 -7.41 4.32 -5.99
CA VAL B 125 -7.58 5.71 -5.60
C VAL B 125 -8.37 6.43 -6.68
N ARG B 126 -9.38 7.19 -6.27
CA ARG B 126 -10.14 8.03 -7.17
C ARG B 126 -10.25 9.43 -6.59
N VAL B 127 -10.75 10.36 -7.41
CA VAL B 127 -10.73 11.77 -7.06
C VAL B 127 -12.07 12.40 -7.41
N TYR B 128 -12.62 13.18 -6.48
CA TYR B 128 -13.79 14.02 -6.75
C TYR B 128 -13.31 15.47 -6.87
N SER B 129 -13.61 16.09 -8.00
CA SER B 129 -13.21 17.47 -8.27
C SER B 129 -14.46 18.33 -8.38
N LEU B 130 -14.45 19.47 -7.70
CA LEU B 130 -15.59 20.38 -7.72
C LEU B 130 -15.09 21.80 -7.92
N ASN B 131 -15.97 22.67 -8.40
CA ASN B 131 -15.68 24.08 -8.50
C ASN B 131 -16.36 24.83 -7.35
N ASP B 132 -16.29 26.16 -7.39
CA ASP B 132 -16.83 26.97 -6.31
C ASP B 132 -18.34 26.84 -6.17
N ASP B 133 -19.04 26.41 -7.22
CA ASP B 133 -20.48 26.22 -7.18
C ASP B 133 -20.88 24.81 -6.78
N LEU B 134 -19.92 23.97 -6.43
CA LEU B 134 -20.15 22.57 -6.06
C LEU B 134 -20.84 21.83 -7.21
N LYS B 135 -20.15 21.77 -8.33
CA LYS B 135 -20.63 21.19 -9.58
C LYS B 135 -19.54 20.30 -10.16
N PRO B 136 -19.89 19.39 -11.10
CA PRO B 136 -18.90 18.49 -11.70
C PRO B 136 -17.55 19.11 -12.02
N ALA B 137 -17.54 20.24 -12.75
CA ALA B 137 -16.32 21.02 -12.98
C ALA B 137 -15.24 20.18 -13.67
N LYS B 138 -15.55 19.80 -14.91
CA LYS B 138 -14.67 18.94 -15.69
C LYS B 138 -13.36 19.67 -15.99
N ARG B 139 -12.29 19.30 -15.29
CA ARG B 139 -10.96 19.84 -15.52
C ARG B 139 -9.94 18.73 -15.33
N GLU B 140 -8.87 18.76 -16.14
CA GLU B 140 -7.87 17.72 -16.07
C GLU B 140 -7.10 17.78 -14.76
N THR B 141 -6.83 16.61 -14.19
CA THR B 141 -6.24 16.51 -12.85
C THR B 141 -4.95 15.70 -12.88
N VAL B 142 -3.98 16.15 -12.08
CA VAL B 142 -2.66 15.53 -11.98
C VAL B 142 -2.43 15.13 -10.53
N LEU B 143 -2.06 13.88 -10.29
CA LEU B 143 -1.80 13.42 -8.93
C LEU B 143 -0.49 12.65 -8.88
N THR B 144 0.25 12.84 -7.79
CA THR B 144 1.55 12.22 -7.57
C THR B 144 1.55 11.49 -6.23
N PHE B 145 2.40 10.47 -6.14
CA PHE B 145 2.59 9.69 -4.93
C PHE B 145 3.94 10.03 -4.30
N ILE B 146 3.98 10.01 -2.97
CA ILE B 146 5.16 10.38 -2.21
C ILE B 146 5.42 9.29 -1.18
N ASP B 147 6.64 8.75 -1.18
CA ASP B 147 7.08 7.76 -0.20
C ASP B 147 7.39 8.45 1.12
N PRO B 148 7.57 7.67 2.20
CA PRO B 148 7.82 8.31 3.51
C PRO B 148 9.06 9.21 3.54
N GLU B 149 10.07 8.91 2.73
CA GLU B 149 11.28 9.73 2.73
C GLU B 149 11.03 11.13 2.17
N GLY B 150 10.03 11.30 1.30
CA GLY B 150 9.72 12.59 0.73
C GLY B 150 10.05 12.74 -0.73
N SER B 151 10.32 11.66 -1.46
CA SER B 151 10.69 11.71 -2.86
C SER B 151 9.51 11.23 -3.70
N GLU B 152 9.09 12.05 -4.66
CA GLU B 152 8.00 11.68 -5.54
C GLU B 152 8.35 10.43 -6.33
N VAL B 153 7.42 9.48 -6.38
CA VAL B 153 7.65 8.22 -7.07
C VAL B 153 7.21 8.34 -8.52
N ASP B 154 5.92 8.60 -8.73
CA ASP B 154 5.39 8.73 -10.08
C ASP B 154 4.26 9.75 -10.08
N MET B 155 4.05 10.36 -11.25
CA MET B 155 3.00 11.33 -11.47
C MET B 155 2.09 10.85 -12.59
N VAL B 156 0.78 10.96 -12.39
CA VAL B 156 -0.19 10.50 -13.37
C VAL B 156 -1.18 11.62 -13.64
N GLU B 157 -1.69 11.65 -14.87
CA GLU B 157 -2.60 12.67 -15.34
C GLU B 157 -3.87 12.02 -15.87
N GLU B 158 -4.98 12.74 -15.81
CA GLU B 158 -6.20 12.23 -16.41
C GLU B 158 -7.17 13.37 -16.71
N ILE B 159 -7.88 13.25 -17.83
CA ILE B 159 -8.94 14.18 -18.17
C ILE B 159 -10.18 13.87 -17.33
N ASP B 160 -11.06 14.86 -17.21
CA ASP B 160 -12.27 14.75 -16.41
C ASP B 160 -13.48 14.86 -17.32
N HIS B 161 -14.40 13.90 -17.23
CA HIS B 161 -15.59 13.88 -18.05
C HIS B 161 -16.86 14.13 -17.25
N ILE B 162 -17.00 13.53 -16.06
CA ILE B 162 -18.26 13.50 -15.33
C ILE B 162 -18.14 14.24 -14.00
N GLY B 163 -17.03 14.11 -13.31
CA GLY B 163 -16.87 14.69 -11.99
C GLY B 163 -16.10 13.78 -11.06
N ILE B 164 -16.12 12.49 -11.36
CA ILE B 164 -15.36 11.49 -10.62
C ILE B 164 -14.28 10.96 -11.54
N ILE B 165 -13.02 11.19 -11.19
CA ILE B 165 -11.91 10.82 -12.06
C ILE B 165 -11.25 9.56 -11.52
N SER B 166 -11.66 8.40 -12.04
CA SER B 166 -11.08 7.15 -11.58
C SER B 166 -9.69 6.92 -12.17
N PHE B 167 -8.67 6.89 -11.31
CA PHE B 167 -7.27 6.80 -11.82
C PHE B 167 -6.78 5.35 -11.79
N PRO B 168 -5.71 5.01 -12.54
CA PRO B 168 -5.13 3.66 -12.50
C PRO B 168 -4.68 3.32 -11.08
N ASP B 169 -4.45 2.03 -10.80
CA ASP B 169 -4.05 1.61 -9.43
C ASP B 169 -2.55 1.85 -9.22
N PHE B 170 -2.06 1.60 -8.00
CA PHE B 170 -0.64 1.79 -7.69
C PHE B 170 -0.17 0.50 -7.00
N LYS B 171 0.42 -0.39 -7.78
CA LYS B 171 0.84 -1.70 -7.29
C LYS B 171 2.01 -1.56 -6.31
N ILE B 172 1.74 -1.79 -5.02
CA ILE B 172 2.75 -1.66 -3.97
C ILE B 172 3.90 -2.61 -4.26
N PRO B 173 5.15 -2.15 -4.15
CA PRO B 173 6.29 -3.04 -4.45
C PRO B 173 6.33 -4.24 -3.52
N SER B 174 6.98 -5.31 -3.99
CA SER B 174 7.03 -6.54 -3.21
C SER B 174 7.82 -6.37 -1.92
N ASN B 175 8.81 -5.49 -1.93
CA ASN B 175 9.58 -5.17 -0.73
C ASN B 175 9.65 -3.65 -0.62
N PRO B 176 8.54 -3.01 -0.26
CA PRO B 176 8.46 -1.55 -0.38
C PRO B 176 8.99 -0.82 0.84
N ARG B 177 8.93 0.51 0.81
CA ARG B 177 9.32 1.33 1.95
C ARG B 177 8.08 1.61 2.79
N TYR B 178 8.21 1.43 4.10
CA TYR B 178 7.07 1.37 5.01
C TYR B 178 6.86 2.71 5.70
N GLY B 179 5.61 2.99 6.04
CA GLY B 179 5.31 4.21 6.75
C GLY B 179 4.10 4.89 6.15
N MET B 180 4.12 6.22 6.19
CA MET B 180 2.95 7.04 5.89
C MET B 180 3.14 7.66 4.51
N TRP B 181 2.69 6.94 3.48
CA TRP B 181 2.75 7.45 2.12
C TRP B 181 1.71 8.54 1.92
N THR B 182 2.03 9.47 1.02
CA THR B 182 1.18 10.63 0.75
C THR B 182 0.76 10.64 -0.71
N ILE B 183 -0.41 11.20 -0.98
CA ILE B 183 -0.91 11.40 -2.34
C ILE B 183 -1.31 12.87 -2.48
N LYS B 184 -0.79 13.53 -3.51
CA LYS B 184 -1.07 14.93 -3.78
C LYS B 184 -1.80 15.04 -5.11
N ALA B 185 -2.84 15.87 -5.16
CA ALA B 185 -3.59 16.09 -6.38
C ALA B 185 -3.75 17.58 -6.62
N LYS B 186 -3.72 17.98 -7.89
CA LYS B 186 -3.86 19.38 -8.26
C LYS B 186 -4.38 19.48 -9.69
N TYR B 187 -4.68 20.70 -10.10
CA TYR B 187 -5.04 20.97 -11.48
C TYR B 187 -3.80 21.27 -12.31
N LYS B 188 -3.92 21.11 -13.62
CA LYS B 188 -2.76 21.18 -14.48
C LYS B 188 -2.40 22.62 -14.84
N GLU B 189 -3.38 23.41 -15.29
CA GLU B 189 -3.08 24.61 -16.05
C GLU B 189 -2.95 25.87 -15.20
N ASP B 190 -4.01 26.27 -14.51
CA ASP B 190 -4.07 27.61 -13.94
C ASP B 190 -4.42 27.70 -12.47
N PHE B 191 -5.22 26.78 -11.93
CA PHE B 191 -5.72 26.90 -10.57
C PHE B 191 -4.74 26.28 -9.58
N SER B 192 -4.79 26.76 -8.34
CA SER B 192 -3.83 26.40 -7.31
C SER B 192 -4.40 25.48 -6.23
N THR B 193 -5.56 24.86 -6.48
CA THR B 193 -6.16 23.98 -5.49
C THR B 193 -5.38 22.67 -5.40
N THR B 194 -5.07 22.25 -4.18
CA THR B 194 -4.31 21.03 -3.95
C THR B 194 -5.00 20.21 -2.87
N GLY B 195 -5.19 18.92 -3.15
CA GLY B 195 -5.77 17.99 -2.20
C GLY B 195 -4.73 16.98 -1.76
N THR B 196 -4.85 16.53 -0.51
CA THR B 196 -3.87 15.63 0.10
C THR B 196 -4.57 14.44 0.73
N ALA B 197 -3.94 13.27 0.60
CA ALA B 197 -4.41 12.07 1.27
C ALA B 197 -3.21 11.30 1.80
N TYR B 198 -3.47 10.46 2.80
CA TYR B 198 -2.41 9.67 3.42
C TYR B 198 -2.86 8.22 3.52
N PHE B 199 -1.91 7.30 3.34
CA PHE B 199 -2.20 5.89 3.56
C PHE B 199 -0.93 5.20 4.07
N GLU B 200 -1.12 4.21 4.94
CA GLU B 200 -0.02 3.57 5.65
C GLU B 200 0.32 2.23 5.02
N VAL B 201 1.61 1.92 4.98
CA VAL B 201 2.12 0.68 4.42
C VAL B 201 2.96 -0.02 5.47
N LYS B 202 2.64 -1.29 5.75
CA LYS B 202 3.33 -2.11 6.73
C LYS B 202 3.39 -3.55 6.23
N GLU B 203 4.39 -4.30 6.72
CA GLU B 203 4.46 -5.74 6.43
C GLU B 203 3.33 -6.49 7.11
N TYR B 204 3.14 -7.74 6.67
CA TYR B 204 2.16 -8.65 7.25
C TYR B 204 2.89 -9.84 7.89
N VAL B 205 2.57 -10.11 9.15
CA VAL B 205 3.11 -11.26 9.86
C VAL B 205 1.96 -12.16 10.29
N LEU B 206 2.24 -13.45 10.41
CA LEU B 206 1.25 -14.40 10.89
C LEU B 206 1.24 -14.41 12.42
N PRO B 207 0.12 -14.08 13.07
CA PRO B 207 0.11 -14.02 14.52
C PRO B 207 -0.02 -15.40 15.14
N HIS B 208 0.70 -15.60 16.25
CA HIS B 208 0.60 -16.87 16.97
C HIS B 208 -0.72 -16.97 17.71
N PHE B 209 -1.14 -15.89 18.36
CA PHE B 209 -2.45 -15.81 19.00
C PHE B 209 -2.74 -14.35 19.29
N SER B 210 -4.02 -13.99 19.23
CA SER B 210 -4.46 -12.61 19.41
C SER B 210 -4.60 -12.27 20.88
N VAL B 211 -4.12 -11.08 21.24
CA VAL B 211 -4.25 -10.53 22.58
C VAL B 211 -4.94 -9.18 22.48
N SER B 212 -5.97 -8.97 23.29
CA SER B 212 -6.74 -7.74 23.28
C SER B 212 -6.80 -7.15 24.69
N ILE B 213 -6.63 -5.83 24.76
CA ILE B 213 -6.68 -5.08 26.01
C ILE B 213 -8.01 -4.34 26.06
N GLU B 214 -8.64 -4.31 27.24
CA GLU B 214 -9.88 -3.58 27.44
C GLU B 214 -9.77 -2.78 28.73
N PRO B 215 -9.91 -1.46 28.69
CA PRO B 215 -9.86 -0.67 29.91
C PRO B 215 -11.23 -0.51 30.54
N GLU B 216 -11.29 0.13 31.70
CA GLU B 216 -12.59 0.41 32.32
C GLU B 216 -13.42 1.36 31.46
N TYR B 217 -12.78 2.41 30.93
CA TYR B 217 -13.43 3.35 30.04
C TYR B 217 -12.43 3.80 28.99
N ASN B 218 -12.86 4.72 28.14
CA ASN B 218 -11.95 5.39 27.21
C ASN B 218 -11.40 6.68 27.80
N PHE B 219 -11.69 6.96 29.07
CA PHE B 219 -11.19 8.14 29.75
C PHE B 219 -11.00 7.79 31.22
N ILE B 220 -10.10 8.50 31.88
CA ILE B 220 -9.88 8.37 33.32
C ILE B 220 -10.26 9.70 33.95
N GLY B 221 -11.45 9.75 34.55
CA GLY B 221 -11.86 10.94 35.27
C GLY B 221 -11.17 11.03 36.62
N TYR B 222 -11.85 11.60 37.61
CA TYR B 222 -11.34 11.57 38.96
C TYR B 222 -11.87 10.38 39.76
N LYS B 223 -12.81 9.62 39.20
CA LYS B 223 -13.27 8.39 39.85
C LYS B 223 -12.16 7.34 39.87
N ASN B 224 -11.50 7.13 38.72
CA ASN B 224 -10.54 6.05 38.55
C ASN B 224 -9.10 6.52 38.70
N PHE B 225 -8.88 7.66 39.35
CA PHE B 225 -7.51 8.14 39.55
C PHE B 225 -6.76 7.28 40.55
N LYS B 226 -7.47 6.64 41.48
CA LYS B 226 -6.84 5.82 42.50
C LYS B 226 -6.79 4.34 42.12
N ASN B 227 -7.70 3.89 41.27
CA ASN B 227 -7.70 2.50 40.83
C ASN B 227 -8.34 2.41 39.46
N PHE B 228 -7.69 1.65 38.56
CA PHE B 228 -8.18 1.49 37.20
C PHE B 228 -8.04 0.02 36.80
N GLU B 229 -9.15 -0.58 36.38
CA GLU B 229 -9.18 -1.99 36.02
C GLU B 229 -8.87 -2.17 34.54
N ILE B 230 -7.94 -3.08 34.24
CA ILE B 230 -7.55 -3.38 32.86
C ILE B 230 -7.63 -4.89 32.68
N THR B 231 -8.35 -5.33 31.64
CA THR B 231 -8.58 -6.75 31.39
C THR B 231 -7.95 -7.15 30.07
N ILE B 232 -7.22 -8.27 30.09
CA ILE B 232 -6.52 -8.78 28.92
C ILE B 232 -7.12 -10.13 28.53
N LYS B 233 -7.40 -10.30 27.25
CA LYS B 233 -7.99 -11.52 26.71
C LYS B 233 -7.06 -12.10 25.65
N ALA B 234 -6.78 -13.39 25.76
CA ALA B 234 -5.93 -14.11 24.82
C ALA B 234 -6.72 -15.21 24.15
N ARG B 235 -6.71 -15.25 22.82
CA ARG B 235 -7.44 -16.25 22.06
C ARG B 235 -6.57 -16.73 20.91
N TYR B 236 -6.85 -17.96 20.45
CA TYR B 236 -6.03 -18.57 19.39
C TYR B 236 -6.56 -18.19 18.02
N PHE B 237 -7.79 -18.62 17.71
CA PHE B 237 -8.42 -18.37 16.43
C PHE B 237 -9.92 -18.42 16.63
N TYR B 238 -10.61 -17.38 16.15
CA TYR B 238 -12.06 -17.27 16.32
C TYR B 238 -12.43 -17.34 17.79
N ASN B 239 -12.80 -18.53 18.27
CA ASN B 239 -13.21 -18.73 19.65
C ASN B 239 -12.26 -19.63 20.44
N LYS B 240 -11.21 -20.14 19.81
CA LYS B 240 -10.24 -20.97 20.51
C LYS B 240 -9.44 -20.10 21.49
N VAL B 241 -9.23 -20.61 22.70
CA VAL B 241 -8.74 -19.78 23.80
C VAL B 241 -7.44 -20.37 24.34
N VAL B 242 -6.52 -19.45 24.68
CA VAL B 242 -5.25 -19.81 25.31
C VAL B 242 -5.51 -20.39 26.69
N THR B 243 -4.69 -21.36 27.10
CA THR B 243 -4.94 -22.07 28.34
C THR B 243 -4.17 -21.46 29.52
N GLU B 244 -2.89 -21.14 29.31
CA GLU B 244 -2.04 -20.64 30.39
C GLU B 244 -0.89 -19.83 29.80
N ALA B 245 -0.62 -18.68 30.41
CA ALA B 245 0.47 -17.83 29.91
C ALA B 245 0.93 -16.89 31.01
N ASP B 246 2.11 -16.31 30.79
CA ASP B 246 2.63 -15.24 31.63
C ASP B 246 2.37 -13.90 30.97
N VAL B 247 2.19 -12.87 31.80
CA VAL B 247 1.78 -11.55 31.32
C VAL B 247 2.63 -10.50 32.02
N TYR B 248 3.13 -9.54 31.24
CA TYR B 248 3.79 -8.36 31.78
C TYR B 248 3.15 -7.11 31.18
N ILE B 249 3.16 -6.04 31.96
CA ILE B 249 2.52 -4.78 31.57
C ILE B 249 3.44 -3.62 31.90
N THR B 250 3.48 -2.63 31.01
CA THR B 250 4.21 -1.39 31.22
C THR B 250 3.30 -0.22 30.88
N PHE B 251 3.51 0.89 31.59
CA PHE B 251 2.69 2.07 31.43
C PHE B 251 3.59 3.28 31.17
N GLY B 252 3.05 4.26 30.47
CA GLY B 252 3.77 5.50 30.21
C GLY B 252 2.80 6.65 30.02
N ILE B 253 3.34 7.86 30.08
CA ILE B 253 2.56 9.08 29.90
C ILE B 253 2.90 9.67 28.54
N ARG B 254 1.86 9.93 27.75
CA ARG B 254 1.99 10.41 26.38
C ARG B 254 1.52 11.84 26.30
N GLU B 255 2.30 12.70 25.63
CA GLU B 255 1.90 14.09 25.46
C GLU B 255 0.67 14.19 24.55
N ASP B 256 0.69 13.52 23.40
CA ASP B 256 -0.45 13.47 22.51
C ASP B 256 -0.40 12.17 21.74
N LEU B 257 -1.39 11.98 20.86
CA LEU B 257 -1.50 10.74 20.11
C LEU B 257 -0.67 10.76 18.83
N LYS B 258 0.05 11.83 18.54
CA LYS B 258 0.85 11.94 17.33
C LYS B 258 2.36 11.97 17.58
N ASP B 259 2.79 11.87 18.84
CA ASP B 259 4.21 11.89 19.16
C ASP B 259 4.70 10.45 19.31
N ASP B 260 5.72 10.09 18.54
CA ASP B 260 6.27 8.74 18.59
C ASP B 260 7.06 8.48 19.86
N GLN B 261 7.34 9.50 20.66
CA GLN B 261 8.08 9.36 21.89
C GLN B 261 7.15 9.51 23.09
N LYS B 262 7.53 8.88 24.20
CA LYS B 262 6.72 8.91 25.40
C LYS B 262 7.62 8.71 26.61
N GLU B 263 7.16 9.21 27.76
CA GLU B 263 7.88 9.07 29.01
C GLU B 263 7.40 7.81 29.72
N MET B 264 8.23 6.77 29.69
CA MET B 264 7.86 5.50 30.28
C MET B 264 7.96 5.56 31.80
N MET B 265 7.53 4.48 32.45
CA MET B 265 7.54 4.38 33.90
C MET B 265 8.51 3.27 34.30
N GLN B 266 9.41 3.58 35.23
CA GLN B 266 10.42 2.63 35.67
C GLN B 266 9.89 1.66 36.73
N THR B 267 8.70 1.89 37.26
CA THR B 267 8.06 0.97 38.20
C THR B 267 6.68 0.64 37.68
N ALA B 268 6.40 -0.64 37.49
CA ALA B 268 5.12 -1.07 36.92
C ALA B 268 4.82 -2.50 37.36
N MET B 269 3.55 -2.87 37.23
CA MET B 269 3.11 -4.21 37.60
C MET B 269 3.72 -5.26 36.67
N GLN B 270 3.86 -6.47 37.18
CA GLN B 270 4.53 -7.53 36.45
C GLN B 270 3.99 -8.88 36.88
N ASN B 271 4.23 -9.89 36.04
CA ASN B 271 4.05 -11.30 36.36
C ASN B 271 2.60 -11.60 36.77
N THR B 272 1.71 -11.45 35.80
CA THR B 272 0.31 -11.83 35.94
C THR B 272 0.08 -13.16 35.23
N MET B 273 -0.57 -14.10 35.91
CA MET B 273 -0.79 -15.44 35.37
C MET B 273 -2.10 -15.45 34.61
N LEU B 274 -2.04 -15.46 33.28
CA LEU B 274 -3.23 -15.52 32.45
C LEU B 274 -3.72 -16.96 32.37
N ILE B 275 -4.96 -17.18 32.81
CA ILE B 275 -5.59 -18.50 32.82
C ILE B 275 -6.86 -18.41 31.97
N ASN B 276 -6.99 -19.33 31.01
CA ASN B 276 -8.14 -19.41 30.12
C ASN B 276 -8.36 -18.11 29.35
N GLY B 277 -7.29 -17.42 28.97
CA GLY B 277 -7.40 -16.25 28.13
C GLY B 277 -8.12 -15.06 28.73
N ILE B 278 -7.94 -14.82 30.03
CA ILE B 278 -8.49 -13.63 30.67
C ILE B 278 -7.70 -13.36 31.94
N ALA B 279 -7.29 -12.10 32.12
CA ALA B 279 -6.63 -11.69 33.35
C ALA B 279 -6.96 -10.23 33.62
N GLN B 280 -6.86 -9.84 34.88
CA GLN B 280 -7.20 -8.50 35.31
C GLN B 280 -6.06 -7.89 36.11
N VAL B 281 -5.85 -6.58 35.93
CA VAL B 281 -4.83 -5.85 36.66
C VAL B 281 -5.40 -4.50 37.10
N THR B 282 -4.81 -3.97 38.17
CA THR B 282 -5.23 -2.69 38.73
C THR B 282 -4.06 -1.71 38.65
N PHE B 283 -4.30 -0.57 38.03
CA PHE B 283 -3.29 0.48 37.88
C PHE B 283 -3.67 1.66 38.77
N ASP B 284 -2.70 2.13 39.55
CA ASP B 284 -2.86 3.28 40.44
C ASP B 284 -2.06 4.43 39.87
N SER B 285 -2.75 5.41 39.27
CA SER B 285 -2.06 6.53 38.64
C SER B 285 -1.30 7.38 39.67
N GLU B 286 -1.93 7.64 40.81
CA GLU B 286 -1.31 8.51 41.80
C GLU B 286 0.00 7.94 42.32
N THR B 287 0.00 6.66 42.69
CA THR B 287 1.21 6.05 43.24
C THR B 287 2.31 5.96 42.19
N ALA B 288 1.97 5.55 40.97
CA ALA B 288 2.97 5.29 39.94
C ALA B 288 3.44 6.54 39.20
N VAL B 289 2.73 7.66 39.31
CA VAL B 289 3.05 8.88 38.59
C VAL B 289 3.69 9.92 39.50
N LYS B 290 3.10 10.14 40.68
CA LYS B 290 3.54 11.24 41.54
C LYS B 290 4.98 11.07 41.97
N GLU B 291 5.37 9.84 42.33
CA GLU B 291 6.74 9.61 42.78
C GLU B 291 7.74 9.63 41.63
N LEU B 292 7.28 9.36 40.41
CA LEU B 292 8.17 9.21 39.26
C LEU B 292 8.04 10.35 38.26
N SER B 293 7.05 11.23 38.40
CA SER B 293 6.78 12.27 37.43
C SER B 293 6.00 13.37 38.15
N TYR B 294 5.37 14.26 37.38
CA TYR B 294 4.53 15.31 37.93
C TYR B 294 3.55 14.75 38.95
N TYR B 295 3.61 15.29 40.17
CA TYR B 295 2.86 14.75 41.29
C TYR B 295 1.48 15.38 41.44
N SER B 296 1.18 16.45 40.73
CA SER B 296 -0.12 17.11 40.81
C SER B 296 -1.09 16.43 39.84
N LEU B 297 -2.26 16.03 40.36
CA LEU B 297 -3.25 15.35 39.53
C LEU B 297 -3.81 16.25 38.45
N GLU B 298 -3.65 17.56 38.57
CA GLU B 298 -4.16 18.49 37.57
C GLU B 298 -3.23 18.67 36.38
N ASP B 299 -1.97 18.23 36.51
CA ASP B 299 -0.99 18.44 35.44
C ASP B 299 -1.11 17.44 34.31
N LEU B 300 -1.79 16.32 34.53
CA LEU B 300 -1.95 15.30 33.49
C LEU B 300 -3.15 15.57 32.59
N ASN B 301 -3.77 16.73 32.70
CA ASN B 301 -4.91 17.07 31.85
C ASN B 301 -4.50 17.01 30.38
N ASN B 302 -5.41 16.45 29.57
CA ASN B 302 -5.28 16.39 28.11
C ASN B 302 -4.08 15.59 27.64
N LYS B 303 -3.48 14.77 28.50
CA LYS B 303 -2.38 13.90 28.10
C LYS B 303 -2.72 12.47 28.48
N TYR B 304 -2.28 11.53 27.64
CA TYR B 304 -2.80 10.17 27.63
C TYR B 304 -1.91 9.23 28.45
N LEU B 305 -2.45 8.02 28.69
CA LEU B 305 -1.75 6.96 29.39
C LEU B 305 -1.62 5.78 28.44
N TYR B 306 -0.39 5.53 27.97
CA TYR B 306 -0.13 4.47 27.00
C TYR B 306 0.21 3.18 27.74
N ILE B 307 -0.42 2.09 27.31
CA ILE B 307 -0.28 0.80 27.99
C ILE B 307 0.25 -0.23 27.01
N ALA B 308 1.25 -1.00 27.44
CA ALA B 308 1.81 -2.07 26.63
C ALA B 308 1.76 -3.37 27.40
N VAL B 309 1.13 -4.39 26.81
CA VAL B 309 1.02 -5.71 27.41
C VAL B 309 1.79 -6.70 26.55
N THR B 310 2.47 -7.63 27.20
CA THR B 310 3.11 -8.74 26.52
C THR B 310 2.66 -10.04 27.17
N VAL B 311 2.25 -11.00 26.34
CA VAL B 311 1.76 -12.29 26.79
C VAL B 311 2.66 -13.37 26.16
N ILE B 312 3.20 -14.24 27.01
CA ILE B 312 4.08 -15.32 26.58
C ILE B 312 3.42 -16.63 26.96
N GLU B 313 3.15 -17.47 25.97
CA GLU B 313 2.53 -18.76 26.23
C GLU B 313 3.55 -19.69 26.89
N SER B 314 3.17 -20.25 28.05
CA SER B 314 4.11 -21.09 28.80
C SER B 314 4.45 -22.36 28.03
N THR B 315 3.46 -22.98 27.38
CA THR B 315 3.69 -24.26 26.71
C THR B 315 4.53 -24.08 25.46
N GLY B 316 4.03 -23.32 24.49
CA GLY B 316 4.72 -23.16 23.22
C GLY B 316 5.87 -22.20 23.22
N GLY B 317 5.99 -21.35 24.25
CA GLY B 317 7.05 -20.37 24.29
C GLY B 317 6.86 -19.19 23.37
N PHE B 318 5.69 -19.07 22.74
CA PHE B 318 5.44 -17.98 21.81
C PHE B 318 5.19 -16.67 22.55
N SER B 319 5.60 -15.57 21.93
CA SER B 319 5.50 -14.24 22.50
C SER B 319 4.61 -13.38 21.62
N GLU B 320 3.72 -12.61 22.23
CA GLU B 320 2.94 -11.64 21.48
C GLU B 320 2.72 -10.39 22.32
N GLU B 321 2.43 -9.29 21.64
CA GLU B 321 2.32 -7.99 22.29
C GLU B 321 1.07 -7.28 21.82
N ALA B 322 0.53 -6.43 22.69
CA ALA B 322 -0.57 -5.55 22.36
C ALA B 322 -0.34 -4.20 23.04
N GLU B 323 -0.95 -3.16 22.50
CA GLU B 323 -0.76 -1.84 23.06
C GLU B 323 -2.04 -1.01 22.92
N ILE B 324 -2.38 -0.31 23.98
CA ILE B 324 -3.38 0.76 23.96
C ILE B 324 -2.63 2.08 23.82
N PRO B 325 -2.81 2.83 22.73
CA PRO B 325 -2.00 4.03 22.50
C PRO B 325 -2.13 5.07 23.61
N GLY B 326 -3.30 5.21 24.21
CA GLY B 326 -3.46 6.17 25.28
C GLY B 326 -4.89 6.19 25.78
N ILE B 327 -5.05 6.75 26.97
CA ILE B 327 -6.35 6.97 27.59
C ILE B 327 -6.41 8.42 28.04
N LYS B 328 -7.40 9.15 27.54
CA LYS B 328 -7.50 10.60 27.76
C LYS B 328 -7.76 10.89 29.23
N TYR B 329 -6.78 11.44 29.93
CA TYR B 329 -7.01 11.99 31.26
C TYR B 329 -7.91 13.22 31.16
N VAL B 330 -8.86 13.32 32.08
CA VAL B 330 -9.72 14.50 32.19
C VAL B 330 -9.77 14.93 33.65
N LEU B 331 -9.76 16.24 33.87
CA LEU B 331 -9.93 16.78 35.22
C LEU B 331 -11.39 16.95 35.58
N SER B 332 -12.23 17.34 34.62
CA SER B 332 -13.67 17.46 34.81
C SER B 332 -14.34 16.80 33.62
N PRO B 333 -15.44 16.08 33.83
CA PRO B 333 -16.13 15.43 32.72
C PRO B 333 -16.93 16.38 31.86
N TYR B 334 -17.16 17.62 32.30
CA TYR B 334 -17.99 18.58 31.58
C TYR B 334 -17.13 19.62 30.89
N LYS B 335 -17.54 19.99 29.68
CA LYS B 335 -16.93 21.08 28.93
C LYS B 335 -18.02 22.05 28.50
N LEU B 336 -17.74 23.34 28.62
CA LEU B 336 -18.70 24.40 28.31
C LEU B 336 -18.31 25.07 27.00
N ASN B 337 -19.29 25.27 26.12
CA ASN B 337 -19.07 26.00 24.89
C ASN B 337 -20.22 26.98 24.69
N LEU B 338 -19.89 28.22 24.32
CA LEU B 338 -20.92 29.22 24.07
C LEU B 338 -21.56 28.98 22.70
N VAL B 339 -22.89 29.02 22.67
CA VAL B 339 -23.63 28.81 21.43
C VAL B 339 -24.70 29.88 21.29
N ALA B 340 -24.97 30.27 20.04
CA ALA B 340 -26.05 31.19 19.70
C ALA B 340 -25.91 32.54 20.39
N THR B 341 -24.68 32.96 20.69
CA THR B 341 -24.45 34.25 21.32
C THR B 341 -23.31 34.96 20.59
N PRO B 342 -23.46 36.24 20.25
CA PRO B 342 -22.35 37.01 19.70
C PRO B 342 -21.49 37.61 20.79
N LEU B 343 -20.22 37.82 20.47
CA LEU B 343 -19.25 38.31 21.42
C LEU B 343 -19.15 39.83 21.44
N PHE B 344 -20.02 40.52 20.72
CA PHE B 344 -20.08 41.98 20.71
C PHE B 344 -21.48 42.41 21.12
N LEU B 345 -21.57 43.19 22.19
CA LEU B 345 -22.85 43.56 22.78
C LEU B 345 -23.27 44.96 22.34
N LYS B 346 -24.58 45.14 22.20
CA LYS B 346 -25.16 46.43 21.85
C LYS B 346 -25.68 47.10 23.11
N PRO B 347 -25.21 48.31 23.45
CA PRO B 347 -25.71 48.96 24.67
C PRO B 347 -27.18 49.30 24.56
N GLY B 348 -27.85 49.30 25.71
CA GLY B 348 -29.28 49.57 25.77
C GLY B 348 -30.16 48.40 25.42
N ILE B 349 -29.60 47.23 25.16
CA ILE B 349 -30.35 46.04 24.80
C ILE B 349 -29.87 44.89 25.67
N PRO B 350 -30.77 44.02 26.16
CA PRO B 350 -30.30 42.87 26.95
C PRO B 350 -29.39 41.96 26.13
N TYR B 351 -28.44 41.35 26.84
CA TYR B 351 -27.41 40.53 26.20
C TYR B 351 -27.59 39.07 26.59
N PRO B 352 -28.28 38.27 25.78
CA PRO B 352 -28.51 36.86 26.16
C PRO B 352 -27.27 36.01 25.96
N ILE B 353 -27.08 35.06 26.86
CA ILE B 353 -25.95 34.13 26.82
C ILE B 353 -26.50 32.72 26.89
N LYS B 354 -26.01 31.84 26.03
CA LYS B 354 -26.44 30.44 25.99
C LYS B 354 -25.21 29.55 26.01
N VAL B 355 -25.01 28.85 27.12
CA VAL B 355 -23.92 27.89 27.26
C VAL B 355 -24.43 26.51 26.86
N GLN B 356 -23.49 25.63 26.53
CA GLN B 356 -23.82 24.27 26.14
C GLN B 356 -22.81 23.34 26.81
N VAL B 357 -23.32 22.33 27.52
CA VAL B 357 -22.51 21.43 28.32
C VAL B 357 -22.39 20.10 27.60
N LYS B 358 -21.15 19.61 27.47
CA LYS B 358 -20.89 18.32 26.87
C LYS B 358 -20.09 17.46 27.85
N ASP B 359 -20.24 16.15 27.73
CA ASP B 359 -19.48 15.22 28.55
C ASP B 359 -18.11 15.00 27.91
N SER B 360 -17.37 14.00 28.42
CA SER B 360 -16.04 13.73 27.88
C SER B 360 -16.10 13.16 26.46
N LEU B 361 -17.23 12.63 26.04
CA LEU B 361 -17.39 12.02 24.72
C LEU B 361 -18.05 12.96 23.71
N ASP B 362 -18.09 14.26 24.01
CA ASP B 362 -18.71 15.26 23.13
C ASP B 362 -20.18 14.92 22.86
N GLN B 363 -20.90 14.61 23.93
CA GLN B 363 -22.32 14.26 23.86
C GLN B 363 -23.09 15.11 24.85
N LEU B 364 -24.27 15.56 24.43
CA LEU B 364 -25.04 16.51 25.23
C LEU B 364 -25.50 15.88 26.54
N VAL B 365 -25.39 16.65 27.62
CA VAL B 365 -25.79 16.22 28.96
C VAL B 365 -26.70 17.29 29.54
N GLY B 366 -27.89 16.89 29.98
CA GLY B 366 -28.84 17.82 30.55
C GLY B 366 -28.90 17.78 32.07
N GLY B 367 -29.54 18.80 32.63
CA GLY B 367 -29.79 18.88 34.06
C GLY B 367 -28.67 19.47 34.90
N VAL B 368 -27.57 19.87 34.29
CA VAL B 368 -26.41 20.39 35.04
C VAL B 368 -26.62 21.86 35.36
N PRO B 369 -26.54 22.25 36.63
CA PRO B 369 -26.66 23.67 36.98
C PRO B 369 -25.47 24.47 36.45
N VAL B 370 -25.75 25.74 36.13
CA VAL B 370 -24.76 26.66 35.56
C VAL B 370 -24.81 27.96 36.33
N THR B 371 -23.64 28.48 36.67
CA THR B 371 -23.49 29.73 37.43
C THR B 371 -22.56 30.68 36.67
N LEU B 372 -23.00 31.92 36.54
CA LEU B 372 -22.26 32.96 35.81
C LEU B 372 -21.97 34.14 36.72
N ASN B 373 -20.76 34.68 36.60
CA ASN B 373 -20.39 35.94 37.23
C ASN B 373 -19.89 36.89 36.15
N ALA B 374 -20.05 38.19 36.38
CA ALA B 374 -19.75 39.17 35.35
C ALA B 374 -19.07 40.39 35.95
N GLN B 375 -18.25 41.05 35.13
CA GLN B 375 -17.59 42.29 35.47
C GLN B 375 -17.76 43.26 34.30
N THR B 376 -18.08 44.51 34.60
CA THR B 376 -18.31 45.53 33.59
C THR B 376 -17.33 46.68 33.77
N ILE B 377 -16.73 47.11 32.67
CA ILE B 377 -15.82 48.26 32.65
C ILE B 377 -16.39 49.28 31.68
N ASP B 378 -16.60 50.49 32.17
CA ASP B 378 -17.19 51.59 31.43
C ASP B 378 -16.14 52.30 30.60
N VAL B 379 -16.59 53.29 29.81
CA VAL B 379 -15.66 54.13 29.06
C VAL B 379 -14.83 55.00 29.98
N ASN B 380 -15.27 55.19 31.23
CA ASN B 380 -14.56 55.99 32.21
C ASN B 380 -13.60 55.16 33.05
N GLN B 381 -13.36 53.91 32.67
CA GLN B 381 -12.47 52.99 33.40
C GLN B 381 -12.95 52.81 34.83
N GLU B 382 -14.14 52.24 34.96
CA GLU B 382 -14.73 51.91 36.27
C GLU B 382 -15.22 50.48 36.22
N THR B 383 -14.77 49.68 37.18
CA THR B 383 -15.09 48.26 37.23
C THR B 383 -16.20 48.01 38.25
N SER B 384 -17.27 47.37 37.80
CA SER B 384 -18.39 47.05 38.69
C SER B 384 -18.82 45.60 38.45
N ASP B 385 -19.12 44.90 39.53
CA ASP B 385 -19.50 43.49 39.48
C ASP B 385 -20.97 43.33 39.84
N LEU B 386 -21.68 42.52 39.06
CA LEU B 386 -23.08 42.23 39.33
C LEU B 386 -23.21 40.97 40.19
N ASP B 387 -24.45 40.63 40.53
CA ASP B 387 -24.71 39.44 41.31
C ASP B 387 -24.63 38.19 40.43
N PRO B 388 -24.22 37.06 41.00
CA PRO B 388 -24.15 35.83 40.21
C PRO B 388 -25.52 35.40 39.70
N SER B 389 -25.54 34.88 38.49
CA SER B 389 -26.75 34.33 37.89
C SER B 389 -26.67 32.81 37.92
N LYS B 390 -27.79 32.17 38.23
CA LYS B 390 -27.83 30.71 38.33
C LYS B 390 -29.02 30.18 37.53
N SER B 391 -28.79 29.07 36.83
CA SER B 391 -29.88 28.41 36.11
C SER B 391 -29.55 26.93 35.97
N VAL B 392 -30.46 26.20 35.35
CA VAL B 392 -30.26 24.78 35.05
C VAL B 392 -30.50 24.56 33.57
N THR B 393 -29.62 23.80 32.94
CA THR B 393 -29.73 23.56 31.51
C THR B 393 -30.92 22.64 31.20
N ARG B 394 -31.42 22.72 29.97
CA ARG B 394 -32.55 21.92 29.55
C ARG B 394 -32.10 20.49 29.25
N VAL B 395 -33.07 19.63 28.94
CA VAL B 395 -32.79 18.22 28.69
C VAL B 395 -32.85 17.85 27.21
N ASP B 396 -33.49 18.67 26.37
CA ASP B 396 -33.56 18.38 24.94
C ASP B 396 -32.43 19.07 24.18
N ASP B 397 -32.41 20.41 24.24
CA ASP B 397 -31.32 21.16 23.62
C ASP B 397 -30.06 21.13 24.48
N GLY B 398 -30.20 21.03 25.80
CA GLY B 398 -29.06 21.09 26.69
C GLY B 398 -28.39 22.45 26.72
N VAL B 399 -29.16 23.52 26.78
CA VAL B 399 -28.64 24.88 26.81
C VAL B 399 -29.30 25.63 27.97
N ALA B 400 -28.49 26.34 28.75
CA ALA B 400 -28.95 27.08 29.92
C ALA B 400 -29.11 28.54 29.53
N SER B 401 -30.35 28.96 29.29
CA SER B 401 -30.61 30.33 28.86
C SER B 401 -30.30 31.33 29.96
N PHE B 402 -29.60 32.40 29.59
CA PHE B 402 -29.17 33.44 30.52
C PHE B 402 -29.61 34.79 30.00
N VAL B 403 -29.77 35.74 30.93
CA VAL B 403 -30.09 37.13 30.59
C VAL B 403 -29.32 38.03 31.55
N LEU B 404 -28.70 39.08 30.99
CA LEU B 404 -28.00 40.09 31.78
C LEU B 404 -28.51 41.46 31.36
N ASN B 405 -29.33 42.08 32.21
CA ASN B 405 -29.86 43.42 31.96
C ASN B 405 -28.78 44.44 32.33
N LEU B 406 -27.79 44.55 31.45
CA LEU B 406 -26.62 45.37 31.66
C LEU B 406 -26.90 46.83 31.31
N PRO B 407 -26.24 47.78 32.00
CA PRO B 407 -26.55 49.20 31.78
C PRO B 407 -26.20 49.72 30.41
N SER B 408 -26.44 51.01 30.17
CA SER B 408 -26.25 51.58 28.84
C SER B 408 -24.82 52.04 28.59
N GLY B 409 -24.11 52.48 29.62
CA GLY B 409 -22.77 53.01 29.46
C GLY B 409 -21.65 51.99 29.42
N VAL B 410 -21.95 50.70 29.57
CA VAL B 410 -20.91 49.70 29.68
C VAL B 410 -20.21 49.53 28.34
N THR B 411 -18.88 49.48 28.37
CA THR B 411 -18.07 49.29 27.17
C THR B 411 -17.53 47.89 27.02
N VAL B 412 -16.97 47.28 28.06
CA VAL B 412 -16.47 45.91 27.96
C VAL B 412 -16.98 45.09 29.13
N LEU B 413 -17.53 43.91 28.84
CA LEU B 413 -18.08 43.02 29.86
C LEU B 413 -17.34 41.68 29.77
N GLU B 414 -16.71 41.27 30.86
CA GLU B 414 -16.04 39.98 30.93
C GLU B 414 -16.81 39.08 31.90
N PHE B 415 -17.21 37.91 31.42
CA PHE B 415 -18.05 37.02 32.20
C PHE B 415 -17.43 35.62 32.26
N ASN B 416 -17.51 35.02 33.45
CA ASN B 416 -17.04 33.67 33.69
C ASN B 416 -18.20 32.75 34.00
N VAL B 417 -18.19 31.56 33.41
CA VAL B 417 -19.26 30.58 33.49
C VAL B 417 -18.67 29.28 34.02
N LYS B 418 -19.33 28.69 35.02
CA LYS B 418 -18.92 27.39 35.53
C LYS B 418 -20.15 26.56 35.86
N THR B 419 -19.91 25.29 36.16
CA THR B 419 -20.96 24.37 36.55
C THR B 419 -21.03 24.25 38.06
N ASP B 420 -22.19 23.86 38.56
CA ASP B 420 -22.42 23.69 39.99
C ASP B 420 -23.01 22.31 40.30
N ALA B 421 -22.45 21.27 39.68
CA ALA B 421 -22.95 19.93 39.90
C ALA B 421 -22.69 19.51 41.35
N PRO B 422 -23.64 18.81 41.98
CA PRO B 422 -23.50 18.50 43.41
C PRO B 422 -22.38 17.52 43.73
N ASP B 423 -22.35 16.38 43.02
CA ASP B 423 -21.45 15.29 43.39
C ASP B 423 -19.98 15.69 43.25
N LEU B 424 -19.66 16.41 42.19
CA LEU B 424 -18.27 16.73 41.90
C LEU B 424 -17.73 17.75 42.90
N PRO B 425 -16.61 17.45 43.58
CA PRO B 425 -16.08 18.39 44.57
C PRO B 425 -15.24 19.51 43.96
N GLU B 426 -15.81 20.72 43.94
CA GLU B 426 -15.11 21.98 43.63
C GLU B 426 -14.15 21.85 42.46
N GLU B 427 -12.89 21.45 42.72
CA GLU B 427 -11.84 21.36 41.72
C GLU B 427 -12.28 20.70 40.42
N ASN B 428 -13.10 19.66 40.51
CA ASN B 428 -13.43 18.84 39.35
C ASN B 428 -14.59 19.44 38.56
N GLN B 429 -14.81 20.73 38.69
CA GLN B 429 -15.84 21.44 37.93
C GLN B 429 -15.18 22.25 36.81
N ALA B 430 -15.94 22.46 35.74
CA ALA B 430 -15.44 23.16 34.55
C ALA B 430 -15.68 24.65 34.68
N ARG B 431 -14.77 25.44 34.11
CA ARG B 431 -14.86 26.89 34.12
C ARG B 431 -14.39 27.44 32.77
N GLU B 432 -14.96 28.57 32.37
CA GLU B 432 -14.55 29.24 31.14
C GLU B 432 -14.88 30.72 31.23
N GLY B 433 -13.94 31.56 30.79
CA GLY B 433 -14.12 33.00 30.80
C GLY B 433 -14.16 33.55 29.38
N TYR B 434 -14.91 34.64 29.20
CA TYR B 434 -15.04 35.27 27.89
C TYR B 434 -15.18 36.78 28.07
N ARG B 435 -14.96 37.50 26.97
CA ARG B 435 -15.00 38.95 26.95
C ARG B 435 -15.87 39.44 25.81
N ALA B 436 -16.55 40.56 26.02
CA ALA B 436 -17.40 41.18 25.02
C ALA B 436 -17.14 42.68 25.00
N ILE B 437 -17.09 43.26 23.80
CA ILE B 437 -16.74 44.66 23.60
C ILE B 437 -17.91 45.37 22.93
N ALA B 438 -18.23 46.56 23.42
CA ALA B 438 -19.41 47.28 22.95
C ALA B 438 -19.28 47.70 21.50
N TYR B 439 -20.37 47.56 20.76
CA TYR B 439 -20.46 48.09 19.40
C TYR B 439 -20.29 49.60 19.43
N SER B 440 -19.43 50.13 18.57
CA SER B 440 -19.09 51.55 18.57
C SER B 440 -19.71 52.23 17.36
N SER B 441 -20.53 53.24 17.62
CA SER B 441 -21.17 54.02 16.57
C SER B 441 -21.10 55.50 16.92
N LEU B 442 -21.03 56.34 15.89
CA LEU B 442 -20.90 57.78 16.09
C LEU B 442 -22.24 58.41 16.45
N SER B 443 -23.29 58.11 15.69
CA SER B 443 -24.61 58.65 15.93
C SER B 443 -25.37 57.91 17.03
N GLN B 444 -24.69 57.04 17.79
CA GLN B 444 -25.31 56.27 18.87
C GLN B 444 -26.47 55.43 18.35
N SER B 445 -26.33 54.95 17.11
CA SER B 445 -27.34 54.10 16.49
C SER B 445 -26.84 52.67 16.46
N TYR B 446 -27.64 51.76 16.99
CA TYR B 446 -27.33 50.33 17.04
C TYR B 446 -28.46 49.55 16.39
N LEU B 447 -28.31 48.22 16.39
CA LEU B 447 -29.32 47.35 15.80
C LEU B 447 -29.10 45.95 16.36
N TYR B 448 -30.19 45.26 16.69
CA TYR B 448 -30.10 43.93 17.28
C TYR B 448 -31.13 43.02 16.63
N ILE B 449 -30.66 41.95 16.01
CA ILE B 449 -31.54 41.01 15.34
C ILE B 449 -31.34 39.62 15.93
N ASP B 450 -32.43 38.86 15.99
CA ASP B 450 -32.33 37.48 16.49
C ASP B 450 -33.51 36.68 15.98
N TRP B 451 -33.27 35.40 15.74
CA TRP B 451 -34.34 34.48 15.35
C TRP B 451 -34.68 33.60 16.55
N THR B 452 -35.95 33.59 16.93
CA THR B 452 -36.39 33.01 18.20
C THR B 452 -36.74 31.54 17.99
N ASP B 453 -36.06 30.66 18.72
CA ASP B 453 -36.31 29.23 18.66
C ASP B 453 -35.54 28.54 19.78
N ASN B 454 -36.00 27.34 20.13
CA ASN B 454 -35.27 26.44 21.01
C ASN B 454 -35.21 25.07 20.34
N HIS B 455 -34.14 24.33 20.62
CA HIS B 455 -33.80 23.13 19.87
C HIS B 455 -33.71 23.46 18.38
N LYS B 456 -32.78 24.37 18.08
CA LYS B 456 -32.70 25.00 16.77
C LYS B 456 -32.17 24.01 15.73
N ALA B 457 -32.95 23.84 14.66
CA ALA B 457 -32.56 22.99 13.54
C ALA B 457 -32.67 23.71 12.19
N LEU B 458 -33.62 24.63 12.05
CA LEU B 458 -33.84 25.38 10.81
C LEU B 458 -34.11 24.43 9.64
N LEU B 459 -35.25 23.74 9.75
CA LEU B 459 -35.71 22.87 8.67
C LEU B 459 -35.81 23.64 7.37
N VAL B 460 -35.25 23.06 6.30
CA VAL B 460 -35.30 23.71 4.99
C VAL B 460 -36.73 23.62 4.45
N GLY B 461 -37.14 24.66 3.73
CA GLY B 461 -38.51 24.80 3.29
C GLY B 461 -39.43 25.41 4.32
N GLU B 462 -38.99 25.53 5.57
CA GLU B 462 -39.77 26.13 6.64
C GLU B 462 -39.37 27.59 6.83
N HIS B 463 -40.37 28.45 6.88
CA HIS B 463 -40.14 29.89 6.96
C HIS B 463 -39.40 30.26 8.23
N LEU B 464 -38.56 31.28 8.15
CA LEU B 464 -37.77 31.76 9.28
C LEU B 464 -38.26 33.16 9.66
N ASN B 465 -38.63 33.31 10.92
CA ASN B 465 -39.12 34.58 11.45
C ASN B 465 -38.03 35.20 12.31
N ILE B 466 -37.52 36.36 11.89
CA ILE B 466 -36.43 37.03 12.59
C ILE B 466 -36.94 38.35 13.15
N ILE B 467 -36.71 38.58 14.43
CA ILE B 467 -37.09 39.82 15.10
C ILE B 467 -35.95 40.81 14.92
N VAL B 468 -36.28 42.00 14.43
CA VAL B 468 -35.34 43.10 14.24
C VAL B 468 -35.72 44.20 15.23
N THR B 469 -34.75 44.64 16.03
CA THR B 469 -34.95 45.66 17.04
C THR B 469 -33.95 46.79 16.78
N PRO B 470 -34.39 47.89 16.17
CA PRO B 470 -33.52 49.06 16.01
C PRO B 470 -33.40 49.91 17.26
N LYS B 471 -34.09 49.56 18.35
CA LYS B 471 -34.10 50.35 19.57
C LYS B 471 -32.68 50.71 19.99
N SER B 472 -32.37 52.01 19.92
CA SER B 472 -31.02 52.53 20.07
C SER B 472 -30.93 54.01 19.71
N PRO B 473 -31.28 54.42 18.50
CA PRO B 473 -30.90 55.76 18.04
C PRO B 473 -31.84 56.84 18.57
N TYR B 474 -31.33 58.06 18.62
CA TYR B 474 -32.10 59.22 19.01
C TYR B 474 -32.68 59.94 17.79
N ILE B 475 -32.42 59.42 16.59
CA ILE B 475 -32.90 59.97 15.34
C ILE B 475 -33.72 58.88 14.64
N ASP B 476 -34.45 58.09 15.43
CA ASP B 476 -35.06 56.85 14.96
C ASP B 476 -36.18 57.16 13.97
N LYS B 477 -35.79 57.67 12.81
CA LYS B 477 -36.68 57.92 11.67
C LYS B 477 -36.13 57.10 10.50
N ILE B 478 -36.53 55.84 10.43
CA ILE B 478 -36.00 54.88 9.46
C ILE B 478 -37.12 54.43 8.54
N THR B 479 -36.84 54.42 7.23
CA THR B 479 -37.89 54.10 6.28
C THR B 479 -37.87 52.61 5.90
N HIS B 480 -36.70 52.08 5.55
CA HIS B 480 -36.58 50.65 5.28
C HIS B 480 -35.45 50.04 6.09
N TYR B 481 -35.54 48.72 6.30
CA TYR B 481 -34.40 47.88 6.63
C TYR B 481 -33.97 47.13 5.38
N ASN B 482 -32.70 46.72 5.34
CA ASN B 482 -32.18 45.94 4.22
C ASN B 482 -31.43 44.75 4.76
N TYR B 483 -31.46 43.64 4.00
CA TYR B 483 -30.85 42.41 4.46
C TYR B 483 -30.15 41.70 3.32
N LEU B 484 -28.98 41.12 3.63
CA LEU B 484 -28.24 40.25 2.75
C LEU B 484 -28.11 38.88 3.41
N ILE B 485 -28.12 37.83 2.59
CA ILE B 485 -27.97 36.47 3.07
C ILE B 485 -26.94 35.77 2.21
N LEU B 486 -25.88 35.29 2.84
CA LEU B 486 -24.74 34.67 2.17
C LEU B 486 -24.65 33.20 2.56
N SER B 487 -24.13 32.40 1.63
CA SER B 487 -23.89 30.98 1.86
C SER B 487 -22.81 30.52 0.91
N LYS B 488 -21.82 29.79 1.45
CA LYS B 488 -20.70 29.26 0.68
C LYS B 488 -19.92 30.36 -0.02
N GLY B 489 -19.86 31.55 0.58
CA GLY B 489 -19.02 32.62 0.11
C GLY B 489 -19.64 33.57 -0.90
N LYS B 490 -20.85 33.28 -1.38
CA LYS B 490 -21.49 34.09 -2.39
C LYS B 490 -22.77 34.72 -1.85
N ILE B 491 -23.03 35.95 -2.26
CA ILE B 491 -24.28 36.62 -1.90
C ILE B 491 -25.42 35.94 -2.67
N ILE B 492 -26.27 35.21 -1.96
CA ILE B 492 -27.36 34.51 -2.62
C ILE B 492 -28.72 35.19 -2.42
N HIS B 493 -28.89 36.02 -1.39
CA HIS B 493 -30.16 36.70 -1.21
C HIS B 493 -29.92 38.15 -0.83
N PHE B 494 -30.74 39.05 -1.40
CA PHE B 494 -30.72 40.45 -1.02
C PHE B 494 -32.14 40.98 -1.08
N GLY B 495 -32.49 41.82 -0.10
CA GLY B 495 -33.85 42.33 -0.08
C GLY B 495 -33.97 43.53 0.83
N THR B 496 -35.14 44.16 0.75
CA THR B 496 -35.46 45.36 1.51
C THR B 496 -36.88 45.26 2.04
N ARG B 497 -37.07 45.56 3.32
CA ARG B 497 -38.36 45.49 3.97
C ARG B 497 -38.74 46.86 4.52
N GLU B 498 -40.03 47.17 4.48
CA GLU B 498 -40.52 48.43 5.00
C GLU B 498 -40.51 48.43 6.53
N LYS B 499 -40.62 49.62 7.11
CA LYS B 499 -40.64 49.79 8.55
C LYS B 499 -42.01 50.29 8.99
N PHE B 500 -42.52 49.70 10.06
CA PHE B 500 -43.80 50.12 10.64
C PHE B 500 -43.51 51.22 11.66
N SER B 501 -44.02 52.43 11.38
CA SER B 501 -43.69 53.60 12.19
C SER B 501 -44.21 53.52 13.61
N ASP B 502 -45.15 52.61 13.90
CA ASP B 502 -45.72 52.51 15.24
C ASP B 502 -44.85 51.64 16.16
N ALA B 503 -44.62 50.39 15.78
CA ALA B 503 -43.83 49.48 16.60
C ALA B 503 -42.37 49.54 16.21
N SER B 504 -41.50 49.28 17.19
CA SER B 504 -40.06 49.28 16.95
C SER B 504 -39.58 47.93 16.42
N TYR B 505 -39.78 46.88 17.20
CA TYR B 505 -39.36 45.54 16.78
C TYR B 505 -40.29 45.03 15.69
N GLN B 506 -39.70 44.56 14.60
CA GLN B 506 -40.47 44.08 13.44
C GLN B 506 -40.05 42.65 13.12
N SER B 507 -41.04 41.83 12.78
CA SER B 507 -40.77 40.45 12.39
C SER B 507 -40.65 40.35 10.88
N ILE B 508 -39.54 39.80 10.41
CA ILE B 508 -39.28 39.60 8.99
C ILE B 508 -39.35 38.11 8.71
N ASN B 509 -40.13 37.74 7.69
CA ASN B 509 -40.26 36.36 7.26
C ASN B 509 -39.37 36.12 6.05
N ILE B 510 -38.55 35.07 6.13
CA ILE B 510 -37.59 34.75 5.07
C ILE B 510 -37.74 33.29 4.69
N PRO B 511 -37.84 32.96 3.40
CA PRO B 511 -37.84 31.55 3.01
C PRO B 511 -36.47 30.92 3.19
N VAL B 512 -36.47 29.61 3.40
CA VAL B 512 -35.24 28.81 3.47
C VAL B 512 -35.23 27.87 2.28
N THR B 513 -34.14 27.89 1.53
CA THR B 513 -34.04 27.18 0.26
C THR B 513 -32.81 26.28 0.28
N GLN B 514 -32.66 25.49 -0.79
CA GLN B 514 -31.56 24.54 -0.91
C GLN B 514 -30.22 25.21 -1.13
N ASN B 515 -30.18 26.53 -1.35
CA ASN B 515 -28.92 27.24 -1.50
C ASN B 515 -28.29 27.61 -0.16
N MET B 516 -28.93 27.29 0.96
CA MET B 516 -28.43 27.64 2.29
C MET B 516 -28.21 26.41 3.17
N VAL B 517 -28.01 25.24 2.57
CA VAL B 517 -28.06 23.97 3.30
C VAL B 517 -27.01 23.87 4.40
N PRO B 518 -25.69 23.95 4.12
CA PRO B 518 -24.72 23.64 5.18
C PRO B 518 -24.70 24.67 6.29
N SER B 519 -24.64 25.94 5.91
CA SER B 519 -24.59 27.06 6.85
C SER B 519 -24.90 28.33 6.08
N SER B 520 -25.21 29.39 6.82
CA SER B 520 -25.47 30.67 6.17
C SER B 520 -25.21 31.80 7.15
N ARG B 521 -25.05 33.00 6.59
CA ARG B 521 -24.89 34.21 7.39
C ARG B 521 -25.89 35.25 6.92
N LEU B 522 -26.52 35.93 7.87
CA LEU B 522 -27.51 36.96 7.58
C LEU B 522 -26.98 38.28 8.11
N LEU B 523 -27.21 39.35 7.35
CA LEU B 523 -26.72 40.68 7.70
C LEU B 523 -27.83 41.68 7.47
N VAL B 524 -28.24 42.37 8.52
CA VAL B 524 -29.33 43.34 8.45
C VAL B 524 -28.76 44.72 8.77
N TYR B 525 -29.03 45.70 7.92
CA TYR B 525 -28.52 47.04 8.11
C TYR B 525 -29.56 48.08 7.70
N TYR B 526 -29.34 49.30 8.18
CA TYR B 526 -30.17 50.43 7.76
C TYR B 526 -29.34 51.70 7.83
N ILE B 527 -29.79 52.72 7.10
CA ILE B 527 -29.14 54.02 7.02
C ILE B 527 -29.97 55.02 7.80
N VAL B 528 -29.35 55.67 8.77
CA VAL B 528 -29.97 56.78 9.50
C VAL B 528 -29.38 58.08 8.95
N THR B 529 -30.26 59.03 8.66
CA THR B 529 -29.87 60.30 8.05
C THR B 529 -29.77 61.34 9.15
N GLY B 530 -28.56 61.57 9.65
CA GLY B 530 -28.32 62.61 10.63
C GLY B 530 -28.15 63.97 9.97
N GLU B 531 -27.99 64.98 10.82
CA GLU B 531 -27.79 66.34 10.33
C GLU B 531 -26.40 66.53 9.72
N GLN B 532 -25.45 65.65 10.04
CA GLN B 532 -24.10 65.77 9.52
C GLN B 532 -23.91 64.91 8.27
N THR B 533 -24.09 63.60 8.39
CA THR B 533 -23.93 62.67 7.29
C THR B 533 -24.80 61.44 7.54
N ALA B 534 -25.04 60.69 6.48
CA ALA B 534 -25.73 59.42 6.62
C ALA B 534 -24.84 58.42 7.37
N GLU B 535 -25.49 57.43 7.98
CA GLU B 535 -24.76 56.42 8.75
C GLU B 535 -25.36 55.05 8.50
N LEU B 536 -24.50 54.12 8.08
CA LEU B 536 -24.88 52.71 8.03
C LEU B 536 -24.74 52.10 9.42
N VAL B 537 -25.73 51.31 9.82
CA VAL B 537 -25.64 50.52 11.04
C VAL B 537 -26.11 49.11 10.71
N SER B 538 -25.34 48.11 11.14
CA SER B 538 -25.52 46.75 10.67
C SER B 538 -25.31 45.76 11.80
N ASP B 539 -25.82 44.55 11.59
CA ASP B 539 -25.62 43.44 12.51
C ASP B 539 -25.67 42.14 11.72
N SER B 540 -25.07 41.10 12.29
CA SER B 540 -24.94 39.82 11.61
C SER B 540 -25.38 38.68 12.52
N VAL B 541 -25.79 37.57 11.91
CA VAL B 541 -26.31 36.40 12.60
C VAL B 541 -25.88 35.16 11.82
N TRP B 542 -25.54 34.09 12.52
CA TRP B 542 -25.19 32.82 11.91
C TRP B 542 -26.39 31.87 11.93
N LEU B 543 -26.75 31.37 10.76
CA LEU B 543 -27.90 30.48 10.59
C LEU B 543 -27.38 29.09 10.27
N ASN B 544 -27.57 28.15 11.21
CA ASN B 544 -27.19 26.77 11.00
C ASN B 544 -28.40 25.99 10.49
N ILE B 545 -28.20 25.26 9.39
CA ILE B 545 -29.26 24.51 8.74
C ILE B 545 -28.81 23.06 8.59
N GLU B 546 -29.79 22.15 8.63
CA GLU B 546 -29.49 20.73 8.64
C GLU B 546 -28.79 20.30 7.36
N GLU B 547 -27.91 19.31 7.50
CA GLU B 547 -27.15 18.77 6.37
C GLU B 547 -28.06 17.89 5.55
N LYS B 548 -28.55 18.41 4.43
CA LYS B 548 -29.42 17.68 3.52
C LYS B 548 -28.87 17.78 2.11
N CYS B 549 -28.77 16.64 1.42
CA CYS B 549 -28.27 16.65 0.05
C CYS B 549 -29.31 17.26 -0.89
N GLY B 550 -28.90 17.41 -2.15
CA GLY B 550 -29.82 17.86 -3.18
C GLY B 550 -30.54 16.70 -3.85
N ASN B 551 -29.93 15.52 -3.79
CA ASN B 551 -30.50 14.30 -4.34
C ASN B 551 -30.88 13.29 -3.26
N GLN B 552 -30.02 13.11 -2.26
CA GLN B 552 -30.27 12.20 -1.14
C GLN B 552 -30.53 10.77 -1.63
N LEU B 553 -29.48 10.20 -2.24
CA LEU B 553 -29.56 8.83 -2.72
C LEU B 553 -29.43 7.85 -1.56
N GLN B 554 -30.03 6.68 -1.74
CA GLN B 554 -29.94 5.59 -0.77
C GLN B 554 -29.58 4.31 -1.49
N VAL B 555 -28.77 3.49 -0.82
CA VAL B 555 -28.34 2.19 -1.33
C VAL B 555 -28.79 1.12 -0.35
N HIS B 556 -29.41 0.06 -0.87
CA HIS B 556 -30.00 -0.96 -0.01
C HIS B 556 -29.69 -2.35 -0.56
N LEU B 557 -29.69 -3.34 0.33
CA LEU B 557 -29.60 -4.74 -0.04
C LEU B 557 -30.94 -5.41 0.22
N SER B 558 -31.42 -6.17 -0.77
CA SER B 558 -32.77 -6.75 -0.66
C SER B 558 -32.91 -7.71 0.51
N PRO B 559 -31.97 -8.64 0.77
CA PRO B 559 -32.12 -9.48 1.98
C PRO B 559 -31.62 -8.77 3.22
N ASP B 560 -32.47 -7.95 3.84
CA ASP B 560 -32.05 -7.07 4.92
C ASP B 560 -31.64 -7.83 6.19
N ALA B 561 -31.59 -9.15 6.16
CA ALA B 561 -31.06 -9.89 7.31
C ALA B 561 -29.61 -9.52 7.55
N ASP B 562 -29.24 -9.41 8.83
CA ASP B 562 -27.89 -8.97 9.16
C ASP B 562 -26.83 -9.99 8.73
N ALA B 563 -27.15 -11.28 8.83
CA ALA B 563 -26.19 -12.33 8.52
C ALA B 563 -26.50 -12.96 7.17
N TYR B 564 -25.46 -13.11 6.35
CA TYR B 564 -25.54 -13.77 5.06
C TYR B 564 -24.71 -15.05 5.10
N SER B 565 -24.58 -15.69 3.94
CA SER B 565 -23.73 -16.84 3.82
C SER B 565 -22.72 -16.63 2.69
N PRO B 566 -21.53 -17.24 2.78
CA PRO B 566 -20.52 -17.03 1.73
C PRO B 566 -21.03 -17.52 0.37
N GLY B 567 -20.77 -16.73 -0.65
CA GLY B 567 -21.18 -17.05 -2.00
C GLY B 567 -22.63 -16.79 -2.32
N GLN B 568 -23.41 -16.29 -1.36
CA GLN B 568 -24.82 -16.01 -1.61
C GLN B 568 -24.98 -14.81 -2.52
N THR B 569 -25.89 -14.93 -3.50
CA THR B 569 -26.16 -13.85 -4.42
C THR B 569 -27.00 -12.77 -3.74
N VAL B 570 -26.64 -11.51 -3.98
CA VAL B 570 -27.35 -10.38 -3.40
C VAL B 570 -27.49 -9.29 -4.45
N SER B 571 -28.54 -8.48 -4.31
CA SER B 571 -28.83 -7.39 -5.22
C SER B 571 -28.75 -6.07 -4.45
N LEU B 572 -28.11 -5.08 -5.07
CA LEU B 572 -27.96 -3.75 -4.51
C LEU B 572 -28.84 -2.79 -5.30
N ASN B 573 -29.76 -2.12 -4.60
CA ASN B 573 -30.68 -1.17 -5.22
C ASN B 573 -30.25 0.25 -4.84
N MET B 574 -30.06 1.09 -5.86
CA MET B 574 -29.73 2.49 -5.67
C MET B 574 -30.92 3.34 -6.11
N ALA B 575 -31.36 4.24 -5.23
CA ALA B 575 -32.49 5.11 -5.53
C ALA B 575 -32.09 6.55 -5.23
N THR B 576 -32.30 7.44 -6.20
CA THR B 576 -32.00 8.85 -6.04
C THR B 576 -33.22 9.68 -6.40
N GLY B 577 -33.24 10.91 -5.87
CA GLY B 577 -34.28 11.85 -6.25
C GLY B 577 -34.07 12.51 -7.59
N MET B 578 -32.91 12.31 -8.21
CA MET B 578 -32.62 12.87 -9.52
C MET B 578 -31.46 12.09 -10.12
N ASP B 579 -31.29 12.23 -11.43
CA ASP B 579 -30.20 11.56 -12.13
C ASP B 579 -28.86 11.98 -11.55
N SER B 580 -27.98 11.01 -11.33
CA SER B 580 -26.69 11.30 -10.69
C SER B 580 -25.66 10.28 -11.14
N TRP B 581 -24.42 10.45 -10.69
CA TRP B 581 -23.35 9.49 -10.90
C TRP B 581 -22.91 8.95 -9.55
N VAL B 582 -22.92 7.63 -9.41
CA VAL B 582 -22.62 6.98 -8.14
C VAL B 582 -21.29 6.25 -8.23
N ALA B 583 -20.49 6.37 -7.18
CA ALA B 583 -19.23 5.64 -7.05
C ALA B 583 -19.29 4.89 -5.73
N LEU B 584 -19.08 3.58 -5.77
CA LEU B 584 -19.24 2.70 -4.62
C LEU B 584 -17.88 2.31 -4.06
N ALA B 585 -17.93 1.72 -2.87
CA ALA B 585 -16.74 1.18 -2.21
C ALA B 585 -17.19 0.16 -1.17
N ALA B 586 -16.74 -1.07 -1.30
CA ALA B 586 -17.04 -2.14 -0.34
C ALA B 586 -15.73 -2.55 0.31
N VAL B 587 -15.60 -2.27 1.61
CA VAL B 587 -14.36 -2.50 2.34
C VAL B 587 -14.63 -3.43 3.51
N ASP B 588 -13.54 -3.89 4.12
CA ASP B 588 -13.64 -4.65 5.36
C ASP B 588 -13.80 -3.68 6.52
N SER B 589 -14.80 -3.95 7.37
CA SER B 589 -15.06 -3.05 8.49
C SER B 589 -13.96 -3.08 9.54
N ALA B 590 -13.16 -4.14 9.58
CA ALA B 590 -12.06 -4.22 10.53
C ALA B 590 -10.82 -3.46 10.07
N VAL B 591 -10.80 -2.97 8.83
CA VAL B 591 -9.64 -2.23 8.34
C VAL B 591 -9.49 -0.91 9.09
N TYR B 592 -10.57 -0.40 9.66
CA TYR B 592 -10.51 0.83 10.44
C TYR B 592 -9.98 0.62 11.84
N GLY B 593 -9.81 -0.64 12.26
CA GLY B 593 -9.14 -0.96 13.51
C GLY B 593 -9.78 -0.34 14.74
N VAL B 594 -9.12 0.66 15.30
CA VAL B 594 -9.64 1.35 16.48
C VAL B 594 -10.98 1.98 16.13
N GLN B 595 -12.02 1.58 16.85
CA GLN B 595 -13.36 2.11 16.57
C GLN B 595 -13.46 3.59 16.90
N ARG B 596 -12.59 4.09 17.78
CA ARG B 596 -12.56 5.51 18.12
C ARG B 596 -11.77 6.27 17.05
N GLY B 597 -12.35 7.37 16.58
CA GLY B 597 -11.68 8.20 15.60
C GLY B 597 -11.42 7.54 14.25
N ALA B 598 -12.40 6.79 13.74
CA ALA B 598 -12.29 6.14 12.44
C ALA B 598 -12.74 7.15 11.39
N LYS B 599 -11.80 7.96 10.90
CA LYS B 599 -12.10 9.02 9.95
C LYS B 599 -11.88 8.51 8.53
N LYS B 600 -12.91 8.67 7.71
CA LYS B 600 -12.85 8.32 6.29
C LYS B 600 -12.99 9.61 5.49
N PRO B 601 -12.73 9.59 4.18
CA PRO B 601 -13.06 10.78 3.37
C PRO B 601 -14.53 11.15 3.45
N LEU B 602 -15.41 10.17 3.62
CA LEU B 602 -16.83 10.46 3.80
C LEU B 602 -17.09 11.19 5.11
N GLU B 603 -16.26 10.95 6.13
CA GLU B 603 -16.42 11.67 7.39
C GLU B 603 -15.89 13.10 7.30
N ARG B 604 -14.79 13.31 6.58
CA ARG B 604 -14.15 14.60 6.49
C ARG B 604 -14.65 15.46 5.33
N VAL B 605 -15.55 14.95 4.49
CA VAL B 605 -15.96 15.69 3.31
C VAL B 605 -16.67 16.98 3.70
N PHE B 606 -17.58 16.92 4.68
CA PHE B 606 -18.33 18.11 5.08
C PHE B 606 -17.40 19.15 5.71
N GLN B 607 -16.51 18.70 6.59
CA GLN B 607 -15.60 19.63 7.25
C GLN B 607 -14.64 20.28 6.27
N PHE B 608 -14.15 19.52 5.28
CA PHE B 608 -13.28 20.10 4.26
C PHE B 608 -14.05 21.02 3.33
N LEU B 609 -15.32 20.71 3.07
CA LEU B 609 -16.16 21.50 2.18
C LEU B 609 -16.62 22.80 2.79
N GLU B 610 -16.74 22.86 4.12
CA GLU B 610 -17.17 24.08 4.80
C GLU B 610 -16.15 25.21 4.74
N LYS B 611 -14.92 24.94 4.30
CA LYS B 611 -13.90 25.98 4.26
C LYS B 611 -14.23 27.09 3.28
N SER B 612 -15.21 26.88 2.39
CA SER B 612 -15.52 27.88 1.38
C SER B 612 -16.20 29.12 1.94
N ASP B 613 -16.64 29.10 3.20
CA ASP B 613 -17.30 30.24 3.80
C ASP B 613 -16.25 31.25 4.24
N LEU B 614 -16.26 32.44 3.63
CA LEU B 614 -15.20 33.41 3.84
C LEU B 614 -15.30 34.09 5.20
N GLY B 615 -16.49 34.18 5.77
CA GLY B 615 -16.66 34.83 7.05
C GLY B 615 -16.15 34.01 8.20
N CYS B 616 -16.16 34.62 9.38
CA CYS B 616 -15.75 33.93 10.60
C CYS B 616 -16.47 34.55 11.78
N GLY B 617 -16.54 33.79 12.87
CA GLY B 617 -17.23 34.22 14.07
C GLY B 617 -18.69 33.84 14.08
N ALA B 618 -19.32 34.09 15.23
CA ALA B 618 -20.73 33.77 15.44
C ALA B 618 -21.65 34.97 15.29
N GLY B 619 -21.11 36.12 14.85
CA GLY B 619 -21.90 37.30 14.59
C GLY B 619 -21.29 38.53 15.22
N GLY B 620 -22.08 39.59 15.26
CA GLY B 620 -21.66 40.83 15.89
C GLY B 620 -20.56 41.54 15.12
N GLY B 621 -19.98 42.54 15.78
CA GLY B 621 -18.85 43.25 15.22
C GLY B 621 -18.46 44.41 16.09
N LEU B 622 -17.23 44.89 15.86
CA LEU B 622 -16.74 46.06 16.59
C LEU B 622 -17.48 47.31 16.15
N ASN B 623 -17.65 47.51 14.85
CA ASN B 623 -18.47 48.57 14.29
C ASN B 623 -19.04 48.08 12.96
N ASN B 624 -19.57 49.02 12.17
CA ASN B 624 -20.17 48.64 10.89
C ASN B 624 -19.15 48.00 9.97
N ALA B 625 -17.95 48.58 9.88
CA ALA B 625 -16.91 48.01 9.04
C ALA B 625 -16.55 46.60 9.48
N ASN B 626 -16.41 46.39 10.79
CA ASN B 626 -16.10 45.06 11.28
C ASN B 626 -17.26 44.09 11.08
N VAL B 627 -18.49 44.57 11.16
CA VAL B 627 -19.64 43.71 10.91
C VAL B 627 -19.64 43.25 9.46
N PHE B 628 -19.37 44.15 8.52
CA PHE B 628 -19.30 43.76 7.11
C PHE B 628 -18.09 42.87 6.84
N HIS B 629 -16.98 43.09 7.54
CA HIS B 629 -15.77 42.31 7.30
C HIS B 629 -15.89 40.89 7.84
N LEU B 630 -16.45 40.74 9.04
CA LEU B 630 -16.57 39.41 9.65
C LEU B 630 -17.55 38.54 8.88
N ALA B 631 -18.58 39.12 8.29
CA ALA B 631 -19.56 38.34 7.55
C ALA B 631 -19.02 37.80 6.23
N GLY B 632 -17.83 38.23 5.81
CA GLY B 632 -17.31 37.84 4.53
C GLY B 632 -17.70 38.76 3.39
N LEU B 633 -17.92 40.04 3.68
CA LEU B 633 -18.41 41.00 2.71
C LEU B 633 -17.51 42.23 2.69
N THR B 634 -17.64 43.01 1.61
CA THR B 634 -16.97 44.29 1.53
C THR B 634 -17.83 45.23 0.68
N PHE B 635 -17.88 46.50 1.07
CA PHE B 635 -18.88 47.41 0.55
C PHE B 635 -18.26 48.71 0.06
N LEU B 636 -19.05 49.42 -0.73
CA LEU B 636 -18.71 50.72 -1.30
C LEU B 636 -19.92 51.62 -1.09
N THR B 637 -19.81 52.57 -0.17
CA THR B 637 -20.88 53.52 0.14
C THR B 637 -20.25 54.89 0.41
N ASN B 638 -21.06 55.79 0.97
CA ASN B 638 -20.60 57.11 1.37
C ASN B 638 -20.65 57.35 2.87
N ALA B 639 -21.53 56.65 3.59
CA ALA B 639 -21.67 56.88 5.02
C ALA B 639 -20.42 56.48 5.78
N ASN B 640 -19.93 55.27 5.54
CA ASN B 640 -18.75 54.75 6.21
C ASN B 640 -17.82 54.11 5.19
N ALA B 641 -16.52 54.31 5.37
CA ALA B 641 -15.52 53.72 4.50
C ALA B 641 -14.97 52.45 5.13
N ASP B 642 -14.95 51.37 4.36
CA ASP B 642 -14.49 50.09 4.86
C ASP B 642 -12.96 50.00 4.80
N ASP B 643 -12.37 49.52 5.89
CA ASP B 643 -10.92 49.38 5.99
C ASP B 643 -10.56 47.93 5.71
N SER B 644 -10.59 47.56 4.43
CA SER B 644 -10.23 46.22 3.99
C SER B 644 -8.80 46.11 3.49
N GLN B 645 -8.06 47.22 3.49
CA GLN B 645 -6.67 47.19 3.02
C GLN B 645 -5.81 46.32 3.93
N GLU B 646 -5.99 46.44 5.23
CA GLU B 646 -5.19 45.71 6.21
C GLU B 646 -5.85 44.42 6.67
N ASN B 647 -6.98 44.05 6.09
CA ASN B 647 -7.80 42.94 6.59
C ASN B 647 -7.54 41.69 5.75
N ASP B 648 -6.56 40.89 6.19
CA ASP B 648 -6.34 39.54 5.68
C ASP B 648 -5.90 38.72 6.90
N GLU B 649 -6.87 38.13 7.59
CA GLU B 649 -6.63 37.48 8.87
C GLU B 649 -7.37 36.15 8.92
N PRO B 650 -6.82 35.18 9.64
CA PRO B 650 -7.55 33.93 9.89
C PRO B 650 -8.39 34.02 11.16
N CYS B 651 -9.41 33.17 11.21
CA CYS B 651 -10.31 33.12 12.35
C CYS B 651 -10.54 31.68 12.76
N LYS B 652 -10.91 31.49 14.02
CA LYS B 652 -11.20 30.15 14.54
C LYS B 652 -12.55 29.66 14.04
N LEU C 2 20.23 -5.20 38.71
CA LEU C 2 19.76 -6.07 37.63
C LEU C 2 19.93 -5.38 36.27
N GLN C 3 18.80 -5.06 35.63
CA GLN C 3 18.83 -4.41 34.33
C GLN C 3 19.41 -3.00 34.39
N LYS C 4 19.55 -2.42 35.59
CA LYS C 4 20.06 -1.07 35.71
C LYS C 4 21.49 -0.95 35.20
N LYS C 5 22.29 -2.00 35.34
CA LYS C 5 23.69 -1.93 34.94
C LYS C 5 23.83 -1.71 33.43
N ILE C 6 23.06 -2.46 32.63
CA ILE C 6 23.10 -2.27 31.19
C ILE C 6 22.45 -0.94 30.81
N GLU C 7 21.34 -0.60 31.46
CA GLU C 7 20.64 0.64 31.16
C GLU C 7 21.51 1.86 31.40
N GLU C 8 22.41 1.80 32.40
CA GLU C 8 23.32 2.89 32.66
C GLU C 8 24.12 3.24 31.41
N ILE C 9 24.80 2.25 30.84
CA ILE C 9 25.61 2.47 29.65
C ILE C 9 24.72 2.86 28.47
N ALA C 10 23.59 2.16 28.31
CA ALA C 10 22.73 2.38 27.15
C ALA C 10 22.19 3.80 27.10
N ALA C 11 21.74 4.32 28.24
CA ALA C 11 21.20 5.66 28.33
C ALA C 11 22.24 6.73 28.64
N LYS C 12 23.49 6.33 28.89
CA LYS C 12 24.56 7.30 29.08
C LYS C 12 25.32 7.60 27.80
N TYR C 13 25.50 6.60 26.94
CA TYR C 13 26.16 6.86 25.66
C TYR C 13 25.32 7.80 24.80
N LYS C 14 24.00 7.58 24.76
CA LYS C 14 23.06 8.47 24.08
C LYS C 14 23.41 8.67 22.61
N HIS C 15 23.86 7.61 21.94
CA HIS C 15 24.20 7.65 20.53
C HIS C 15 23.27 6.73 19.77
N SER C 16 22.77 7.23 18.62
CA SER C 16 21.79 6.46 17.85
C SER C 16 22.37 5.14 17.36
N VAL C 17 23.60 5.18 16.84
CA VAL C 17 24.24 3.96 16.35
C VAL C 17 24.68 3.06 17.50
N VAL C 18 25.25 3.64 18.56
CA VAL C 18 25.79 2.86 19.66
C VAL C 18 24.68 2.17 20.45
N LYS C 19 23.49 2.77 20.53
CA LYS C 19 22.40 2.15 21.26
C LYS C 19 22.00 0.81 20.66
N LYS C 20 21.87 0.75 19.33
CA LYS C 20 21.54 -0.51 18.68
C LYS C 20 22.66 -1.54 18.86
N CYS C 21 23.92 -1.08 18.77
CA CYS C 21 25.04 -2.00 18.95
C CYS C 21 25.00 -2.63 20.34
N CYS C 22 24.76 -1.82 21.37
CA CYS C 22 24.62 -2.38 22.72
C CYS C 22 23.41 -3.29 22.83
N TYR C 23 22.30 -2.90 22.18
CA TYR C 23 21.08 -3.69 22.26
C TYR C 23 21.29 -5.10 21.74
N ASP C 24 21.85 -5.23 20.53
CA ASP C 24 22.10 -6.57 20.00
C ASP C 24 23.37 -7.19 20.55
N GLY C 25 24.17 -6.45 21.32
CA GLY C 25 25.20 -7.09 22.11
C GLY C 25 24.68 -7.73 23.37
N ALA C 26 23.57 -7.22 23.90
CA ALA C 26 22.97 -7.80 25.09
C ALA C 26 22.11 -9.02 24.79
N CYS C 27 21.92 -9.36 23.51
CA CYS C 27 21.10 -10.51 23.15
C CYS C 27 21.74 -11.81 23.63
N VAL C 28 20.89 -12.76 24.02
CA VAL C 28 21.38 -14.05 24.51
C VAL C 28 22.00 -14.83 23.35
N ASN C 29 23.17 -15.42 23.61
CA ASN C 29 23.82 -16.28 22.63
C ASN C 29 24.74 -17.22 23.41
N ASN C 30 24.38 -18.50 23.46
CA ASN C 30 25.16 -19.48 24.21
C ASN C 30 26.26 -20.13 23.38
N ASP C 31 26.10 -20.16 22.05
CA ASP C 31 27.03 -20.92 21.21
C ASP C 31 28.38 -20.25 21.03
N GLU C 32 28.44 -18.92 21.06
CA GLU C 32 29.68 -18.21 20.79
C GLU C 32 29.90 -17.13 21.84
N THR C 33 31.17 -16.76 22.01
CA THR C 33 31.57 -15.80 23.03
C THR C 33 31.33 -14.37 22.55
N CYS C 34 31.61 -13.42 23.43
CA CYS C 34 31.33 -12.01 23.14
C CYS C 34 32.29 -11.46 22.10
N GLU C 35 33.58 -11.78 22.21
CA GLU C 35 34.56 -11.28 21.25
C GLU C 35 34.30 -11.85 19.86
N GLN C 36 33.89 -13.11 19.78
CA GLN C 36 33.53 -13.69 18.49
C GLN C 36 32.37 -12.93 17.87
N ARG C 37 31.37 -12.56 18.68
CA ARG C 37 30.26 -11.77 18.17
C ARG C 37 30.73 -10.40 17.69
N ALA C 38 31.61 -9.76 18.44
CA ALA C 38 32.12 -8.44 18.05
C ALA C 38 32.99 -8.50 16.80
N ALA C 39 33.56 -9.68 16.50
CA ALA C 39 34.46 -9.78 15.35
C ALA C 39 33.78 -9.46 14.03
N ARG C 40 32.48 -9.71 13.91
CA ARG C 40 31.77 -9.55 12.65
C ARG C 40 31.26 -8.13 12.41
N ILE C 41 31.36 -7.24 13.40
CA ILE C 41 30.81 -5.90 13.25
C ILE C 41 31.68 -5.09 12.30
N SER C 42 31.04 -4.43 11.33
CA SER C 42 31.73 -3.62 10.34
C SER C 42 31.50 -2.13 10.53
N LEU C 43 30.84 -1.73 11.63
CA LEU C 43 30.55 -0.32 11.84
C LEU C 43 31.73 0.47 12.42
N GLY C 44 32.75 -0.22 12.94
CA GLY C 44 33.88 0.45 13.53
C GLY C 44 33.92 0.27 15.03
N PRO C 45 35.04 0.67 15.66
CA PRO C 45 35.20 0.48 17.11
C PRO C 45 34.19 1.26 17.95
N ARG C 46 33.60 2.31 17.38
CA ARG C 46 32.81 3.28 18.14
C ARG C 46 31.74 2.58 18.97
N CYS C 47 30.98 1.68 18.36
CA CYS C 47 30.11 0.85 19.17
C CYS C 47 30.69 -0.53 19.44
N ILE C 48 31.90 -0.84 18.98
CA ILE C 48 32.46 -2.14 19.36
C ILE C 48 32.74 -2.15 20.85
N LYS C 49 33.19 -1.01 21.40
CA LYS C 49 33.44 -0.94 22.83
C LYS C 49 32.17 -1.19 23.63
N ALA C 50 31.09 -0.49 23.29
CA ALA C 50 29.82 -0.69 23.99
C ALA C 50 29.24 -2.07 23.72
N PHE C 51 29.42 -2.61 22.53
CA PHE C 51 28.93 -3.96 22.24
C PHE C 51 29.61 -4.98 23.14
N THR C 52 30.94 -4.90 23.26
CA THR C 52 31.66 -5.82 24.13
C THR C 52 31.25 -5.64 25.59
N GLU C 53 31.15 -4.39 26.05
CA GLU C 53 30.78 -4.13 27.44
C GLU C 53 29.38 -4.66 27.75
N CYS C 54 28.42 -4.37 26.87
CA CYS C 54 27.04 -4.82 27.09
C CYS C 54 26.94 -6.34 27.02
N CYS C 55 27.68 -6.97 26.11
CA CYS C 55 27.69 -8.43 26.05
C CYS C 55 28.23 -9.02 27.35
N VAL C 56 29.33 -8.46 27.86
CA VAL C 56 29.91 -8.97 29.10
C VAL C 56 28.92 -8.80 30.25
N VAL C 57 28.28 -7.63 30.34
CA VAL C 57 27.33 -7.39 31.43
C VAL C 57 26.14 -8.32 31.32
N ALA C 58 25.61 -8.51 30.11
CA ALA C 58 24.47 -9.40 29.93
C ALA C 58 24.82 -10.84 30.29
N SER C 59 26.02 -11.29 29.91
CA SER C 59 26.45 -12.63 30.29
C SER C 59 26.58 -12.76 31.80
N GLN C 60 27.11 -11.73 32.46
CA GLN C 60 27.30 -11.79 33.91
C GLN C 60 25.97 -11.81 34.64
N LEU C 61 25.00 -11.00 34.19
CA LEU C 61 23.75 -10.84 34.93
C LEU C 61 22.82 -12.03 34.82
N ARG C 62 23.09 -12.98 33.93
CA ARG C 62 22.22 -14.13 33.72
C ARG C 62 22.73 -15.39 34.40
N ALA C 63 23.44 -15.25 35.53
CA ALA C 63 24.02 -16.40 36.20
C ALA C 63 23.08 -16.95 37.28
N ASN C 64 22.71 -16.12 38.24
CA ASN C 64 21.95 -16.56 39.40
C ASN C 64 20.44 -16.38 39.24
N ILE C 65 19.98 -15.86 38.12
CA ILE C 65 18.55 -15.59 37.94
C ILE C 65 17.88 -16.83 37.35
N SER C 66 16.66 -17.10 37.80
CA SER C 66 15.87 -18.21 37.30
C SER C 66 15.16 -17.78 36.03
N HIS C 67 14.22 -18.59 35.56
CA HIS C 67 13.48 -18.28 34.33
C HIS C 67 12.30 -17.35 34.59
N LYS C 68 12.55 -16.29 35.36
CA LYS C 68 11.59 -15.21 35.55
C LYS C 68 12.13 -13.88 35.05
N ASP C 69 13.36 -13.51 35.43
CA ASP C 69 13.99 -12.30 34.94
C ASP C 69 14.64 -12.46 33.58
N MET C 70 14.83 -13.70 33.12
CA MET C 70 15.39 -13.93 31.79
C MET C 70 14.48 -13.40 30.69
N GLN C 71 13.19 -13.26 30.97
CA GLN C 71 12.26 -12.62 30.05
C GLN C 71 11.99 -11.16 30.41
N LEU C 72 12.02 -10.83 31.70
CA LEU C 72 11.84 -9.44 32.12
C LEU C 72 12.92 -8.55 31.54
N GLY C 73 14.18 -9.01 31.58
CA GLY C 73 15.27 -8.22 31.05
C GLY C 73 15.15 -8.01 29.54
N ARG C 74 14.83 -9.08 28.81
CA ARG C 74 14.72 -8.96 27.36
C ARG C 74 13.52 -8.13 26.95
N LEU C 75 12.45 -8.13 27.74
CA LEU C 75 11.28 -7.33 27.38
C LEU C 75 11.41 -5.89 27.83
N HIS C 76 12.24 -5.62 28.85
CA HIS C 76 12.57 -4.24 29.16
C HIS C 76 13.57 -3.67 28.18
N MET C 77 14.49 -4.50 27.68
CA MET C 77 15.46 -4.07 26.68
C MET C 77 14.84 -3.96 25.30
N LYS C 78 13.70 -4.62 25.07
CA LYS C 78 13.03 -4.54 23.77
C LYS C 78 12.49 -3.15 23.47
N THR C 79 12.43 -2.27 24.47
CA THR C 79 11.84 -0.95 24.32
C THR C 79 12.82 0.13 24.77
N LEU C 80 12.58 1.34 24.26
CA LEU C 80 13.32 2.57 24.55
C LEU C 80 14.72 2.57 23.94
N LEU C 81 15.19 1.42 23.47
CA LEU C 81 16.37 1.42 22.62
C LEU C 81 15.98 1.65 21.16
N PRO C 82 15.01 0.93 20.60
CA PRO C 82 14.49 1.28 19.29
C PRO C 82 13.25 2.15 19.38
N VAL C 83 12.88 2.74 18.25
CA VAL C 83 11.69 3.58 18.20
C VAL C 83 10.45 2.74 17.91
N SER C 84 10.41 2.11 16.74
CA SER C 84 9.29 1.27 16.32
C SER C 84 9.65 0.60 15.01
N LYS C 85 8.89 -0.44 14.67
CA LYS C 85 8.98 -1.09 13.36
C LYS C 85 7.56 -1.26 12.85
N PRO C 86 7.21 -0.67 11.71
CA PRO C 86 5.83 -0.74 11.22
C PRO C 86 5.46 -2.15 10.80
N GLU C 87 4.44 -2.72 11.45
CA GLU C 87 4.13 -4.13 11.34
C GLU C 87 2.66 -4.42 11.71
N ILE C 88 1.91 -5.00 10.77
CA ILE C 88 0.53 -5.38 11.03
C ILE C 88 0.42 -6.90 10.96
N ARG C 89 -0.42 -7.46 11.83
CA ARG C 89 -0.58 -8.91 11.95
C ARG C 89 -1.89 -9.43 11.40
N SER C 90 -2.76 -8.57 10.90
CA SER C 90 -4.02 -8.98 10.28
C SER C 90 -4.01 -8.61 8.81
N TYR C 91 -4.54 -9.51 7.98
CA TYR C 91 -4.55 -9.33 6.54
C TYR C 91 -5.99 -9.14 6.07
N PHE C 92 -6.24 -8.02 5.37
CA PHE C 92 -7.55 -7.68 4.86
C PHE C 92 -7.61 -7.87 3.35
N PRO C 93 -8.68 -8.49 2.84
CA PRO C 93 -8.75 -8.77 1.40
C PRO C 93 -8.97 -7.50 0.59
N GLU C 94 -8.62 -7.59 -0.69
CA GLU C 94 -8.78 -6.47 -1.60
C GLU C 94 -10.24 -6.09 -1.74
N SER C 95 -10.52 -4.79 -1.72
CA SER C 95 -11.89 -4.31 -1.82
C SER C 95 -12.47 -4.59 -3.20
N TRP C 96 -13.78 -4.80 -3.23
CA TRP C 96 -14.53 -5.00 -4.47
C TRP C 96 -15.56 -3.88 -4.60
N LEU C 97 -16.31 -3.92 -5.71
CA LEU C 97 -17.33 -2.92 -6.03
C LEU C 97 -16.73 -1.51 -6.08
N TRP C 98 -15.81 -1.33 -7.02
CA TRP C 98 -15.18 -0.04 -7.27
C TRP C 98 -15.74 0.65 -8.51
N GLU C 99 -16.85 0.15 -9.05
CA GLU C 99 -17.37 0.67 -10.31
C GLU C 99 -18.01 2.05 -10.11
N VAL C 100 -18.17 2.75 -11.22
CA VAL C 100 -18.85 4.04 -11.26
C VAL C 100 -19.99 3.94 -12.26
N HIS C 101 -21.20 4.20 -11.80
CA HIS C 101 -22.40 4.06 -12.63
C HIS C 101 -23.15 5.37 -12.71
N LEU C 102 -24.11 5.43 -13.64
CA LEU C 102 -25.06 6.53 -13.74
C LEU C 102 -26.42 6.02 -13.29
N VAL C 103 -27.01 6.66 -12.29
CA VAL C 103 -28.29 6.26 -11.75
C VAL C 103 -29.35 7.22 -12.25
N PRO C 104 -30.29 6.77 -13.08
CA PRO C 104 -31.47 7.57 -13.44
C PRO C 104 -32.61 7.37 -12.44
N ARG C 105 -32.32 7.64 -11.17
CA ARG C 105 -33.20 7.60 -10.01
C ARG C 105 -33.62 6.19 -9.61
N ARG C 106 -33.23 5.15 -10.36
CA ARG C 106 -33.51 3.77 -9.96
C ARG C 106 -32.56 2.85 -10.69
N LYS C 107 -31.72 2.12 -9.95
CA LYS C 107 -30.84 1.14 -10.55
C LYS C 107 -30.74 -0.08 -9.63
N GLN C 108 -30.47 -1.23 -10.23
CA GLN C 108 -30.30 -2.48 -9.47
C GLN C 108 -29.15 -3.26 -10.06
N LEU C 109 -28.24 -3.72 -9.19
CA LEU C 109 -27.14 -4.58 -9.58
C LEU C 109 -27.27 -5.91 -8.85
N GLN C 110 -26.73 -6.96 -9.45
CA GLN C 110 -26.69 -8.28 -8.83
C GLN C 110 -25.26 -8.79 -8.81
N PHE C 111 -24.86 -9.40 -7.70
CA PHE C 111 -23.52 -9.96 -7.59
C PHE C 111 -23.52 -11.02 -6.48
N ALA C 112 -22.33 -11.48 -6.13
CA ALA C 112 -22.17 -12.50 -5.11
C ALA C 112 -21.10 -12.06 -4.11
N LEU C 113 -21.39 -12.24 -2.83
CA LEU C 113 -20.44 -11.90 -1.79
C LEU C 113 -19.23 -12.84 -1.86
N PRO C 114 -18.04 -12.34 -1.53
CA PRO C 114 -16.85 -13.20 -1.56
C PRO C 114 -16.87 -14.20 -0.42
N ASP C 115 -16.12 -15.29 -0.61
CA ASP C 115 -16.03 -16.37 0.37
C ASP C 115 -15.10 -15.94 1.49
N SER C 116 -15.66 -15.22 2.47
CA SER C 116 -14.88 -14.76 3.61
C SER C 116 -15.80 -14.36 4.77
N LEU C 117 -15.54 -14.89 5.96
CA LEU C 117 -16.34 -14.57 7.14
C LEU C 117 -16.01 -13.17 7.61
N THR C 118 -16.70 -12.16 7.06
CA THR C 118 -16.25 -10.79 7.20
C THR C 118 -17.44 -9.84 7.23
N THR C 119 -17.28 -8.74 7.96
CA THR C 119 -18.34 -7.74 8.07
C THR C 119 -18.09 -6.65 7.03
N TRP C 120 -18.59 -6.89 5.81
CA TRP C 120 -18.36 -5.96 4.71
C TRP C 120 -19.16 -4.69 4.94
N GLU C 121 -18.51 -3.54 4.75
CA GLU C 121 -19.16 -2.24 4.82
C GLU C 121 -19.17 -1.64 3.43
N ILE C 122 -20.35 -1.37 2.90
CA ILE C 122 -20.53 -0.87 1.54
C ILE C 122 -21.08 0.54 1.61
N GLN C 123 -20.44 1.46 0.87
CA GLN C 123 -20.76 2.87 0.90
C GLN C 123 -20.80 3.40 -0.53
N GLY C 124 -21.51 4.51 -0.71
CA GLY C 124 -21.64 5.11 -2.03
C GLY C 124 -21.73 6.62 -2.01
N VAL C 125 -21.07 7.28 -2.96
CA VAL C 125 -21.05 8.72 -3.07
C VAL C 125 -21.63 9.11 -4.42
N GLY C 126 -22.58 10.04 -4.41
CA GLY C 126 -23.25 10.43 -5.63
C GLY C 126 -23.07 11.91 -5.93
N ILE C 127 -22.65 12.19 -7.16
CA ILE C 127 -22.35 13.55 -7.60
C ILE C 127 -23.23 13.88 -8.80
N SER C 128 -23.75 15.11 -8.81
CA SER C 128 -24.57 15.60 -9.92
C SER C 128 -24.51 17.12 -9.92
N ASN C 129 -25.29 17.74 -10.80
CA ASN C 129 -25.25 19.19 -10.96
C ASN C 129 -25.61 19.94 -9.68
N THR C 130 -26.35 19.30 -8.77
CA THR C 130 -26.65 19.94 -7.50
C THR C 130 -25.44 19.92 -6.56
N GLY C 131 -24.67 18.84 -6.59
CA GLY C 131 -23.51 18.75 -5.73
C GLY C 131 -23.19 17.30 -5.41
N ILE C 132 -22.62 17.09 -4.23
CA ILE C 132 -22.16 15.79 -3.77
C ILE C 132 -22.98 15.37 -2.55
N CYS C 133 -23.37 14.09 -2.54
CA CYS C 133 -24.07 13.51 -1.41
C CYS C 133 -23.40 12.19 -1.02
N VAL C 134 -23.37 11.91 0.28
CA VAL C 134 -22.81 10.69 0.81
C VAL C 134 -23.95 9.85 1.37
N ALA C 135 -24.19 8.69 0.78
CA ALA C 135 -25.26 7.82 1.23
C ALA C 135 -24.88 7.16 2.56
N ASP C 136 -25.90 6.71 3.27
CA ASP C 136 -25.67 6.01 4.53
C ASP C 136 -24.99 4.67 4.27
N THR C 137 -24.02 4.34 5.10
CA THR C 137 -23.28 3.09 4.95
C THR C 137 -24.19 1.90 5.25
N VAL C 138 -23.90 0.78 4.59
CA VAL C 138 -24.66 -0.45 4.76
C VAL C 138 -23.73 -1.54 5.24
N LYS C 139 -24.12 -2.23 6.30
CA LYS C 139 -23.31 -3.29 6.91
C LYS C 139 -23.91 -4.64 6.54
N ALA C 140 -23.09 -5.52 5.96
CA ALA C 140 -23.52 -6.88 5.63
C ALA C 140 -22.43 -7.82 6.09
N LYS C 141 -22.73 -8.66 7.08
CA LYS C 141 -21.74 -9.56 7.65
C LYS C 141 -21.97 -10.97 7.11
N VAL C 142 -20.90 -11.56 6.58
CA VAL C 142 -20.91 -12.94 6.10
C VAL C 142 -20.36 -13.80 7.21
N PHE C 143 -21.19 -14.72 7.72
CA PHE C 143 -20.87 -15.48 8.92
C PHE C 143 -21.47 -16.87 8.79
N LYS C 144 -20.63 -17.90 8.90
CA LYS C 144 -21.07 -19.29 8.85
C LYS C 144 -20.97 -19.86 10.26
N ASP C 145 -22.09 -20.40 10.76
CA ASP C 145 -22.17 -20.77 12.16
C ASP C 145 -21.45 -22.08 12.48
N VAL C 146 -21.36 -23.00 11.52
CA VAL C 146 -20.62 -24.25 11.70
C VAL C 146 -19.62 -24.37 10.57
N PHE C 147 -18.34 -24.46 10.91
CA PHE C 147 -17.27 -24.35 9.93
C PHE C 147 -16.25 -25.46 10.15
N LEU C 148 -15.54 -25.81 9.08
CA LEU C 148 -14.48 -26.81 9.15
C LEU C 148 -13.26 -26.27 8.42
N GLU C 149 -12.16 -26.10 9.14
CA GLU C 149 -10.92 -25.59 8.56
C GLU C 149 -9.86 -26.67 8.65
N MET C 150 -9.26 -27.02 7.51
CA MET C 150 -8.32 -28.13 7.43
C MET C 150 -6.92 -27.59 7.18
N ASN C 151 -5.95 -28.07 7.94
CA ASN C 151 -4.56 -27.66 7.79
C ASN C 151 -3.83 -28.70 6.94
N ILE C 152 -3.52 -28.34 5.71
CA ILE C 152 -2.91 -29.24 4.74
C ILE C 152 -1.46 -28.84 4.55
N PRO C 153 -0.49 -29.72 4.81
CA PRO C 153 0.91 -29.38 4.53
C PRO C 153 1.15 -29.15 3.05
N TYR C 154 2.10 -28.26 2.75
CA TYR C 154 2.33 -27.86 1.37
C TYR C 154 2.74 -29.04 0.48
N SER C 155 3.68 -29.85 0.96
CA SER C 155 4.18 -30.97 0.18
C SER C 155 4.40 -32.17 1.07
N VAL C 156 4.25 -33.36 0.48
CA VAL C 156 4.53 -34.61 1.16
C VAL C 156 5.25 -35.53 0.17
N VAL C 157 5.93 -36.54 0.71
CA VAL C 157 6.69 -37.49 -0.08
C VAL C 157 6.01 -38.86 0.04
N ARG C 158 5.81 -39.53 -1.09
CA ARG C 158 5.13 -40.82 -1.07
C ARG C 158 5.93 -41.83 -0.25
N GLY C 159 5.23 -42.59 0.58
CA GLY C 159 5.85 -43.53 1.49
C GLY C 159 5.83 -43.11 2.94
N GLU C 160 5.10 -42.05 3.30
CA GLU C 160 4.99 -41.60 4.67
C GLU C 160 3.60 -41.82 5.22
N GLN C 161 3.54 -42.13 6.52
CA GLN C 161 2.30 -42.11 7.28
C GLN C 161 2.10 -40.70 7.81
N ILE C 162 1.23 -39.93 7.16
CA ILE C 162 1.05 -38.52 7.50
C ILE C 162 -0.34 -38.35 8.10
N GLN C 163 -0.39 -37.69 9.25
CA GLN C 163 -1.65 -37.30 9.86
C GLN C 163 -1.88 -35.82 9.60
N LEU C 164 -3.06 -35.50 9.09
CA LEU C 164 -3.49 -34.13 8.87
C LEU C 164 -4.55 -33.79 9.89
N LYS C 165 -4.34 -32.68 10.61
CA LYS C 165 -5.20 -32.28 11.72
C LYS C 165 -5.88 -30.96 11.39
N GLY C 166 -7.15 -30.86 11.75
CA GLY C 166 -7.93 -29.67 11.46
C GLY C 166 -8.89 -29.38 12.59
N THR C 167 -9.65 -28.31 12.40
CA THR C 167 -10.50 -27.77 13.45
C THR C 167 -11.95 -27.70 12.97
N VAL C 168 -12.87 -28.09 13.85
CA VAL C 168 -14.29 -27.90 13.66
C VAL C 168 -14.71 -26.75 14.56
N TYR C 169 -15.19 -25.66 13.95
CA TYR C 169 -15.62 -24.47 14.67
C TYR C 169 -17.13 -24.43 14.77
N ASN C 170 -17.61 -24.15 15.99
CA ASN C 170 -19.04 -24.09 16.29
C ASN C 170 -19.35 -22.72 16.90
N TYR C 171 -20.13 -21.92 16.18
CA TYR C 171 -20.53 -20.60 16.64
C TYR C 171 -21.93 -20.58 17.24
N ARG C 172 -22.59 -21.73 17.34
CA ARG C 172 -23.92 -21.76 17.92
C ARG C 172 -23.86 -21.60 19.44
N THR C 173 -24.98 -21.14 20.00
CA THR C 173 -25.02 -20.83 21.43
C THR C 173 -24.99 -22.11 22.27
N SER C 174 -25.71 -23.14 21.85
CA SER C 174 -25.90 -24.34 22.65
C SER C 174 -24.90 -25.41 22.24
N GLY C 175 -24.87 -26.50 23.02
CA GLY C 175 -24.02 -27.62 22.67
C GLY C 175 -24.51 -28.35 21.44
N MET C 176 -23.60 -29.10 20.82
CA MET C 176 -23.92 -29.75 19.56
C MET C 176 -22.97 -30.91 19.26
N GLN C 177 -23.51 -32.01 18.74
CA GLN C 177 -22.70 -33.15 18.37
C GLN C 177 -22.66 -33.29 16.86
N PHE C 178 -21.50 -33.68 16.34
CA PHE C 178 -21.20 -33.60 14.92
C PHE C 178 -20.57 -34.90 14.44
N CYS C 179 -20.63 -35.09 13.12
CA CYS C 179 -20.01 -36.22 12.44
C CYS C 179 -19.06 -35.69 11.38
N VAL C 180 -17.89 -36.32 11.26
CA VAL C 180 -16.87 -35.91 10.30
C VAL C 180 -16.56 -37.11 9.41
N LYS C 181 -16.42 -36.86 8.11
CA LYS C 181 -16.36 -37.89 7.09
C LYS C 181 -15.20 -37.58 6.13
N MET C 182 -14.44 -38.62 5.78
CA MET C 182 -13.35 -38.48 4.84
C MET C 182 -13.64 -39.25 3.56
N SER C 183 -13.41 -38.61 2.43
CA SER C 183 -13.57 -39.22 1.12
C SER C 183 -12.21 -39.75 0.66
N ALA C 184 -12.19 -41.00 0.22
CA ALA C 184 -10.95 -41.67 -0.17
C ALA C 184 -10.82 -41.69 -1.68
N VAL C 185 -9.70 -41.18 -2.18
CA VAL C 185 -9.37 -41.25 -3.59
C VAL C 185 -8.70 -42.60 -3.86
N GLU C 186 -8.66 -42.98 -5.14
CA GLU C 186 -8.11 -44.29 -5.50
C GLU C 186 -6.64 -44.40 -5.14
N GLY C 187 -5.87 -43.34 -5.36
CA GLY C 187 -4.43 -43.41 -5.21
C GLY C 187 -3.92 -43.16 -3.81
N ILE C 188 -4.80 -43.11 -2.82
CA ILE C 188 -4.42 -42.91 -1.42
C ILE C 188 -5.12 -43.98 -0.59
N CYS C 189 -4.33 -44.77 0.15
CA CYS C 189 -4.88 -45.75 1.07
C CYS C 189 -5.15 -45.07 2.40
N THR C 190 -6.42 -45.06 2.81
CA THR C 190 -6.84 -44.41 4.04
C THR C 190 -6.44 -45.20 5.28
N SER C 191 -5.74 -46.32 5.10
CA SER C 191 -5.28 -47.24 6.14
C SER C 191 -6.40 -48.04 6.76
N GLU C 192 -7.65 -47.81 6.37
CA GLU C 192 -8.79 -48.58 6.87
C GLU C 192 -9.64 -49.07 5.70
N SER C 193 -9.58 -48.34 4.58
CA SER C 193 -10.46 -48.55 3.45
C SER C 193 -11.93 -48.66 3.88
N PRO C 194 -12.45 -47.67 4.61
CA PRO C 194 -13.80 -47.82 5.18
C PRO C 194 -14.93 -47.55 4.20
N VAL C 195 -14.63 -47.10 2.98
CA VAL C 195 -15.66 -46.80 1.99
C VAL C 195 -16.44 -48.06 1.63
N SER C 203 -20.40 -45.14 1.68
CA SER C 203 -19.94 -44.30 2.79
C SER C 203 -18.80 -44.98 3.54
N SER C 204 -17.96 -44.16 4.19
CA SER C 204 -16.84 -44.66 4.98
C SER C 204 -17.11 -44.53 6.47
N LYS C 205 -18.37 -44.66 6.89
CA LYS C 205 -18.77 -44.63 8.28
C LYS C 205 -18.44 -43.29 8.93
N CYS C 206 -18.54 -43.22 10.25
CA CYS C 206 -18.27 -41.98 10.97
C CYS C 206 -17.96 -42.29 12.43
N VAL C 207 -17.32 -41.33 13.08
CA VAL C 207 -17.04 -41.38 14.53
C VAL C 207 -17.60 -40.09 15.10
N ARG C 208 -18.84 -40.13 15.58
CA ARG C 208 -19.51 -38.93 16.05
C ARG C 208 -18.88 -38.41 17.33
N GLN C 209 -18.70 -37.09 17.40
CA GLN C 209 -18.09 -36.43 18.55
C GLN C 209 -19.00 -35.30 19.00
N LYS C 210 -18.61 -34.62 20.07
CA LYS C 210 -19.43 -33.57 20.67
C LYS C 210 -18.59 -32.31 20.91
N VAL C 211 -19.19 -31.15 20.66
CA VAL C 211 -18.58 -29.86 20.93
C VAL C 211 -19.56 -29.03 21.75
N GLU C 212 -19.03 -28.11 22.55
CA GLU C 212 -19.82 -27.29 23.44
C GLU C 212 -20.26 -26.02 22.71
N GLY C 213 -20.83 -25.07 23.45
CA GLY C 213 -21.31 -23.83 22.86
C GLY C 213 -20.19 -22.85 22.65
N SER C 214 -20.11 -22.29 21.44
CA SER C 214 -19.09 -21.31 21.07
C SER C 214 -17.68 -21.84 21.35
N SER C 215 -17.48 -23.13 21.08
CA SER C 215 -16.20 -23.80 21.28
C SER C 215 -15.70 -24.33 19.95
N SER C 216 -14.55 -24.99 19.99
CA SER C 216 -13.95 -25.61 18.82
C SER C 216 -13.42 -26.98 19.20
N HIS C 217 -13.25 -27.84 18.20
CA HIS C 217 -12.74 -29.18 18.42
C HIS C 217 -11.63 -29.48 17.42
N LEU C 218 -10.73 -30.37 17.82
CA LEU C 218 -9.59 -30.78 17.01
C LEU C 218 -9.78 -32.20 16.53
N VAL C 219 -9.69 -32.42 15.22
CA VAL C 219 -9.91 -33.72 14.62
C VAL C 219 -8.75 -34.05 13.69
N THR C 220 -8.22 -35.27 13.82
CA THR C 220 -7.06 -35.70 13.06
C THR C 220 -7.40 -36.91 12.19
N PHE C 221 -6.71 -37.00 11.05
CA PHE C 221 -6.86 -38.10 10.12
C PHE C 221 -5.48 -38.63 9.76
N THR C 222 -5.40 -39.92 9.42
CA THR C 222 -4.14 -40.55 9.05
C THR C 222 -4.27 -41.12 7.64
N VAL C 223 -3.34 -40.76 6.76
CA VAL C 223 -3.35 -41.20 5.37
C VAL C 223 -1.91 -41.47 4.93
N LEU C 224 -1.79 -41.92 3.67
CA LEU C 224 -0.52 -42.23 3.03
C LEU C 224 -0.71 -42.20 1.52
N PRO C 225 0.18 -41.54 0.78
CA PRO C 225 0.03 -41.47 -0.67
C PRO C 225 0.70 -42.63 -1.40
N LEU C 226 0.15 -42.95 -2.56
CA LEU C 226 0.72 -43.95 -3.45
C LEU C 226 1.18 -43.35 -4.77
N GLU C 227 0.35 -42.55 -5.42
CA GLU C 227 0.73 -41.85 -6.64
C GLU C 227 1.43 -40.54 -6.28
N ILE C 228 1.62 -39.67 -7.27
CA ILE C 228 2.38 -38.44 -7.10
C ILE C 228 1.49 -37.25 -7.42
N GLY C 229 1.37 -36.33 -6.48
CA GLY C 229 0.63 -35.11 -6.68
C GLY C 229 -0.86 -35.30 -6.90
N LEU C 230 -1.55 -35.83 -5.89
CA LEU C 230 -2.98 -36.11 -5.97
C LEU C 230 -3.73 -34.98 -5.26
N HIS C 231 -4.35 -34.09 -6.05
CA HIS C 231 -4.89 -32.83 -5.56
C HIS C 231 -6.42 -32.85 -5.45
N ASN C 232 -6.99 -33.97 -5.01
CA ASN C 232 -8.45 -34.10 -4.93
C ASN C 232 -8.82 -34.90 -3.69
N ILE C 233 -9.15 -34.20 -2.60
CA ILE C 233 -9.60 -34.82 -1.36
C ILE C 233 -10.81 -34.04 -0.85
N ASN C 234 -11.83 -34.78 -0.41
CA ASN C 234 -13.04 -34.16 0.14
C ASN C 234 -13.21 -34.51 1.60
N PHE C 235 -13.66 -33.53 2.39
CA PHE C 235 -14.05 -33.72 3.77
C PHE C 235 -15.50 -33.28 3.94
N SER C 236 -16.28 -34.09 4.63
CA SER C 236 -17.69 -33.82 4.86
C SER C 236 -17.93 -33.58 6.35
N LEU C 237 -18.65 -32.53 6.67
CA LEU C 237 -19.04 -32.23 8.04
C LEU C 237 -20.57 -32.30 8.11
N GLU C 238 -21.09 -33.29 8.81
CA GLU C 238 -22.51 -33.53 8.89
C GLU C 238 -22.98 -33.31 10.32
N THR C 239 -23.83 -32.30 10.51
CA THR C 239 -24.35 -31.94 11.83
C THR C 239 -25.86 -31.78 11.70
N TRP C 240 -26.47 -31.26 12.77
CA TRP C 240 -27.92 -31.05 12.79
C TRP C 240 -28.40 -30.21 11.62
N PHE C 241 -27.56 -29.29 11.15
CA PHE C 241 -27.93 -28.37 10.08
C PHE C 241 -27.64 -28.92 8.69
N GLY C 242 -27.13 -30.16 8.58
CA GLY C 242 -26.95 -30.77 7.29
C GLY C 242 -25.50 -31.12 7.05
N LYS C 243 -25.17 -31.33 5.78
CA LYS C 243 -23.83 -31.75 5.36
C LYS C 243 -23.16 -30.65 4.56
N GLU C 244 -21.90 -30.37 4.90
CA GLU C 244 -21.09 -29.40 4.18
C GLU C 244 -19.85 -30.10 3.62
N ILE C 245 -19.44 -29.68 2.43
CA ILE C 245 -18.34 -30.30 1.68
C ILE C 245 -17.20 -29.31 1.60
N LEU C 246 -15.98 -29.77 1.91
CA LEU C 246 -14.78 -28.96 1.84
C LEU C 246 -13.76 -29.70 0.99
N VAL C 247 -13.22 -29.01 -0.01
CA VAL C 247 -12.31 -29.63 -0.98
C VAL C 247 -10.90 -29.14 -0.71
N LYS C 248 -9.95 -30.08 -0.63
CA LYS C 248 -8.56 -29.76 -0.38
C LYS C 248 -7.68 -30.54 -1.34
N THR C 249 -6.48 -30.00 -1.58
CA THR C 249 -5.50 -30.56 -2.49
C THR C 249 -4.24 -30.92 -1.73
N LEU C 250 -3.57 -31.98 -2.19
CA LEU C 250 -2.32 -32.43 -1.58
C LEU C 250 -1.28 -32.62 -2.67
N ARG C 251 -0.11 -31.99 -2.50
CA ARG C 251 0.96 -32.07 -3.49
C ARG C 251 2.00 -33.08 -2.99
N VAL C 252 2.16 -34.16 -3.73
CA VAL C 252 3.08 -35.23 -3.35
C VAL C 252 4.23 -35.24 -4.35
N VAL C 253 5.46 -35.28 -3.83
CA VAL C 253 6.66 -35.30 -4.67
C VAL C 253 7.52 -36.50 -4.29
N PRO C 254 8.32 -37.04 -5.22
CA PRO C 254 9.16 -38.19 -4.90
C PRO C 254 10.37 -37.80 -4.04
N GLU C 255 11.21 -38.79 -3.78
CA GLU C 255 12.42 -38.60 -2.99
C GLU C 255 13.58 -38.21 -3.90
N GLY C 256 14.64 -37.69 -3.27
CA GLY C 256 15.84 -37.35 -4.00
C GLY C 256 16.08 -35.86 -4.12
N VAL C 257 16.80 -35.43 -5.16
CA VAL C 257 17.06 -34.03 -5.42
C VAL C 257 16.70 -33.75 -6.87
N LYS C 258 15.91 -32.70 -7.12
CA LYS C 258 15.54 -32.30 -8.47
C LYS C 258 16.78 -31.93 -9.28
N ARG C 259 16.85 -32.40 -10.52
CA ARG C 259 17.98 -32.09 -11.40
C ARG C 259 17.46 -31.74 -12.78
N GLU C 260 17.93 -30.62 -13.32
CA GLU C 260 17.52 -30.14 -14.64
C GLU C 260 18.70 -30.18 -15.59
N SER C 261 18.51 -30.83 -16.73
CA SER C 261 19.51 -30.87 -17.80
C SER C 261 18.90 -30.24 -19.05
N TYR C 262 19.61 -29.30 -19.66
CA TYR C 262 19.10 -28.53 -20.78
C TYR C 262 19.92 -28.80 -22.02
N SER C 263 19.27 -28.70 -23.18
CA SER C 263 19.96 -28.84 -24.46
C SER C 263 19.25 -28.02 -25.51
N GLY C 264 20.00 -27.23 -26.28
CA GLY C 264 19.44 -26.39 -27.31
C GLY C 264 20.01 -26.70 -28.69
N VAL C 265 19.36 -26.13 -29.70
CA VAL C 265 19.83 -26.23 -31.07
C VAL C 265 19.23 -25.08 -31.87
N THR C 266 19.99 -24.62 -32.87
CA THR C 266 19.54 -23.58 -33.78
C THR C 266 19.44 -24.18 -35.18
N LEU C 267 18.29 -23.99 -35.82
CA LEU C 267 18.00 -24.56 -37.12
C LEU C 267 17.86 -23.43 -38.14
N ASP C 268 18.61 -23.53 -39.24
CA ASP C 268 18.50 -22.60 -40.36
C ASP C 268 18.82 -23.34 -41.65
N PRO C 269 17.81 -23.67 -42.45
CA PRO C 269 18.06 -24.42 -43.68
C PRO C 269 18.95 -23.71 -44.68
N ARG C 270 18.86 -22.38 -44.76
CA ARG C 270 19.59 -21.65 -45.79
C ARG C 270 21.08 -21.54 -45.49
N GLY C 271 21.48 -21.69 -44.23
CA GLY C 271 22.88 -21.59 -43.89
C GLY C 271 23.45 -20.19 -43.98
N ILE C 272 22.61 -19.17 -43.87
CA ILE C 272 23.08 -17.79 -43.93
C ILE C 272 24.01 -17.49 -42.77
N TYR C 273 23.73 -18.05 -41.59
CA TYR C 273 24.47 -17.75 -40.37
C TYR C 273 25.62 -18.72 -40.11
N GLY C 274 26.14 -19.37 -41.16
CA GLY C 274 27.36 -20.15 -41.07
C GLY C 274 27.17 -21.62 -41.38
N THR C 275 26.09 -22.23 -40.89
CA THR C 275 25.92 -23.67 -41.03
C THR C 275 24.46 -23.97 -41.38
N ILE C 276 24.26 -25.12 -42.02
CA ILE C 276 22.92 -25.63 -42.32
C ILE C 276 22.56 -26.68 -41.28
N SER C 277 21.36 -26.56 -40.70
CA SER C 277 20.89 -27.50 -39.70
C SER C 277 19.44 -27.84 -40.01
N ARG C 278 19.16 -29.10 -40.34
CA ARG C 278 17.81 -29.53 -40.67
C ARG C 278 17.26 -30.57 -39.72
N ARG C 279 18.10 -31.33 -39.02
CA ARG C 279 17.63 -32.36 -38.10
C ARG C 279 18.50 -32.34 -36.85
N LYS C 280 17.85 -32.43 -35.70
CA LYS C 280 18.55 -32.52 -34.42
C LYS C 280 17.87 -33.58 -33.55
N GLU C 281 18.68 -34.44 -32.95
CA GLU C 281 18.18 -35.56 -32.16
C GLU C 281 18.64 -35.44 -30.72
N PHE C 282 17.69 -35.45 -29.79
CA PHE C 282 17.98 -35.53 -28.36
C PHE C 282 17.65 -36.93 -27.88
N PRO C 283 18.63 -37.69 -27.38
CA PRO C 283 18.35 -39.05 -26.92
C PRO C 283 17.57 -39.06 -25.61
N TYR C 284 16.87 -40.17 -25.40
CA TYR C 284 16.15 -40.42 -24.14
C TYR C 284 17.08 -41.18 -23.21
N ARG C 285 17.84 -40.44 -22.42
CA ARG C 285 18.86 -41.00 -21.54
C ARG C 285 18.28 -41.23 -20.16
N ILE C 286 18.46 -42.44 -19.63
CA ILE C 286 18.02 -42.79 -18.30
C ILE C 286 19.26 -42.86 -17.41
N PRO C 287 19.44 -41.93 -16.47
CA PRO C 287 20.64 -41.95 -15.61
C PRO C 287 20.62 -43.13 -14.66
N LEU C 288 21.77 -43.36 -14.03
CA LEU C 288 21.94 -44.53 -13.17
C LEU C 288 21.02 -44.47 -11.95
N ASP C 289 20.91 -43.31 -11.32
CA ASP C 289 20.23 -43.18 -10.03
C ASP C 289 18.80 -42.65 -10.17
N LEU C 290 18.10 -43.02 -11.23
CA LEU C 290 16.72 -42.61 -11.38
C LEU C 290 15.84 -43.27 -10.32
N VAL C 291 14.96 -42.47 -9.72
CA VAL C 291 14.08 -42.98 -8.66
C VAL C 291 13.11 -43.98 -9.26
N PRO C 292 12.87 -45.13 -8.62
CA PRO C 292 11.89 -46.09 -9.15
C PRO C 292 10.50 -45.50 -9.19
N LYS C 293 9.73 -45.93 -10.20
CA LYS C 293 8.34 -45.50 -10.38
C LYS C 293 8.23 -43.98 -10.56
N THR C 294 9.23 -43.39 -11.22
CA THR C 294 9.22 -41.96 -11.51
C THR C 294 9.55 -41.76 -12.98
N GLU C 295 8.60 -41.21 -13.73
CA GLU C 295 8.86 -40.87 -15.12
C GLU C 295 9.70 -39.60 -15.21
N ILE C 296 10.55 -39.56 -16.22
CA ILE C 296 11.44 -38.42 -16.44
C ILE C 296 10.66 -37.32 -17.14
N LYS C 297 10.68 -36.12 -16.57
CA LYS C 297 9.95 -34.99 -17.14
C LYS C 297 10.78 -34.37 -18.26
N ARG C 298 10.23 -34.36 -19.47
CA ARG C 298 10.88 -33.74 -20.62
C ARG C 298 9.94 -32.71 -21.23
N ILE C 299 10.45 -31.52 -21.51
CA ILE C 299 9.66 -30.47 -22.14
C ILE C 299 10.44 -29.92 -23.33
N LEU C 300 9.76 -29.77 -24.46
CA LEU C 300 10.33 -29.17 -25.66
C LEU C 300 9.63 -27.86 -25.97
N SER C 301 10.42 -26.85 -26.35
CA SER C 301 9.90 -25.57 -26.80
C SER C 301 10.60 -25.19 -28.11
N VAL C 302 9.81 -24.67 -29.06
CA VAL C 302 10.32 -24.20 -30.35
C VAL C 302 9.88 -22.75 -30.53
N LYS C 303 10.82 -21.90 -30.93
CA LYS C 303 10.55 -20.49 -31.18
C LYS C 303 11.16 -20.10 -32.51
N GLY C 304 10.56 -19.09 -33.15
CA GLY C 304 10.92 -18.70 -34.50
C GLY C 304 11.98 -17.64 -34.64
N LEU C 305 12.65 -17.26 -33.55
CA LEU C 305 13.68 -16.24 -33.62
C LEU C 305 14.69 -16.48 -32.49
N LEU C 306 15.84 -15.80 -32.60
CA LEU C 306 16.83 -15.87 -31.54
C LEU C 306 16.27 -15.31 -30.23
N VAL C 307 15.55 -14.19 -30.31
CA VAL C 307 14.94 -13.57 -29.14
C VAL C 307 13.53 -14.10 -28.98
N GLY C 308 13.18 -15.14 -29.75
CA GLY C 308 11.85 -15.73 -29.63
C GLY C 308 11.58 -16.30 -28.26
N GLU C 309 12.60 -16.86 -27.61
CA GLU C 309 12.43 -17.38 -26.25
C GLU C 309 12.08 -16.27 -25.27
N ILE C 310 12.75 -15.12 -25.40
CA ILE C 310 12.44 -13.99 -24.52
C ILE C 310 11.03 -13.48 -24.78
N LEU C 311 10.61 -13.46 -26.05
CA LEU C 311 9.25 -13.07 -26.38
C LEU C 311 8.24 -14.04 -25.77
N SER C 312 8.55 -15.33 -25.79
CA SER C 312 7.67 -16.31 -25.14
C SER C 312 7.61 -16.09 -23.65
N ALA C 313 8.75 -15.78 -23.02
CA ALA C 313 8.78 -15.55 -21.58
C ALA C 313 7.98 -14.32 -21.20
N VAL C 314 8.06 -13.25 -22.01
CA VAL C 314 7.46 -11.98 -21.62
C VAL C 314 5.98 -11.94 -22.00
N LEU C 315 5.68 -12.20 -23.28
CA LEU C 315 4.36 -11.95 -23.84
C LEU C 315 3.40 -13.13 -23.68
N SER C 316 3.86 -14.34 -23.96
CA SER C 316 2.96 -15.50 -23.93
C SER C 316 2.38 -15.72 -22.54
N GLN C 317 3.21 -15.57 -21.50
CA GLN C 317 2.75 -15.65 -20.12
C GLN C 317 2.48 -14.24 -19.61
N GLU C 318 1.26 -14.02 -19.09
CA GLU C 318 0.86 -12.67 -18.70
C GLU C 318 1.77 -12.13 -17.60
N GLY C 319 2.05 -12.93 -16.58
CA GLY C 319 2.97 -12.52 -15.54
C GLY C 319 4.40 -12.84 -15.92
N ILE C 320 5.31 -11.96 -15.52
CA ILE C 320 6.72 -12.13 -15.83
C ILE C 320 7.30 -13.23 -14.95
N ASN C 321 7.41 -14.44 -15.50
CA ASN C 321 8.04 -15.53 -14.77
C ASN C 321 9.52 -15.24 -14.59
N ILE C 322 10.05 -15.56 -13.41
CA ILE C 322 11.47 -15.36 -13.15
C ILE C 322 12.27 -16.33 -14.01
N LEU C 323 13.27 -15.80 -14.72
CA LEU C 323 14.06 -16.61 -15.63
C LEU C 323 14.91 -17.64 -14.91
N THR C 324 15.22 -17.43 -13.64
CA THR C 324 16.08 -18.31 -12.86
C THR C 324 15.33 -18.83 -11.64
N HIS C 325 16.02 -19.65 -10.85
CA HIS C 325 15.48 -20.18 -9.61
C HIS C 325 16.20 -19.64 -8.38
N LEU C 326 16.95 -18.54 -8.54
CA LEU C 326 17.72 -18.00 -7.44
C LEU C 326 16.80 -17.25 -6.47
N PRO C 327 17.20 -17.13 -5.21
CA PRO C 327 16.39 -16.37 -4.24
C PRO C 327 16.33 -14.89 -4.58
N LYS C 328 15.26 -14.26 -4.10
CA LYS C 328 14.95 -12.87 -4.43
C LYS C 328 15.34 -11.89 -3.34
N GLY C 329 16.12 -12.32 -2.35
CA GLY C 329 16.44 -11.43 -1.24
C GLY C 329 17.27 -10.23 -1.65
N SER C 330 18.29 -10.46 -2.47
CA SER C 330 19.22 -9.39 -2.84
C SER C 330 18.55 -8.40 -3.78
N ALA C 331 19.10 -7.18 -3.81
CA ALA C 331 18.59 -6.14 -4.71
C ALA C 331 18.84 -6.51 -6.17
N GLU C 332 19.87 -7.31 -6.43
CA GLU C 332 20.17 -7.72 -7.80
C GLU C 332 19.02 -8.52 -8.39
N ALA C 333 18.44 -9.44 -7.61
CA ALA C 333 17.31 -10.22 -8.10
C ALA C 333 16.09 -9.33 -8.37
N GLU C 334 15.82 -8.37 -7.47
CA GLU C 334 14.70 -7.46 -7.69
C GLU C 334 14.92 -6.59 -8.91
N LEU C 335 16.18 -6.27 -9.23
CA LEU C 335 16.47 -5.52 -10.44
C LEU C 335 16.34 -6.38 -11.68
N MET C 336 16.62 -7.68 -11.56
CA MET C 336 16.53 -8.59 -12.71
C MET C 336 15.14 -8.66 -13.31
N SER C 337 14.11 -8.24 -12.57
CA SER C 337 12.73 -8.38 -13.04
C SER C 337 12.44 -7.54 -14.28
N VAL C 338 13.22 -6.50 -14.54
CA VAL C 338 12.91 -5.57 -15.63
C VAL C 338 13.72 -5.82 -16.90
N VAL C 339 14.85 -6.53 -16.80
CA VAL C 339 15.79 -6.67 -17.92
C VAL C 339 15.16 -7.38 -19.11
N PRO C 340 14.54 -8.56 -18.97
CA PRO C 340 13.94 -9.20 -20.16
C PRO C 340 12.85 -8.36 -20.81
N VAL C 341 12.01 -7.72 -19.99
CA VAL C 341 10.96 -6.86 -20.52
C VAL C 341 11.57 -5.70 -21.29
N PHE C 342 12.62 -5.09 -20.74
CA PHE C 342 13.28 -4.00 -21.45
C PHE C 342 13.88 -4.47 -22.77
N TYR C 343 14.53 -5.63 -22.79
CA TYR C 343 15.15 -6.04 -24.04
C TYR C 343 14.10 -6.39 -25.09
N VAL C 344 12.98 -6.98 -24.68
CA VAL C 344 11.89 -7.22 -25.62
C VAL C 344 11.36 -5.89 -26.16
N PHE C 345 11.14 -4.93 -25.28
CA PHE C 345 10.63 -3.63 -25.71
C PHE C 345 11.61 -2.92 -26.65
N HIS C 346 12.91 -3.00 -26.33
CA HIS C 346 13.93 -2.36 -27.16
C HIS C 346 13.95 -2.99 -28.55
N TYR C 347 13.93 -4.31 -28.61
CA TYR C 347 13.89 -4.98 -29.92
C TYR C 347 12.67 -4.57 -30.71
N LEU C 348 11.50 -4.60 -30.07
CA LEU C 348 10.26 -4.27 -30.78
C LEU C 348 10.29 -2.82 -31.28
N GLU C 349 10.72 -1.89 -30.44
CA GLU C 349 10.65 -0.48 -30.80
C GLU C 349 11.69 -0.13 -31.87
N THR C 350 12.93 -0.56 -31.69
CA THR C 350 13.97 -0.18 -32.65
C THR C 350 13.81 -0.92 -33.97
N GLY C 351 13.42 -2.20 -33.92
CA GLY C 351 13.14 -2.90 -35.16
C GLY C 351 11.81 -2.56 -35.78
N ASN C 352 10.98 -1.79 -35.07
CA ASN C 352 9.64 -1.42 -35.54
C ASN C 352 8.80 -2.65 -35.88
N HIS C 353 8.80 -3.61 -34.95
CA HIS C 353 8.08 -4.87 -35.13
C HIS C 353 6.75 -4.88 -34.40
N TRP C 354 6.08 -3.73 -34.33
CA TRP C 354 4.77 -3.67 -33.66
C TRP C 354 3.66 -4.35 -34.45
N ASN C 355 3.92 -4.74 -35.70
CA ASN C 355 2.91 -5.38 -36.52
C ASN C 355 2.77 -6.87 -36.26
N ILE C 356 3.60 -7.44 -35.39
CA ILE C 356 3.44 -8.85 -35.04
C ILE C 356 2.13 -9.08 -34.31
N PHE C 357 1.76 -8.18 -33.40
CA PHE C 357 0.51 -8.31 -32.67
C PHE C 357 -0.69 -8.16 -33.59
N HIS C 358 -1.74 -8.94 -33.30
CA HIS C 358 -2.99 -8.82 -34.04
C HIS C 358 -3.92 -7.78 -33.42
N SER C 359 -3.78 -7.49 -32.14
CA SER C 359 -4.61 -6.48 -31.48
C SER C 359 -3.99 -5.10 -31.69
N ASP C 360 -4.48 -4.10 -30.95
CA ASP C 360 -3.99 -2.74 -31.10
C ASP C 360 -2.58 -2.64 -30.52
N PRO C 361 -1.59 -2.25 -31.32
CA PRO C 361 -0.21 -2.18 -30.79
C PRO C 361 -0.04 -1.17 -29.66
N LEU C 362 -0.79 -0.07 -29.67
CA LEU C 362 -0.58 0.97 -28.68
C LEU C 362 -0.93 0.50 -27.27
N ILE C 363 -1.99 -0.29 -27.13
CA ILE C 363 -2.39 -0.77 -25.81
C ILE C 363 -1.31 -1.68 -25.23
N GLU C 364 -0.77 -2.59 -26.05
CA GLU C 364 0.29 -3.47 -25.58
C GLU C 364 1.56 -2.69 -25.27
N LYS C 365 1.87 -1.67 -26.08
CA LYS C 365 3.03 -0.83 -25.80
C LYS C 365 2.88 -0.12 -24.46
N GLN C 366 1.68 0.41 -24.19
CA GLN C 366 1.43 1.07 -22.91
C GLN C 366 1.52 0.08 -21.75
N LYS C 367 1.03 -1.14 -21.94
CA LYS C 367 1.12 -2.14 -20.89
C LYS C 367 2.57 -2.50 -20.60
N LEU C 368 3.38 -2.67 -21.65
CA LEU C 368 4.80 -2.97 -21.45
C LEU C 368 5.52 -1.81 -20.78
N LYS C 369 5.16 -0.58 -21.15
CA LYS C 369 5.73 0.59 -20.49
C LYS C 369 5.36 0.63 -19.02
N LYS C 370 4.11 0.28 -18.69
CA LYS C 370 3.70 0.24 -17.29
C LYS C 370 4.43 -0.86 -16.54
N LYS C 371 4.74 -1.97 -17.19
CA LYS C 371 5.51 -3.03 -16.54
C LYS C 371 6.95 -2.57 -16.28
N LEU C 372 7.54 -1.85 -17.24
CA LEU C 372 8.85 -1.24 -17.02
C LEU C 372 8.82 -0.30 -15.84
N LYS C 373 7.76 0.52 -15.75
CA LYS C 373 7.60 1.42 -14.61
C LYS C 373 7.44 0.64 -13.31
N GLU C 374 6.75 -0.49 -13.37
CA GLU C 374 6.60 -1.37 -12.21
C GLU C 374 7.95 -1.80 -11.67
N GLY C 375 8.81 -2.31 -12.55
CA GLY C 375 10.15 -2.70 -12.15
C GLY C 375 10.97 -1.54 -11.62
N MET C 376 10.87 -0.41 -12.33
CA MET C 376 11.58 0.82 -11.98
C MET C 376 11.19 1.33 -10.59
N LEU C 377 9.93 1.26 -10.22
CA LEU C 377 9.51 1.67 -8.89
C LEU C 377 9.67 0.57 -7.85
N SER C 378 9.81 -0.68 -8.27
CA SER C 378 10.11 -1.75 -7.33
C SER C 378 11.56 -1.72 -6.85
N ILE C 379 12.50 -1.37 -7.73
CA ILE C 379 13.91 -1.30 -7.31
C ILE C 379 14.17 -0.16 -6.32
N MET C 380 13.27 0.82 -6.23
CA MET C 380 13.51 2.04 -5.46
C MET C 380 13.70 1.79 -3.97
N SER C 381 13.33 0.62 -3.46
CA SER C 381 13.41 0.39 -2.02
C SER C 381 14.85 0.38 -1.52
N TYR C 382 15.82 0.15 -2.39
CA TYR C 382 17.21 -0.02 -1.98
C TYR C 382 18.03 1.25 -2.06
N ARG C 383 17.43 2.37 -2.46
CA ARG C 383 18.16 3.64 -2.46
C ARG C 383 18.41 4.10 -1.03
N ASN C 384 19.62 4.60 -0.78
CA ASN C 384 19.98 5.12 0.54
C ASN C 384 19.65 6.61 0.61
N ALA C 385 20.11 7.27 1.67
CA ALA C 385 19.86 8.69 1.81
C ALA C 385 20.64 9.50 0.79
N ASP C 386 21.87 9.07 0.48
CA ASP C 386 22.74 9.78 -0.47
C ASP C 386 22.56 9.27 -1.90
N TYR C 387 21.38 8.74 -2.22
CA TYR C 387 21.03 8.30 -3.57
C TYR C 387 21.98 7.20 -4.07
N SER C 388 22.63 6.50 -3.15
CA SER C 388 23.47 5.36 -3.47
C SER C 388 22.72 4.08 -3.13
N TYR C 389 22.97 3.05 -3.94
CA TYR C 389 22.22 1.80 -3.86
C TYR C 389 22.92 0.81 -2.95
N SER C 390 22.16 0.20 -2.04
CA SER C 390 22.68 -0.80 -1.12
C SER C 390 22.30 -2.19 -1.61
N VAL C 391 23.18 -3.16 -1.36
CA VAL C 391 22.94 -4.52 -1.83
C VAL C 391 21.77 -5.15 -1.07
N TRP C 392 21.69 -4.92 0.24
CA TRP C 392 20.61 -5.46 1.06
C TRP C 392 19.93 -4.33 1.81
N LYS C 393 18.70 -4.59 2.25
CA LYS C 393 17.89 -3.59 2.93
C LYS C 393 18.58 -3.10 4.20
N GLY C 394 18.97 -1.83 4.21
CA GLY C 394 19.62 -1.24 5.37
C GLY C 394 21.11 -1.49 5.47
N GLY C 395 21.69 -2.24 4.55
CA GLY C 395 23.12 -2.50 4.57
C GLY C 395 23.91 -1.35 4.00
N SER C 396 25.24 -1.50 4.04
CA SER C 396 26.14 -0.48 3.53
C SER C 396 26.00 -0.35 2.01
N ALA C 397 26.17 0.88 1.52
CA ALA C 397 26.12 1.13 0.09
C ALA C 397 27.33 0.52 -0.60
N SER C 398 27.12 -0.04 -1.78
CA SER C 398 28.18 -0.68 -2.55
C SER C 398 28.27 -0.05 -3.93
N THR C 399 29.50 0.20 -4.38
CA THR C 399 29.71 0.81 -5.69
C THR C 399 29.42 -0.18 -6.82
N TRP C 400 29.60 -1.48 -6.56
CA TRP C 400 29.30 -2.49 -7.57
C TRP C 400 27.84 -2.42 -7.98
N LEU C 401 26.94 -2.59 -7.01
CA LEU C 401 25.51 -2.56 -7.32
C LEU C 401 25.07 -1.17 -7.75
N THR C 402 25.71 -0.12 -7.23
CA THR C 402 25.39 1.23 -7.68
C THR C 402 25.66 1.38 -9.17
N ALA C 403 26.82 0.94 -9.63
CA ALA C 403 27.14 1.02 -11.06
C ALA C 403 26.23 0.13 -11.88
N PHE C 404 25.93 -1.07 -11.38
CA PHE C 404 25.06 -1.98 -12.13
C PHE C 404 23.66 -1.40 -12.31
N ALA C 405 23.04 -0.97 -11.22
CA ALA C 405 21.70 -0.39 -11.30
C ALA C 405 21.72 0.93 -12.06
N LEU C 406 22.83 1.68 -11.99
CA LEU C 406 22.94 2.89 -12.78
C LEU C 406 22.92 2.56 -14.27
N ARG C 407 23.63 1.50 -14.68
CA ARG C 407 23.60 1.08 -16.07
C ARG C 407 22.19 0.68 -16.49
N VAL C 408 21.52 -0.09 -15.64
CA VAL C 408 20.20 -0.59 -16.01
C VAL C 408 19.18 0.55 -16.09
N LEU C 409 19.25 1.50 -15.14
CA LEU C 409 18.32 2.62 -15.16
C LEU C 409 18.65 3.59 -16.29
N GLY C 410 19.94 3.74 -16.62
CA GLY C 410 20.29 4.54 -17.79
C GLY C 410 19.80 3.91 -19.08
N GLN C 411 19.76 2.58 -19.13
CA GLN C 411 19.08 1.91 -20.24
C GLN C 411 17.59 2.25 -20.23
N VAL C 412 16.94 2.09 -19.07
CA VAL C 412 15.49 2.29 -18.97
C VAL C 412 15.10 3.71 -19.35
N ASN C 413 16.00 4.67 -19.12
CA ASN C 413 15.72 6.07 -19.45
C ASN C 413 15.52 6.30 -20.94
N LYS C 414 15.92 5.36 -21.80
CA LYS C 414 15.73 5.53 -23.24
C LYS C 414 14.25 5.60 -23.58
N TYR C 415 13.42 4.77 -22.96
CA TYR C 415 11.99 4.72 -23.24
C TYR C 415 11.12 5.29 -22.14
N VAL C 416 11.56 5.24 -20.89
CA VAL C 416 10.81 5.78 -19.76
C VAL C 416 11.70 6.78 -19.04
N GLU C 417 11.24 8.03 -18.95
CA GLU C 417 12.07 9.08 -18.38
C GLU C 417 12.35 8.82 -16.90
N GLN C 418 13.59 9.10 -16.51
CA GLN C 418 14.05 8.93 -15.14
C GLN C 418 14.25 10.30 -14.47
N ASN C 419 14.31 10.26 -13.15
CA ASN C 419 14.59 11.48 -12.39
C ASN C 419 16.03 11.89 -12.62
N GLN C 420 16.24 13.04 -13.26
CA GLN C 420 17.60 13.47 -13.57
C GLN C 420 18.40 13.74 -12.30
N ASN C 421 17.77 14.33 -11.29
CA ASN C 421 18.48 14.64 -10.06
C ASN C 421 18.97 13.37 -9.35
N SER C 422 18.14 12.32 -9.36
CA SER C 422 18.54 11.08 -8.70
C SER C 422 19.76 10.44 -9.37
N ILE C 423 19.74 10.35 -10.70
CA ILE C 423 20.86 9.77 -11.42
C ILE C 423 22.09 10.65 -11.26
N CYS C 424 21.91 11.98 -11.29
CA CYS C 424 23.03 12.88 -11.07
C CYS C 424 23.66 12.64 -9.71
N ASN C 425 22.85 12.53 -8.67
CA ASN C 425 23.38 12.32 -7.33
C ASN C 425 24.11 10.99 -7.21
N SER C 426 23.52 9.92 -7.75
CA SER C 426 24.17 8.61 -7.69
C SER C 426 25.50 8.61 -8.44
N LEU C 427 25.50 9.17 -9.67
CA LEU C 427 26.67 9.14 -10.52
C LEU C 427 27.77 10.06 -10.00
N LEU C 428 27.41 11.16 -9.33
CA LEU C 428 28.38 12.03 -8.69
C LEU C 428 28.86 11.49 -7.35
N TRP C 429 28.06 10.66 -6.67
CA TRP C 429 28.52 10.02 -5.46
C TRP C 429 29.56 8.95 -5.77
N LEU C 430 29.27 8.09 -6.75
CA LEU C 430 30.18 6.99 -7.04
C LEU C 430 31.50 7.49 -7.65
N VAL C 431 31.55 8.73 -8.11
CA VAL C 431 32.78 9.28 -8.67
C VAL C 431 33.60 9.95 -7.58
N GLU C 432 32.98 10.88 -6.83
CA GLU C 432 33.71 11.63 -5.82
C GLU C 432 34.09 10.76 -4.63
N ASN C 433 33.13 10.01 -4.09
CA ASN C 433 33.35 9.36 -2.79
C ASN C 433 34.33 8.20 -2.91
N TYR C 434 34.17 7.34 -3.92
CA TYR C 434 34.96 6.12 -4.03
C TYR C 434 35.68 6.08 -5.37
N GLN C 435 36.93 6.52 -5.38
CA GLN C 435 37.81 6.44 -6.54
C GLN C 435 39.25 6.72 -6.13
N LEU C 436 40.20 5.92 -6.62
CA LEU C 436 41.58 6.09 -6.22
C LEU C 436 42.19 7.34 -6.87
N ASP C 437 43.47 7.56 -6.58
CA ASP C 437 44.21 8.62 -7.23
C ASP C 437 44.62 8.27 -8.67
N ASN C 438 44.82 6.99 -8.97
CA ASN C 438 45.27 6.57 -10.30
C ASN C 438 44.12 6.22 -11.24
N GLY C 439 42.87 6.28 -10.76
CA GLY C 439 41.72 6.00 -11.59
C GLY C 439 40.94 4.76 -11.19
N SER C 440 41.42 3.98 -10.22
CA SER C 440 40.71 2.79 -9.81
C SER C 440 39.55 3.13 -8.87
N PHE C 441 38.72 2.13 -8.59
CA PHE C 441 37.57 2.28 -7.72
C PHE C 441 37.69 1.31 -6.54
N LYS C 442 37.24 1.75 -5.38
CA LYS C 442 37.20 0.92 -4.17
C LYS C 442 35.77 0.54 -3.84
N GLU C 443 35.59 -0.73 -3.47
CA GLU C 443 34.33 -1.19 -2.92
C GLU C 443 34.21 -0.74 -1.46
N ASN C 444 32.97 -0.48 -1.05
CA ASN C 444 32.70 -0.05 0.32
C ASN C 444 32.26 -1.21 1.21
N SER C 445 31.25 -1.96 0.78
CA SER C 445 30.73 -3.08 1.56
C SER C 445 31.61 -4.31 1.36
N GLN C 446 31.13 -5.45 1.86
CA GLN C 446 31.80 -6.73 1.70
C GLN C 446 31.03 -7.66 0.78
N TYR C 447 30.27 -7.11 -0.16
CA TYR C 447 29.55 -7.91 -1.15
C TYR C 447 30.45 -8.38 -2.28
N GLN C 448 31.17 -9.48 -2.08
CA GLN C 448 32.07 -9.99 -3.11
C GLN C 448 31.25 -10.43 -4.32
N PRO C 449 31.36 -9.76 -5.48
CA PRO C 449 30.55 -10.09 -6.66
C PRO C 449 31.18 -11.24 -7.45
N ILE C 450 32.44 -11.59 -7.15
CA ILE C 450 33.13 -12.66 -7.93
C ILE C 450 34.43 -13.05 -7.23
N LYS C 451 34.78 -14.33 -7.26
CA LYS C 451 36.05 -14.80 -6.71
C LYS C 451 37.04 -14.96 -7.85
N LEU C 452 38.19 -14.31 -7.74
CA LEU C 452 39.12 -14.18 -8.85
C LEU C 452 40.36 -15.03 -8.62
N GLN C 453 40.88 -15.57 -9.72
CA GLN C 453 41.99 -16.53 -9.68
C GLN C 453 43.29 -15.85 -9.28
N GLY C 454 44.27 -16.68 -8.94
CA GLY C 454 45.59 -16.21 -8.57
C GLY C 454 45.78 -16.12 -7.07
N THR C 455 46.97 -15.68 -6.68
CA THR C 455 47.28 -15.46 -5.28
C THR C 455 46.67 -14.14 -4.81
N LEU C 456 46.87 -13.83 -3.53
CA LEU C 456 46.22 -12.67 -2.93
C LEU C 456 46.55 -11.35 -3.62
N PRO C 457 47.82 -11.03 -3.91
CA PRO C 457 48.07 -9.77 -4.64
C PRO C 457 47.46 -9.74 -6.03
N VAL C 458 47.59 -10.84 -6.77
CA VAL C 458 46.96 -10.93 -8.08
C VAL C 458 45.44 -10.85 -7.94
N GLU C 459 44.90 -11.46 -6.88
CA GLU C 459 43.46 -11.40 -6.64
C GLU C 459 43.01 -9.96 -6.44
N ALA C 460 43.73 -9.20 -5.63
CA ALA C 460 43.36 -7.81 -5.39
C ALA C 460 43.49 -6.97 -6.65
N ARG C 461 44.57 -7.18 -7.42
CA ARG C 461 44.75 -6.41 -8.65
C ARG C 461 43.64 -6.70 -9.65
N GLU C 462 43.29 -7.97 -9.83
CA GLU C 462 42.22 -8.32 -10.76
C GLU C 462 40.87 -7.82 -10.26
N ASN C 463 40.64 -7.84 -8.95
CA ASN C 463 39.41 -7.29 -8.41
C ASN C 463 39.29 -5.80 -8.71
N SER C 464 40.38 -5.06 -8.50
CA SER C 464 40.37 -3.63 -8.82
C SER C 464 40.10 -3.40 -10.30
N LEU C 465 40.76 -4.15 -11.17
CA LEU C 465 40.56 -3.97 -12.62
C LEU C 465 39.12 -4.28 -13.02
N TYR C 466 38.58 -5.39 -12.51
CA TYR C 466 37.20 -5.77 -12.84
C TYR C 466 36.20 -4.72 -12.37
N LEU C 467 36.37 -4.23 -11.13
CA LEU C 467 35.44 -3.23 -10.62
C LEU C 467 35.52 -1.94 -11.41
N THR C 468 36.74 -1.52 -11.76
CA THR C 468 36.90 -0.28 -12.53
C THR C 468 36.23 -0.41 -13.90
N ALA C 469 36.44 -1.53 -14.59
CA ALA C 469 35.84 -1.71 -15.91
C ALA C 469 34.32 -1.79 -15.82
N PHE C 470 33.80 -2.47 -14.78
CA PHE C 470 32.35 -2.56 -14.60
C PHE C 470 31.74 -1.18 -14.38
N THR C 471 32.37 -0.37 -13.52
CA THR C 471 31.87 0.97 -13.26
C THR C 471 31.95 1.84 -14.52
N VAL C 472 33.01 1.66 -15.32
CA VAL C 472 33.11 2.41 -16.57
C VAL C 472 31.97 2.03 -17.51
N ILE C 473 31.64 0.74 -17.59
CA ILE C 473 30.50 0.31 -18.40
C ILE C 473 29.23 1.02 -17.94
N GLY C 474 28.98 1.01 -16.63
CA GLY C 474 27.77 1.63 -16.11
C GLY C 474 27.70 3.12 -16.39
N ILE C 475 28.82 3.82 -16.16
CA ILE C 475 28.84 5.26 -16.36
C ILE C 475 28.65 5.60 -17.83
N ARG C 476 29.31 4.87 -18.73
CA ARG C 476 29.14 5.15 -20.15
C ARG C 476 27.74 4.83 -20.61
N LYS C 477 27.06 3.90 -19.94
CA LYS C 477 25.67 3.63 -20.28
C LYS C 477 24.75 4.75 -19.80
N ALA C 478 25.00 5.29 -18.61
CA ALA C 478 24.09 6.27 -18.00
C ALA C 478 24.61 7.70 -18.08
N PHE C 479 25.55 7.98 -18.99
CA PHE C 479 26.04 9.34 -19.17
C PHE C 479 24.95 10.29 -19.64
N ASP C 480 24.07 9.82 -20.53
CA ASP C 480 23.13 10.73 -21.20
C ASP C 480 22.24 11.47 -20.20
N ILE C 481 21.90 10.85 -19.07
CA ILE C 481 21.03 11.51 -18.10
C ILE C 481 21.72 12.73 -17.50
N CYS C 482 22.99 12.59 -17.11
CA CYS C 482 23.70 13.65 -16.39
C CYS C 482 25.09 13.82 -16.99
N PRO C 483 25.19 14.48 -18.14
CA PRO C 483 26.52 14.75 -18.71
C PRO C 483 27.23 15.90 -17.99
N LEU C 484 28.30 15.59 -17.26
CA LEU C 484 29.03 16.57 -16.48
C LEU C 484 30.51 16.48 -16.81
N VAL C 485 31.28 17.42 -16.23
CA VAL C 485 32.70 17.51 -16.57
C VAL C 485 33.55 16.67 -15.61
N LYS C 486 33.26 16.76 -14.32
CA LYS C 486 34.05 16.01 -13.34
C LYS C 486 33.90 14.51 -13.55
N ILE C 487 32.68 14.05 -13.84
CA ILE C 487 32.48 12.63 -14.11
C ILE C 487 33.17 12.23 -15.41
N ASP C 488 33.22 13.11 -16.40
CA ASP C 488 33.94 12.80 -17.63
C ASP C 488 35.44 12.66 -17.36
N THR C 489 35.99 13.54 -16.52
CA THR C 489 37.40 13.42 -16.15
C THR C 489 37.67 12.12 -15.40
N ALA C 490 36.78 11.74 -14.48
CA ALA C 490 36.94 10.48 -13.77
C ALA C 490 36.86 9.30 -14.74
N LEU C 491 35.94 9.37 -15.71
CA LEU C 491 35.82 8.31 -16.70
C LEU C 491 37.09 8.20 -17.55
N ILE C 492 37.67 9.35 -17.93
CA ILE C 492 38.92 9.32 -18.70
C ILE C 492 40.05 8.73 -17.87
N LYS C 493 40.10 9.08 -16.58
CA LYS C 493 41.13 8.50 -15.71
C LYS C 493 40.98 6.99 -15.61
N ALA C 494 39.75 6.51 -15.45
CA ALA C 494 39.53 5.06 -15.36
C ALA C 494 39.87 4.38 -16.69
N ASP C 495 39.55 5.02 -17.81
CA ASP C 495 39.90 4.47 -19.11
C ASP C 495 41.42 4.38 -19.27
N ASN C 496 42.14 5.40 -18.80
CA ASN C 496 43.61 5.35 -18.83
C ASN C 496 44.13 4.21 -17.96
N PHE C 497 43.54 4.03 -16.77
CA PHE C 497 43.91 2.90 -15.92
C PHE C 497 43.76 1.59 -16.67
N LEU C 498 42.60 1.38 -17.28
CA LEU C 498 42.36 0.14 -18.02
C LEU C 498 43.36 -0.03 -19.15
N LEU C 499 43.58 1.04 -19.93
CA LEU C 499 44.48 0.96 -21.08
C LEU C 499 45.89 0.59 -20.66
N GLU C 500 46.40 1.22 -19.59
CA GLU C 500 47.78 1.00 -19.21
C GLU C 500 47.99 -0.32 -18.47
N ASN C 501 47.03 -0.75 -17.64
CA ASN C 501 47.26 -1.92 -16.79
C ASN C 501 46.29 -3.07 -17.11
N THR C 502 45.85 -3.17 -18.37
CA THR C 502 45.05 -4.32 -18.76
C THR C 502 45.86 -5.37 -19.52
N LEU C 503 46.77 -4.95 -20.39
CA LEU C 503 47.37 -5.87 -21.36
C LEU C 503 48.06 -7.07 -20.74
N PRO C 504 48.87 -6.95 -19.67
CA PRO C 504 49.44 -8.17 -19.07
C PRO C 504 48.36 -9.01 -18.40
N ALA C 505 47.56 -9.70 -19.21
CA ALA C 505 46.38 -10.39 -18.72
C ALA C 505 46.75 -11.54 -17.80
N GLN C 506 46.04 -11.64 -16.67
CA GLN C 506 46.14 -12.76 -15.76
C GLN C 506 44.99 -13.73 -15.94
N SER C 507 43.79 -13.22 -16.17
CA SER C 507 42.61 -14.03 -16.47
C SER C 507 41.89 -13.42 -17.67
N THR C 508 41.39 -14.29 -18.56
CA THR C 508 40.71 -13.81 -19.75
C THR C 508 39.40 -13.12 -19.41
N PHE C 509 38.82 -13.38 -18.25
CA PHE C 509 37.58 -12.71 -17.86
C PHE C 509 37.78 -11.21 -17.68
N THR C 510 38.82 -10.83 -16.92
CA THR C 510 39.11 -9.41 -16.73
C THR C 510 39.52 -8.76 -18.04
N LEU C 511 40.29 -9.47 -18.87
CA LEU C 511 40.69 -8.93 -20.17
C LEU C 511 39.47 -8.67 -21.05
N ALA C 512 38.53 -9.61 -21.08
CA ALA C 512 37.30 -9.44 -21.84
C ALA C 512 36.42 -8.30 -21.34
N ILE C 513 36.23 -8.20 -20.03
CA ILE C 513 35.46 -7.08 -19.50
C ILE C 513 36.13 -5.74 -19.78
N SER C 514 37.45 -5.64 -19.61
CA SER C 514 38.15 -4.41 -19.93
C SER C 514 38.05 -4.07 -21.41
N ALA C 515 38.16 -5.08 -22.30
CA ALA C 515 38.03 -4.83 -23.72
C ALA C 515 36.64 -4.30 -24.07
N TYR C 516 35.61 -4.89 -23.48
CA TYR C 516 34.26 -4.40 -23.76
C TYR C 516 34.06 -2.99 -23.21
N ALA C 517 34.57 -2.72 -22.00
CA ALA C 517 34.43 -1.39 -21.43
C ALA C 517 35.18 -0.35 -22.24
N LEU C 518 36.28 -0.72 -22.87
CA LEU C 518 37.02 0.19 -23.74
C LEU C 518 36.34 0.37 -25.09
N SER C 519 35.69 -0.68 -25.61
CA SER C 519 35.10 -0.61 -26.94
C SER C 519 34.01 0.43 -27.02
N LEU C 520 33.21 0.58 -25.96
CA LEU C 520 32.15 1.58 -25.96
C LEU C 520 32.70 2.99 -26.09
N GLY C 521 33.94 3.22 -25.65
CA GLY C 521 34.52 4.54 -25.71
C GLY C 521 35.45 4.76 -26.87
N ASP C 522 36.64 5.30 -26.59
CA ASP C 522 37.61 5.55 -27.64
C ASP C 522 38.15 4.23 -28.19
N LYS C 523 37.98 4.03 -29.50
CA LYS C 523 38.44 2.82 -30.17
C LYS C 523 39.58 3.09 -31.14
N THR C 524 40.10 4.32 -31.16
CA THR C 524 41.21 4.68 -32.05
C THR C 524 42.57 4.42 -31.41
N HIS C 525 42.64 4.48 -30.08
CA HIS C 525 43.91 4.31 -29.39
C HIS C 525 44.55 2.96 -29.75
N PRO C 526 45.82 2.94 -30.15
CA PRO C 526 46.45 1.66 -30.54
C PRO C 526 46.48 0.63 -29.42
N GLN C 527 46.57 1.06 -28.17
CA GLN C 527 46.57 0.11 -27.05
C GLN C 527 45.26 -0.67 -27.01
N PHE C 528 44.14 -0.01 -27.34
CA PHE C 528 42.89 -0.74 -27.43
C PHE C 528 42.93 -1.80 -28.51
N ARG C 529 43.56 -1.49 -29.65
CA ARG C 529 43.70 -2.49 -30.71
C ARG C 529 44.55 -3.66 -30.25
N SER C 530 45.63 -3.38 -29.50
CA SER C 530 46.45 -4.46 -28.96
C SER C 530 45.64 -5.32 -27.99
N ILE C 531 44.82 -4.69 -27.15
CA ILE C 531 43.97 -5.42 -26.22
C ILE C 531 43.00 -6.30 -26.97
N VAL C 532 42.40 -5.76 -28.03
CA VAL C 532 41.43 -6.53 -28.82
C VAL C 532 42.10 -7.72 -29.48
N SER C 533 43.30 -7.52 -30.03
CA SER C 533 44.02 -8.63 -30.65
C SER C 533 44.39 -9.69 -29.61
N ALA C 534 44.82 -9.27 -28.43
CA ALA C 534 45.17 -10.22 -27.38
C ALA C 534 43.95 -11.03 -26.95
N LEU C 535 42.79 -10.37 -26.84
CA LEU C 535 41.56 -11.10 -26.55
C LEU C 535 41.23 -12.08 -27.67
N LYS C 536 41.36 -11.65 -28.92
CA LYS C 536 41.05 -12.50 -30.06
C LYS C 536 41.97 -13.70 -30.15
N ARG C 537 43.18 -13.61 -29.60
CA ARG C 537 44.10 -14.75 -29.63
C ARG C 537 43.62 -15.90 -28.75
N GLU C 538 42.97 -15.59 -27.62
CA GLU C 538 42.61 -16.59 -26.64
C GLU C 538 41.36 -17.39 -27.01
N ALA C 539 40.79 -17.17 -28.19
CA ALA C 539 39.55 -17.82 -28.55
C ALA C 539 39.75 -19.33 -28.72
N LEU C 540 38.79 -20.10 -28.21
CA LEU C 540 38.74 -21.54 -28.41
C LEU C 540 37.67 -21.85 -29.44
N VAL C 541 38.03 -22.65 -30.44
CA VAL C 541 37.17 -22.89 -31.60
C VAL C 541 36.94 -24.38 -31.76
N LYS C 542 35.67 -24.75 -31.95
CA LYS C 542 35.27 -26.12 -32.28
C LYS C 542 34.66 -26.10 -33.67
N GLY C 543 35.20 -26.94 -34.56
CA GLY C 543 34.71 -27.03 -35.92
C GLY C 543 35.56 -26.28 -36.94
N ASN C 544 35.81 -26.90 -38.09
CA ASN C 544 36.54 -26.25 -39.18
C ASN C 544 35.71 -26.34 -40.45
N PRO C 545 35.19 -25.22 -40.98
CA PRO C 545 35.31 -23.83 -40.51
C PRO C 545 34.64 -23.63 -39.15
N PRO C 546 35.03 -22.58 -38.41
CA PRO C 546 34.48 -22.37 -37.07
C PRO C 546 32.96 -22.37 -37.02
N ILE C 547 32.39 -23.33 -36.30
CA ILE C 547 30.96 -23.38 -36.04
C ILE C 547 30.65 -23.00 -34.59
N TYR C 548 31.51 -23.40 -33.66
CA TYR C 548 31.44 -22.94 -32.28
C TYR C 548 32.70 -22.18 -31.93
N ARG C 549 32.56 -21.03 -31.28
CA ARG C 549 33.69 -20.23 -30.86
C ARG C 549 33.36 -19.57 -29.53
N PHE C 550 34.22 -19.76 -28.54
CA PHE C 550 33.93 -19.26 -27.21
C PHE C 550 35.23 -18.97 -26.48
N TRP C 551 35.10 -18.36 -25.30
CA TRP C 551 36.21 -18.03 -24.42
C TRP C 551 36.01 -18.72 -23.08
N LYS C 552 37.00 -18.59 -22.21
CA LYS C 552 36.94 -19.15 -20.85
C LYS C 552 37.99 -18.44 -20.02
N ASP C 553 38.25 -18.97 -18.83
CA ASP C 553 39.28 -18.42 -17.95
C ASP C 553 40.60 -19.13 -18.24
N ASN C 554 41.61 -18.37 -18.64
CA ASN C 554 42.88 -18.92 -19.13
C ASN C 554 44.03 -18.24 -18.38
N LEU C 555 44.39 -18.79 -17.22
CA LEU C 555 45.60 -18.40 -16.51
C LEU C 555 46.68 -19.46 -16.66
N GLN C 556 46.39 -20.69 -16.26
CA GLN C 556 47.21 -21.84 -16.57
C GLN C 556 46.42 -22.94 -17.26
N HIS C 557 45.13 -22.72 -17.52
CA HIS C 557 44.24 -23.66 -18.18
C HIS C 557 44.32 -23.59 -19.69
N LYS C 558 45.42 -23.08 -20.25
CA LYS C 558 45.53 -22.89 -21.69
C LYS C 558 45.57 -24.20 -22.47
N ASP C 559 45.67 -25.34 -21.79
CA ASP C 559 45.51 -26.61 -22.47
C ASP C 559 44.12 -26.70 -23.08
N SER C 560 44.02 -27.32 -24.25
CA SER C 560 42.75 -27.44 -24.96
C SER C 560 41.86 -28.41 -24.21
N SER C 561 40.94 -27.86 -23.41
CA SER C 561 40.02 -28.67 -22.61
C SER C 561 38.65 -28.01 -22.66
N VAL C 562 37.73 -28.63 -23.40
CA VAL C 562 36.36 -28.15 -23.53
C VAL C 562 35.44 -29.20 -22.94
N PRO C 563 35.01 -29.03 -21.68
CA PRO C 563 34.10 -30.01 -21.07
C PRO C 563 32.69 -29.97 -21.64
N ASN C 564 32.39 -29.02 -22.54
CA ASN C 564 31.09 -28.84 -23.17
C ASN C 564 29.99 -28.47 -22.19
N THR C 565 30.34 -28.18 -20.94
CA THR C 565 29.39 -27.73 -19.93
C THR C 565 29.52 -26.23 -19.75
N GLY C 566 28.43 -25.51 -19.95
CA GLY C 566 28.44 -24.08 -19.77
C GLY C 566 28.53 -23.67 -18.32
N THR C 567 29.37 -22.69 -18.03
CA THR C 567 29.53 -22.15 -16.70
C THR C 567 29.31 -20.65 -16.75
N ALA C 568 28.83 -20.08 -15.64
CA ALA C 568 28.51 -18.65 -15.59
C ALA C 568 29.67 -17.79 -16.07
N ARG C 569 30.89 -18.10 -15.62
CA ARG C 569 32.05 -17.32 -16.03
C ARG C 569 32.30 -17.45 -17.53
N MET C 570 32.18 -18.67 -18.06
CA MET C 570 32.41 -18.92 -19.47
C MET C 570 31.44 -18.13 -20.34
N VAL C 571 30.15 -18.21 -20.01
CA VAL C 571 29.14 -17.47 -20.75
C VAL C 571 29.36 -15.97 -20.61
N GLU C 572 29.80 -15.52 -19.42
CA GLU C 572 30.03 -14.11 -19.21
C GLU C 572 31.14 -13.59 -20.12
N THR C 573 32.28 -14.28 -20.15
CA THR C 573 33.39 -13.84 -21.01
C THR C 573 33.01 -13.93 -22.48
N THR C 574 32.29 -14.99 -22.87
CA THR C 574 31.87 -15.11 -24.27
C THR C 574 30.94 -13.97 -24.66
N ALA C 575 30.00 -13.62 -23.77
CA ALA C 575 29.08 -12.53 -24.07
C ALA C 575 29.81 -11.20 -24.18
N TYR C 576 30.79 -10.95 -23.31
CA TYR C 576 31.55 -9.70 -23.40
C TYR C 576 32.37 -9.64 -24.68
N ALA C 577 32.97 -10.75 -25.09
CA ALA C 577 33.67 -10.76 -26.37
C ALA C 577 32.70 -10.54 -27.53
N LEU C 578 31.51 -11.12 -27.44
CA LEU C 578 30.49 -10.91 -28.47
C LEU C 578 30.11 -9.44 -28.58
N LEU C 579 29.90 -8.79 -27.43
CA LEU C 579 29.53 -7.38 -27.43
C LEU C 579 30.66 -6.51 -27.97
N THR C 580 31.91 -6.85 -27.64
CA THR C 580 33.04 -6.12 -28.21
C THR C 580 33.08 -6.24 -29.72
N SER C 581 32.89 -7.47 -30.23
CA SER C 581 32.90 -7.67 -31.68
C SER C 581 31.77 -6.91 -32.35
N LEU C 582 30.58 -6.92 -31.75
CA LEU C 582 29.45 -6.17 -32.30
C LEU C 582 29.74 -4.68 -32.32
N ASN C 583 30.27 -4.15 -31.23
CA ASN C 583 30.51 -2.72 -31.13
C ASN C 583 31.63 -2.28 -32.07
N LEU C 584 32.56 -3.17 -32.40
CA LEU C 584 33.55 -2.87 -33.43
C LEU C 584 33.03 -3.14 -34.84
N LYS C 585 31.80 -3.65 -34.95
CA LYS C 585 31.16 -3.93 -36.25
C LYS C 585 32.00 -4.90 -37.07
N ASP C 586 32.14 -6.12 -36.55
CA ASP C 586 32.85 -7.21 -37.20
C ASP C 586 31.87 -8.38 -37.28
N ILE C 587 31.35 -8.64 -38.48
CA ILE C 587 30.28 -9.63 -38.63
C ILE C 587 30.81 -11.00 -39.02
N ASN C 588 31.86 -11.06 -39.85
CA ASN C 588 32.37 -12.36 -40.29
C ASN C 588 32.89 -13.19 -39.12
N TYR C 589 33.38 -12.54 -38.08
CA TYR C 589 33.96 -13.21 -36.92
C TYR C 589 32.91 -13.65 -35.90
N VAL C 590 31.68 -13.16 -35.99
CA VAL C 590 30.74 -13.23 -34.89
C VAL C 590 29.73 -14.36 -35.00
N ASN C 591 29.52 -14.93 -36.19
CA ASN C 591 28.46 -15.92 -36.36
C ASN C 591 28.62 -17.16 -35.48
N PRO C 592 29.79 -17.79 -35.37
CA PRO C 592 29.91 -18.93 -34.44
C PRO C 592 29.57 -18.57 -33.01
N VAL C 593 29.89 -17.36 -32.57
CA VAL C 593 29.64 -16.97 -31.19
C VAL C 593 28.14 -16.89 -30.92
N ILE C 594 27.38 -16.25 -31.81
CA ILE C 594 25.94 -16.18 -31.62
C ILE C 594 25.33 -17.57 -31.76
N LYS C 595 25.86 -18.42 -32.63
CA LYS C 595 25.37 -19.78 -32.71
C LYS C 595 25.53 -20.50 -31.38
N TRP C 596 26.71 -20.42 -30.78
CA TRP C 596 26.96 -21.06 -29.49
C TRP C 596 26.05 -20.49 -28.40
N LEU C 597 25.92 -19.16 -28.35
CA LEU C 597 25.11 -18.56 -27.30
C LEU C 597 23.64 -18.91 -27.45
N SER C 598 23.13 -18.95 -28.69
CA SER C 598 21.76 -19.36 -28.91
C SER C 598 21.55 -20.82 -28.53
N GLU C 599 22.53 -21.68 -28.81
CA GLU C 599 22.44 -23.07 -28.38
C GLU C 599 22.50 -23.19 -26.86
N GLU C 600 23.13 -22.22 -26.19
CA GLU C 600 23.34 -22.33 -24.75
C GLU C 600 22.09 -22.05 -23.93
N GLN C 601 21.12 -21.33 -24.50
CA GLN C 601 20.03 -20.77 -23.71
C GLN C 601 19.16 -21.86 -23.09
N ARG C 602 18.42 -21.46 -22.05
CA ARG C 602 17.57 -22.35 -21.28
C ARG C 602 16.11 -22.17 -21.70
N TYR C 603 15.20 -22.77 -20.91
CA TYR C 603 13.77 -22.70 -21.19
C TYR C 603 13.26 -21.27 -21.22
N GLY C 604 13.31 -20.58 -20.08
CA GLY C 604 12.72 -19.26 -19.99
C GLY C 604 13.50 -18.19 -20.71
N GLY C 605 14.69 -18.50 -21.22
CA GLY C 605 15.54 -17.53 -21.84
C GLY C 605 16.64 -16.99 -20.94
N GLY C 606 16.73 -17.48 -19.71
CA GLY C 606 17.75 -17.04 -18.77
C GLY C 606 18.85 -18.08 -18.63
N PHE C 607 20.09 -17.60 -18.64
CA PHE C 607 21.26 -18.47 -18.54
C PHE C 607 21.50 -18.80 -17.07
N TYR C 608 22.69 -19.34 -16.77
CA TYR C 608 22.95 -19.97 -15.47
C TYR C 608 22.75 -18.98 -14.32
N SER C 609 23.41 -17.83 -14.39
CA SER C 609 23.32 -16.83 -13.34
C SER C 609 22.77 -15.53 -13.92
N THR C 610 22.79 -14.47 -13.10
CA THR C 610 22.16 -13.21 -13.49
C THR C 610 23.08 -12.37 -14.37
N GLN C 611 24.33 -12.15 -13.93
CA GLN C 611 25.22 -11.26 -14.65
C GLN C 611 25.61 -11.81 -16.02
N ASP C 612 25.64 -13.13 -16.17
CA ASP C 612 25.81 -13.67 -17.52
C ASP C 612 24.52 -13.57 -18.32
N THR C 613 23.37 -13.71 -17.65
CA THR C 613 22.09 -13.65 -18.36
C THR C 613 21.87 -12.29 -19.00
N ILE C 614 22.10 -11.22 -18.25
CA ILE C 614 21.85 -9.89 -18.79
C ILE C 614 22.75 -9.61 -19.98
N ASN C 615 24.04 -9.94 -19.86
CA ASN C 615 24.97 -9.70 -20.95
C ASN C 615 24.64 -10.55 -22.17
N ALA C 616 24.31 -11.82 -21.97
CA ALA C 616 23.99 -12.68 -23.11
C ALA C 616 22.71 -12.23 -23.81
N ILE C 617 21.70 -11.83 -23.04
CA ILE C 617 20.46 -11.33 -23.65
C ILE C 617 20.74 -10.05 -24.43
N GLU C 618 21.55 -9.16 -23.87
CA GLU C 618 21.91 -7.93 -24.59
C GLU C 618 22.64 -8.27 -25.89
N GLY C 619 23.56 -9.23 -25.84
CA GLY C 619 24.29 -9.60 -27.04
C GLY C 619 23.38 -10.17 -28.11
N LEU C 620 22.49 -11.08 -27.73
CA LEU C 620 21.58 -11.68 -28.71
C LEU C 620 20.63 -10.63 -29.29
N THR C 621 20.08 -9.77 -28.44
CA THR C 621 19.17 -8.74 -28.92
C THR C 621 19.88 -7.78 -29.88
N GLU C 622 21.09 -7.35 -29.54
CA GLU C 622 21.81 -6.44 -30.41
C GLU C 622 22.25 -7.11 -31.70
N TYR C 623 22.56 -8.41 -31.66
CA TYR C 623 22.88 -9.12 -32.89
C TYR C 623 21.67 -9.22 -33.81
N SER C 624 20.51 -9.54 -33.23
CA SER C 624 19.29 -9.59 -34.04
C SER C 624 18.95 -8.22 -34.61
N LEU C 625 19.16 -7.16 -33.83
CA LEU C 625 18.81 -5.83 -34.27
C LEU C 625 19.77 -5.30 -35.34
N LEU C 626 21.06 -5.58 -35.20
CA LEU C 626 22.06 -5.06 -36.13
C LEU C 626 22.06 -5.86 -37.44
N VAL C 627 22.31 -7.16 -37.35
CA VAL C 627 22.17 -8.03 -38.52
C VAL C 627 20.68 -8.18 -38.82
N LYS C 628 20.25 -7.62 -39.95
CA LYS C 628 18.83 -7.54 -40.25
C LYS C 628 18.20 -8.93 -40.32
N GLN C 629 17.08 -9.10 -39.63
CA GLN C 629 16.42 -10.38 -39.57
C GLN C 629 15.75 -10.71 -40.91
N LEU C 630 15.55 -12.00 -41.13
CA LEU C 630 14.96 -12.50 -42.37
C LEU C 630 13.49 -12.89 -42.15
N ARG C 631 12.75 -12.92 -43.25
CA ARG C 631 11.34 -13.29 -43.19
C ARG C 631 11.18 -14.71 -42.71
N LEU C 632 10.24 -14.92 -41.79
CA LEU C 632 10.00 -16.23 -41.18
C LEU C 632 8.88 -16.94 -41.93
N SER C 633 9.23 -18.07 -42.56
CA SER C 633 8.26 -18.97 -43.17
C SER C 633 8.92 -20.35 -43.19
N MET C 634 8.55 -21.20 -42.24
CA MET C 634 9.35 -22.38 -41.98
C MET C 634 8.45 -23.49 -41.43
N ASP C 635 8.87 -24.74 -41.67
CA ASP C 635 8.11 -25.92 -41.30
C ASP C 635 8.98 -26.81 -40.43
N ILE C 636 8.57 -27.01 -39.17
CA ILE C 636 9.30 -27.82 -38.21
C ILE C 636 8.38 -28.90 -37.68
N ASP C 637 8.85 -30.14 -37.69
CA ASP C 637 8.06 -31.28 -37.19
C ASP C 637 8.93 -32.09 -36.23
N VAL C 638 8.36 -32.43 -35.07
CA VAL C 638 9.06 -33.20 -34.05
C VAL C 638 8.40 -34.56 -33.94
N SER C 639 9.22 -35.60 -33.87
CA SER C 639 8.71 -36.96 -33.80
C SER C 639 9.62 -37.81 -32.92
N TYR C 640 9.02 -38.82 -32.30
CA TYR C 640 9.77 -39.76 -31.48
C TYR C 640 10.51 -40.75 -32.39
N LYS C 641 11.54 -41.39 -31.84
CA LYS C 641 12.38 -42.27 -32.64
C LYS C 641 11.67 -43.55 -33.06
N HIS C 642 10.90 -44.16 -32.16
CA HIS C 642 10.20 -45.40 -32.49
C HIS C 642 8.70 -45.26 -32.24
N LYS C 643 8.33 -44.41 -31.29
CA LYS C 643 6.92 -44.18 -30.98
C LYS C 643 6.31 -43.32 -32.08
N GLY C 644 5.06 -42.90 -31.88
CA GLY C 644 4.39 -42.07 -32.86
C GLY C 644 5.04 -40.71 -33.02
N ALA C 645 4.37 -39.85 -33.78
CA ALA C 645 4.89 -38.50 -34.02
C ALA C 645 4.37 -37.54 -32.96
N LEU C 646 4.63 -36.25 -33.14
CA LEU C 646 4.14 -35.23 -32.22
C LEU C 646 3.63 -34.06 -33.07
N HIS C 647 3.25 -32.97 -32.40
CA HIS C 647 2.67 -31.83 -33.09
C HIS C 647 3.67 -31.22 -34.07
N ASN C 648 3.18 -30.92 -35.26
CA ASN C 648 3.98 -30.28 -36.31
C ASN C 648 3.80 -28.78 -36.25
N TYR C 649 4.91 -28.05 -36.35
CA TYR C 649 4.90 -26.59 -36.20
C TYR C 649 5.14 -25.95 -37.56
N LYS C 650 4.19 -25.14 -38.01
CA LYS C 650 4.34 -24.31 -39.19
C LYS C 650 4.39 -22.86 -38.74
N MET C 651 5.57 -22.26 -38.77
CA MET C 651 5.76 -20.92 -38.24
C MET C 651 5.92 -19.91 -39.36
N THR C 652 5.26 -18.77 -39.21
CA THR C 652 5.53 -17.57 -39.96
C THR C 652 5.84 -16.46 -38.97
N ASP C 653 5.99 -15.24 -39.48
CA ASP C 653 6.12 -14.12 -38.55
C ASP C 653 4.83 -13.82 -37.81
N LYS C 654 3.71 -14.42 -38.22
CA LYS C 654 2.44 -14.27 -37.54
C LYS C 654 2.22 -15.31 -36.46
N ASN C 655 3.05 -16.36 -36.40
CA ASN C 655 2.90 -17.39 -35.37
C ASN C 655 4.25 -18.05 -35.17
N PHE C 656 4.96 -17.66 -34.11
CA PHE C 656 6.16 -18.37 -33.70
C PHE C 656 6.21 -18.50 -32.18
N LEU C 657 5.24 -17.88 -31.50
CA LEU C 657 5.16 -17.94 -30.05
C LEU C 657 4.25 -19.09 -29.62
N GLY C 658 4.21 -20.16 -30.41
CA GLY C 658 3.34 -21.30 -30.14
C GLY C 658 3.46 -21.85 -28.74
N ARG C 659 2.39 -22.49 -28.27
CA ARG C 659 2.36 -22.96 -26.90
C ARG C 659 3.43 -24.02 -26.68
N PRO C 660 4.09 -24.04 -25.52
CA PRO C 660 5.09 -25.08 -25.24
C PRO C 660 4.41 -26.40 -24.93
N VAL C 661 4.89 -27.47 -25.57
CA VAL C 661 4.30 -28.80 -25.46
C VAL C 661 5.25 -29.69 -24.68
N GLU C 662 4.74 -30.28 -23.62
CA GLU C 662 5.53 -31.21 -22.81
C GLU C 662 5.64 -32.56 -23.49
N VAL C 663 6.81 -33.17 -23.42
CA VAL C 663 7.02 -34.50 -23.98
C VAL C 663 6.32 -35.52 -23.08
N LEU C 664 5.32 -36.21 -23.63
CA LEU C 664 4.53 -37.17 -22.87
C LEU C 664 5.11 -38.58 -22.98
N LEU C 665 5.19 -39.11 -24.20
CA LEU C 665 5.70 -40.44 -24.43
C LEU C 665 7.22 -40.47 -24.27
N ASN C 666 7.73 -41.66 -23.96
CA ASN C 666 9.15 -41.86 -23.64
C ASN C 666 9.84 -42.47 -24.85
N ASP C 667 10.62 -41.66 -25.56
CA ASP C 667 11.39 -42.13 -26.71
C ASP C 667 12.41 -41.06 -27.08
N ASP C 668 13.41 -41.46 -27.85
CA ASP C 668 14.36 -40.50 -28.40
C ASP C 668 13.64 -39.54 -29.33
N LEU C 669 14.00 -38.27 -29.25
CA LEU C 669 13.28 -37.21 -29.93
C LEU C 669 14.09 -36.67 -31.10
N ILE C 670 13.42 -36.42 -32.22
CA ILE C 670 14.07 -35.95 -33.43
C ILE C 670 13.24 -34.81 -34.00
N VAL C 671 13.88 -33.66 -34.23
CA VAL C 671 13.23 -32.48 -34.79
C VAL C 671 13.79 -32.25 -36.18
N SER C 672 12.90 -32.19 -37.18
CA SER C 672 13.29 -32.09 -38.58
C SER C 672 12.60 -30.87 -39.20
N THR C 673 13.23 -30.33 -40.24
CA THR C 673 12.77 -29.11 -40.88
C THR C 673 12.83 -29.25 -42.38
N GLY C 674 12.01 -28.45 -43.07
CA GLY C 674 12.05 -28.35 -44.51
C GLY C 674 12.87 -27.17 -44.98
N PHE C 675 12.64 -26.76 -46.22
CA PHE C 675 13.32 -25.60 -46.78
C PHE C 675 12.59 -24.33 -46.38
N GLY C 676 13.32 -23.39 -45.79
CA GLY C 676 12.74 -22.13 -45.38
C GLY C 676 13.80 -21.19 -44.86
N SER C 677 13.44 -19.92 -44.78
CA SER C 677 14.34 -18.88 -44.31
C SER C 677 14.24 -18.72 -42.80
N GLY C 678 15.00 -17.77 -42.26
CA GLY C 678 14.94 -17.46 -40.85
C GLY C 678 15.71 -18.43 -39.99
N LEU C 679 15.65 -18.19 -38.69
CA LEU C 679 16.32 -19.01 -37.68
C LEU C 679 15.27 -19.54 -36.71
N ALA C 680 15.47 -20.76 -36.23
CA ALA C 680 14.59 -21.40 -35.27
C ALA C 680 15.40 -21.88 -34.08
N THR C 681 14.86 -21.72 -32.87
CA THR C 681 15.50 -22.18 -31.66
C THR C 681 14.68 -23.29 -31.04
N VAL C 682 15.31 -24.43 -30.77
CA VAL C 682 14.65 -25.58 -30.17
C VAL C 682 15.38 -25.91 -28.87
N HIS C 683 14.65 -25.85 -27.75
CA HIS C 683 15.24 -26.09 -26.44
C HIS C 683 14.46 -27.18 -25.72
N VAL C 684 15.19 -28.16 -25.18
CA VAL C 684 14.61 -29.28 -24.46
C VAL C 684 15.17 -29.27 -23.04
N THR C 685 14.28 -29.30 -22.05
CA THR C 685 14.67 -29.38 -20.66
C THR C 685 14.23 -30.73 -20.10
N THR C 686 15.02 -31.24 -19.16
CA THR C 686 14.80 -32.55 -18.57
C THR C 686 14.88 -32.40 -17.06
N VAL C 687 13.72 -32.47 -16.40
CA VAL C 687 13.63 -32.48 -14.94
C VAL C 687 13.51 -33.92 -14.49
N VAL C 688 14.44 -34.35 -13.64
CA VAL C 688 14.52 -35.73 -13.17
C VAL C 688 14.81 -35.70 -11.67
N HIS C 689 14.65 -36.86 -11.04
CA HIS C 689 14.88 -37.00 -9.61
C HIS C 689 15.99 -38.02 -9.38
N LYS C 690 16.88 -37.71 -8.44
CA LYS C 690 18.02 -38.55 -8.11
C LYS C 690 18.02 -38.88 -6.62
N THR C 691 18.75 -39.95 -6.28
CA THR C 691 18.78 -40.46 -4.92
C THR C 691 20.13 -40.33 -4.23
N SER C 692 21.11 -39.68 -4.86
CA SER C 692 22.44 -39.57 -4.27
C SER C 692 23.20 -38.42 -4.89
N THR C 693 24.35 -38.10 -4.30
CA THR C 693 25.22 -37.03 -4.75
C THR C 693 26.64 -37.49 -5.03
N SER C 694 26.95 -38.78 -4.87
CA SER C 694 28.31 -39.25 -5.07
C SER C 694 28.81 -38.98 -6.49
N GLU C 695 27.91 -39.02 -7.47
CA GLU C 695 28.33 -38.77 -8.85
C GLU C 695 28.69 -37.31 -9.08
N GLU C 696 28.06 -36.39 -8.36
CA GLU C 696 28.31 -34.97 -8.54
C GLU C 696 29.70 -34.60 -8.01
N VAL C 697 30.15 -33.41 -8.38
CA VAL C 697 31.43 -32.87 -7.93
C VAL C 697 31.12 -31.83 -6.85
N CYS C 698 31.50 -32.13 -5.62
CA CYS C 698 31.24 -31.27 -4.49
C CYS C 698 32.42 -30.34 -4.24
N SER C 699 32.12 -29.11 -3.81
CA SER C 699 33.16 -28.11 -3.57
C SER C 699 33.01 -27.43 -2.22
N PHE C 700 32.08 -27.89 -1.38
CA PHE C 700 31.88 -27.32 -0.05
C PHE C 700 31.88 -28.43 0.98
N TYR C 701 32.69 -28.26 2.03
CA TYR C 701 32.63 -29.16 3.17
C TYR C 701 31.37 -28.91 3.96
N LEU C 702 30.56 -29.95 4.17
CA LEU C 702 29.24 -29.81 4.77
C LEU C 702 29.05 -30.83 5.87
N LYS C 703 28.29 -30.47 6.90
CA LYS C 703 27.84 -31.43 7.90
C LYS C 703 26.63 -30.85 8.64
N ILE C 704 25.53 -31.59 8.65
CA ILE C 704 24.29 -31.14 9.27
C ILE C 704 23.76 -32.24 10.17
N ASP C 705 23.35 -31.88 11.39
CA ASP C 705 22.81 -32.84 12.33
C ASP C 705 21.78 -32.15 13.22
N THR C 706 21.16 -32.93 14.09
CA THR C 706 20.11 -32.45 14.99
C THR C 706 20.48 -32.79 16.42
N GLN C 707 20.36 -31.80 17.30
CA GLN C 707 20.59 -31.95 18.73
C GLN C 707 19.29 -31.75 19.50
N ASP C 708 19.35 -32.08 20.79
CA ASP C 708 18.23 -31.89 21.69
C ASP C 708 18.64 -30.95 22.82
N ILE C 709 17.69 -30.17 23.29
CA ILE C 709 17.94 -29.18 24.34
C ILE C 709 17.14 -29.56 25.58
N GLU C 710 17.67 -29.16 26.74
CA GLU C 710 17.08 -29.35 28.07
C GLU C 710 16.04 -30.46 28.20
N SER C 720 9.69 -26.45 28.97
CA SER C 720 9.51 -26.55 27.52
C SER C 720 10.85 -26.70 26.81
N ASP C 721 11.05 -27.84 26.16
CA ASP C 721 12.27 -28.12 25.43
C ASP C 721 11.93 -28.64 24.04
N TYR C 722 12.79 -28.30 23.06
CA TYR C 722 12.53 -28.66 21.68
C TYR C 722 13.77 -29.27 21.03
N LYS C 723 13.68 -29.54 19.73
CA LYS C 723 14.81 -30.03 18.95
C LYS C 723 15.48 -28.88 18.22
N ARG C 724 16.76 -29.03 17.94
CA ARG C 724 17.55 -27.99 17.29
C ARG C 724 18.32 -28.61 16.12
N ILE C 725 18.51 -27.83 15.08
CA ILE C 725 19.25 -28.26 13.89
C ILE C 725 20.49 -27.39 13.77
N VAL C 726 21.64 -28.04 13.60
CA VAL C 726 22.92 -27.37 13.43
C VAL C 726 23.52 -27.83 12.11
N ALA C 727 23.77 -26.88 11.21
CA ALA C 727 24.40 -27.14 9.93
C ALA C 727 25.68 -26.34 9.83
N CYS C 728 26.69 -26.90 9.16
CA CYS C 728 27.99 -26.26 9.03
C CYS C 728 28.50 -26.43 7.62
N ALA C 729 29.05 -25.35 7.06
CA ALA C 729 29.57 -25.34 5.71
C ALA C 729 30.91 -24.61 5.68
N SER C 730 31.73 -24.97 4.70
CA SER C 730 33.01 -24.32 4.49
C SER C 730 33.42 -24.49 3.03
N TYR C 731 34.26 -23.57 2.57
CA TYR C 731 34.70 -23.55 1.18
C TYR C 731 35.95 -24.40 1.00
N LYS C 732 36.05 -25.04 -0.16
CA LYS C 732 37.24 -25.79 -0.56
C LYS C 732 37.80 -25.09 -1.79
N PRO C 733 38.83 -24.27 -1.63
CA PRO C 733 39.39 -23.57 -2.79
C PRO C 733 40.12 -24.51 -3.72
N SER C 734 40.10 -24.16 -5.01
CA SER C 734 40.86 -24.91 -5.98
C SER C 734 42.35 -24.55 -5.88
N ARG C 735 43.15 -25.16 -6.75
CA ARG C 735 44.58 -24.86 -6.75
C ARG C 735 44.85 -23.41 -7.14
N GLU C 736 44.08 -22.87 -8.08
CA GLU C 736 44.31 -21.51 -8.56
C GLU C 736 43.82 -20.48 -7.55
N GLU C 737 42.65 -20.70 -6.95
CA GLU C 737 42.06 -19.72 -6.04
C GLU C 737 42.87 -19.60 -4.75
N SER C 738 42.70 -18.46 -4.09
CA SER C 738 43.39 -18.18 -2.83
C SER C 738 42.60 -18.78 -1.67
N SER C 739 42.97 -18.41 -0.44
CA SER C 739 42.34 -18.93 0.76
C SER C 739 41.52 -17.89 1.50
N SER C 740 41.11 -16.81 0.82
CA SER C 740 40.33 -15.76 1.46
C SER C 740 38.87 -16.16 1.66
N GLY C 741 38.43 -17.25 1.07
CA GLY C 741 37.06 -17.71 1.21
C GLY C 741 36.33 -17.70 -0.12
N SER C 742 35.01 -17.66 -0.04
CA SER C 742 34.14 -17.59 -1.20
C SER C 742 33.45 -16.23 -1.26
N SER C 743 32.73 -16.02 -2.36
CA SER C 743 31.96 -14.80 -2.54
C SER C 743 30.57 -14.99 -1.92
N HIS C 744 29.64 -14.11 -2.27
CA HIS C 744 28.26 -14.20 -1.78
C HIS C 744 27.71 -15.59 -2.01
N ALA C 745 27.34 -16.25 -0.92
CA ALA C 745 26.95 -17.66 -0.94
C ALA C 745 25.53 -17.82 -0.40
N VAL C 746 24.90 -18.94 -0.78
CA VAL C 746 23.53 -19.24 -0.40
C VAL C 746 23.49 -20.66 0.15
N MET C 747 22.88 -20.82 1.32
CA MET C 747 22.64 -22.10 1.96
C MET C 747 21.15 -22.41 1.94
N ASP C 748 20.79 -23.56 1.39
CA ASP C 748 19.41 -24.01 1.30
C ASP C 748 19.27 -25.25 2.16
N ILE C 749 18.24 -25.27 3.01
CA ILE C 749 17.92 -26.43 3.83
C ILE C 749 16.46 -26.80 3.55
N SER C 750 16.25 -28.01 3.04
CA SER C 750 14.89 -28.53 2.90
C SER C 750 14.44 -29.06 4.25
N LEU C 751 13.17 -28.83 4.58
CA LEU C 751 12.83 -29.39 5.89
C LEU C 751 12.07 -30.71 5.72
N PRO C 752 12.25 -31.65 6.64
CA PRO C 752 11.45 -32.87 6.59
C PRO C 752 9.97 -32.57 6.74
N THR C 753 9.15 -33.36 6.05
CA THR C 753 7.71 -33.16 6.10
C THR C 753 7.19 -33.34 7.52
N GLY C 754 6.39 -32.39 7.97
CA GLY C 754 5.79 -32.44 9.29
C GLY C 754 6.41 -31.56 10.34
N ILE C 755 7.47 -30.80 10.02
CA ILE C 755 8.08 -29.89 10.97
C ILE C 755 8.29 -28.53 10.29
N SER C 756 8.48 -27.51 11.11
CA SER C 756 8.67 -26.13 10.67
C SER C 756 9.87 -25.53 11.38
N ALA C 757 10.36 -24.43 10.81
CA ALA C 757 11.54 -23.73 11.32
C ALA C 757 11.10 -22.54 12.16
N ASN C 758 11.79 -22.34 13.28
CA ASN C 758 11.45 -21.26 14.21
C ASN C 758 11.99 -19.94 13.66
N GLU C 759 11.10 -18.97 13.43
CA GLU C 759 11.48 -17.72 12.80
C GLU C 759 12.20 -16.76 13.73
N GLU C 760 11.99 -16.88 15.04
CA GLU C 760 12.63 -15.95 15.97
C GLU C 760 14.15 -16.09 15.94
N ASP C 761 14.64 -17.32 15.84
CA ASP C 761 16.09 -17.53 15.80
C ASP C 761 16.71 -16.89 14.57
N LEU C 762 16.08 -17.05 13.40
CA LEU C 762 16.61 -16.44 12.19
C LEU C 762 16.51 -14.92 12.25
N LYS C 763 15.41 -14.39 12.77
CA LYS C 763 15.30 -12.94 12.95
C LYS C 763 16.39 -12.41 13.86
N ALA C 764 16.77 -13.19 14.87
CA ALA C 764 17.89 -12.79 15.72
C ALA C 764 19.21 -12.87 14.96
N LEU C 765 19.38 -13.90 14.14
CA LEU C 765 20.62 -14.11 13.40
C LEU C 765 20.81 -13.12 12.25
N VAL C 766 19.77 -12.40 11.85
CA VAL C 766 19.84 -11.51 10.69
C VAL C 766 19.77 -10.03 11.10
N GLU C 767 18.85 -9.69 12.01
CA GLU C 767 18.50 -8.29 12.22
C GLU C 767 19.35 -7.60 13.28
N GLY C 768 20.59 -8.03 13.46
CA GLY C 768 21.49 -7.42 14.42
C GLY C 768 22.80 -6.98 13.77
N VAL C 769 23.52 -6.12 14.50
CA VAL C 769 24.85 -5.70 14.06
C VAL C 769 25.83 -6.87 14.10
N ASP C 770 25.48 -7.95 14.81
CA ASP C 770 26.23 -9.20 14.83
C ASP C 770 25.77 -10.16 13.74
N GLN C 771 25.32 -9.64 12.59
CA GLN C 771 24.73 -10.49 11.57
C GLN C 771 25.71 -11.57 11.10
N LEU C 772 25.40 -12.82 11.42
CA LEU C 772 26.14 -13.93 10.83
C LEU C 772 25.72 -14.16 9.39
N PHE C 773 24.56 -13.65 8.99
CA PHE C 773 24.06 -13.80 7.64
C PHE C 773 23.47 -12.46 7.19
N THR C 774 23.35 -12.31 5.88
CA THR C 774 22.81 -11.08 5.32
C THR C 774 21.30 -11.14 5.15
N ASP C 775 20.76 -12.26 4.66
CA ASP C 775 19.31 -12.34 4.52
C ASP C 775 18.85 -13.77 4.76
N TYR C 776 17.57 -13.90 5.13
CA TYR C 776 16.95 -15.19 5.38
C TYR C 776 15.53 -15.18 4.83
N GLN C 777 15.05 -16.35 4.43
CA GLN C 777 13.67 -16.46 3.99
C GLN C 777 13.23 -17.91 4.04
N ILE C 778 11.91 -18.11 4.05
CA ILE C 778 11.29 -19.43 4.13
C ILE C 778 10.28 -19.52 2.99
N LYS C 779 10.60 -20.30 1.96
CA LYS C 779 9.73 -20.42 0.80
C LYS C 779 9.53 -21.88 0.43
N ASP C 780 8.27 -22.28 0.28
CA ASP C 780 7.91 -23.62 -0.20
C ASP C 780 8.59 -24.72 0.60
N GLY C 781 8.62 -24.58 1.92
CA GLY C 781 9.23 -25.59 2.76
C GLY C 781 10.74 -25.61 2.72
N HIS C 782 11.36 -24.52 2.29
CA HIS C 782 12.82 -24.39 2.24
C HIS C 782 13.24 -23.19 3.06
N VAL C 783 14.33 -23.36 3.82
CA VAL C 783 14.96 -22.26 4.54
C VAL C 783 16.19 -21.85 3.74
N ILE C 784 16.18 -20.62 3.22
CA ILE C 784 17.25 -20.12 2.37
C ILE C 784 17.93 -18.96 3.09
N LEU C 785 19.25 -19.05 3.22
CA LEU C 785 20.05 -18.03 3.88
C LEU C 785 21.11 -17.53 2.91
N GLN C 786 21.36 -16.23 2.93
CA GLN C 786 22.33 -15.60 2.04
C GLN C 786 23.35 -14.84 2.87
N LEU C 787 24.63 -15.13 2.60
CA LEU C 787 25.75 -14.65 3.41
C LEU C 787 26.82 -14.07 2.48
N ASN C 788 27.59 -13.11 2.99
CA ASN C 788 28.62 -12.47 2.19
C ASN C 788 29.77 -13.42 1.88
N SER C 789 30.22 -14.19 2.87
CA SER C 789 31.39 -15.04 2.67
C SER C 789 31.30 -16.28 3.54
N ILE C 790 31.68 -17.42 2.96
CA ILE C 790 31.79 -18.69 3.67
C ILE C 790 33.28 -19.01 3.80
N PRO C 791 33.84 -19.03 5.01
CA PRO C 791 35.28 -19.25 5.15
C PRO C 791 35.70 -20.64 4.71
N SER C 792 36.95 -20.74 4.28
CA SER C 792 37.54 -22.02 3.89
C SER C 792 38.40 -22.64 4.98
N SER C 793 38.98 -21.82 5.87
CA SER C 793 39.85 -22.35 6.92
C SER C 793 39.05 -23.18 7.92
N ASP C 794 37.92 -22.68 8.38
CA ASP C 794 37.11 -23.38 9.35
C ASP C 794 35.67 -23.52 8.88
N PHE C 795 34.80 -24.04 9.74
CA PHE C 795 33.39 -24.22 9.42
C PHE C 795 32.58 -23.06 9.96
N LEU C 796 31.61 -22.59 9.16
CA LEU C 796 30.62 -21.64 9.61
C LEU C 796 29.28 -22.34 9.75
N CYS C 797 28.65 -22.17 10.91
CA CYS C 797 27.51 -22.98 11.31
C CYS C 797 26.30 -22.12 11.59
N VAL C 798 25.15 -22.53 11.03
CA VAL C 798 23.85 -21.99 11.39
C VAL C 798 23.19 -22.97 12.36
N ARG C 799 22.48 -22.43 13.35
CA ARG C 799 21.85 -23.22 14.39
C ARG C 799 20.49 -22.63 14.70
N PHE C 800 19.45 -23.46 14.68
CA PHE C 800 18.13 -22.94 15.02
C PHE C 800 17.22 -24.06 15.49
N ARG C 801 16.27 -23.69 16.35
CA ARG C 801 15.29 -24.66 16.83
C ARG C 801 14.28 -24.99 15.73
N ILE C 802 13.64 -26.15 15.87
CA ILE C 802 12.58 -26.55 14.96
C ILE C 802 11.38 -27.00 15.79
N PHE C 803 10.19 -26.86 15.20
CA PHE C 803 8.93 -27.18 15.87
C PHE C 803 8.23 -28.28 15.10
N GLU C 804 7.60 -29.21 15.81
CA GLU C 804 6.91 -30.33 15.20
C GLU C 804 5.48 -29.93 14.90
N LEU C 805 5.16 -29.73 13.61
CA LEU C 805 3.81 -29.34 13.24
C LEU C 805 2.81 -30.47 13.46
N PHE C 806 3.14 -31.67 12.98
CA PHE C 806 2.34 -32.85 13.28
C PHE C 806 3.24 -34.08 13.25
N GLU C 807 2.74 -35.15 13.87
CA GLU C 807 3.47 -36.41 13.90
C GLU C 807 3.47 -37.05 12.52
N VAL C 808 4.66 -37.49 12.07
CA VAL C 808 4.81 -38.20 10.81
C VAL C 808 5.70 -39.41 11.03
N GLY C 809 5.55 -40.39 10.15
CA GLY C 809 6.33 -41.61 10.25
C GLY C 809 6.92 -41.98 8.91
N PHE C 810 8.06 -42.68 8.96
CA PHE C 810 8.80 -43.09 7.76
C PHE C 810 9.15 -41.87 6.91
N LEU C 811 9.48 -40.76 7.56
CA LEU C 811 9.72 -39.51 6.85
C LEU C 811 10.96 -39.62 5.97
N SER C 812 10.84 -39.14 4.74
CA SER C 812 11.96 -39.19 3.81
C SER C 812 13.01 -38.12 4.17
N PRO C 813 14.27 -38.41 3.94
CA PRO C 813 15.31 -37.43 4.24
C PRO C 813 15.22 -36.20 3.34
N ALA C 814 15.65 -35.07 3.87
CA ALA C 814 15.69 -33.80 3.17
C ALA C 814 17.11 -33.51 2.69
N THR C 815 17.27 -32.36 2.05
CA THR C 815 18.54 -31.99 1.41
C THR C 815 19.14 -30.74 2.04
N PHE C 816 20.45 -30.62 1.93
CA PHE C 816 21.20 -29.47 2.43
C PHE C 816 22.19 -29.07 1.34
N THR C 817 22.00 -27.90 0.76
CA THR C 817 22.77 -27.43 -0.38
C THR C 817 23.49 -26.13 -0.02
N VAL C 818 24.71 -25.97 -0.54
CA VAL C 818 25.45 -24.73 -0.44
C VAL C 818 26.00 -24.40 -1.82
N TYR C 819 25.72 -23.18 -2.30
CA TYR C 819 26.19 -22.80 -3.62
C TYR C 819 26.50 -21.31 -3.67
N GLU C 820 27.53 -20.97 -4.45
CA GLU C 820 27.85 -19.57 -4.70
C GLU C 820 26.75 -18.92 -5.53
N TYR C 821 26.48 -17.64 -5.27
CA TYR C 821 25.34 -16.98 -5.90
C TYR C 821 25.56 -16.76 -7.38
N HIS C 822 26.71 -16.22 -7.76
CA HIS C 822 26.95 -15.80 -9.14
C HIS C 822 27.52 -16.89 -10.03
N ARG C 823 27.87 -18.05 -9.47
CA ARG C 823 28.26 -19.21 -10.26
C ARG C 823 27.75 -20.46 -9.55
N PRO C 824 26.51 -20.86 -9.84
CA PRO C 824 25.91 -22.00 -9.12
C PRO C 824 26.60 -23.34 -9.37
N ASP C 825 27.58 -23.39 -10.29
CA ASP C 825 28.27 -24.65 -10.53
C ASP C 825 28.99 -25.15 -9.29
N LYS C 826 29.63 -24.25 -8.55
CA LYS C 826 30.37 -24.59 -7.34
C LYS C 826 29.36 -24.83 -6.22
N GLN C 827 28.78 -26.03 -6.19
CA GLN C 827 27.70 -26.35 -5.27
C GLN C 827 27.96 -27.71 -4.64
N CYS C 828 27.39 -27.92 -3.45
CA CYS C 828 27.49 -29.20 -2.77
C CYS C 828 26.18 -29.49 -2.04
N THR C 829 25.68 -30.71 -2.20
CA THR C 829 24.42 -31.14 -1.62
C THR C 829 24.64 -32.43 -0.81
N MET C 830 23.96 -32.52 0.34
CA MET C 830 24.00 -33.71 1.16
C MET C 830 22.59 -34.07 1.64
N PHE C 831 22.31 -35.37 1.67
CA PHE C 831 21.07 -35.87 2.25
C PHE C 831 21.20 -35.97 3.76
N TYR C 832 20.14 -35.55 4.46
CA TYR C 832 20.16 -35.56 5.92
C TYR C 832 18.75 -35.87 6.43
N SER C 833 18.68 -36.23 7.71
CA SER C 833 17.41 -36.47 8.37
C SER C 833 17.56 -36.18 9.86
N THR C 834 16.42 -35.92 10.50
CA THR C 834 16.45 -35.60 11.93
C THR C 834 16.71 -36.84 12.77
N SER C 835 15.83 -37.83 12.69
CA SER C 835 16.00 -39.07 13.41
C SER C 835 15.22 -40.17 12.70
N ASN C 836 15.71 -41.41 12.82
CA ASN C 836 15.10 -42.56 12.16
C ASN C 836 15.11 -43.73 13.13
N ILE C 837 13.96 -44.00 13.74
CA ILE C 837 13.78 -45.14 14.65
C ILE C 837 12.55 -45.89 14.22
N LYS C 838 12.60 -47.22 14.32
CA LYS C 838 11.51 -48.06 13.88
C LYS C 838 10.22 -47.72 14.63
N ILE C 839 9.11 -47.75 13.90
CA ILE C 839 7.80 -47.42 14.46
C ILE C 839 7.35 -48.47 15.46
N CYS C 848 1.48 -51.66 9.65
CA CYS C 848 0.57 -52.72 9.25
C CYS C 848 -0.62 -52.16 8.48
N LYS C 849 -0.76 -50.84 8.48
CA LYS C 849 -1.87 -50.15 7.83
C LYS C 849 -1.37 -49.56 6.52
N CYS C 850 -1.34 -50.39 5.48
CA CYS C 850 -0.88 -49.99 4.14
C CYS C 850 0.54 -49.42 4.20
N VAL C 851 1.36 -49.94 5.12
CA VAL C 851 2.71 -49.40 5.30
C VAL C 851 3.57 -49.69 4.08
N GLU C 852 3.44 -50.88 3.50
CA GLU C 852 4.22 -51.27 2.34
C GLU C 852 3.54 -50.72 1.09
N ALA C 853 4.20 -49.77 0.43
CA ALA C 853 3.65 -49.09 -0.74
C ALA C 853 4.02 -49.89 -1.99
N ASP C 854 3.30 -50.98 -2.20
CA ASP C 854 3.49 -51.84 -3.37
C ASP C 854 4.92 -52.35 -3.48
N GLU D 2 -31.63 -32.95 40.30
CA GLU D 2 -31.68 -33.98 39.25
C GLU D 2 -32.66 -33.59 38.14
N VAL D 3 -32.31 -33.91 36.90
CA VAL D 3 -33.20 -33.68 35.78
C VAL D 3 -34.42 -34.59 35.90
N GLN D 4 -35.56 -34.10 35.44
CA GLN D 4 -36.81 -34.85 35.52
C GLN D 4 -37.71 -34.44 34.37
N LEU D 5 -38.34 -35.45 33.74
CA LEU D 5 -39.29 -35.24 32.66
C LEU D 5 -40.57 -35.97 33.00
N VAL D 6 -41.70 -35.25 32.98
CA VAL D 6 -43.00 -35.79 33.34
C VAL D 6 -43.90 -35.74 32.11
N GLU D 7 -44.45 -36.88 31.73
CA GLU D 7 -45.34 -36.99 30.58
C GLU D 7 -46.78 -36.93 31.04
N SER D 8 -47.56 -36.05 30.41
CA SER D 8 -48.98 -35.90 30.73
C SER D 8 -49.79 -35.88 29.44
N GLY D 9 -51.03 -36.35 29.54
CA GLY D 9 -51.89 -36.50 28.39
C GLY D 9 -52.28 -37.95 28.15
N GLY D 10 -52.42 -38.32 26.88
CA GLY D 10 -52.73 -39.70 26.55
C GLY D 10 -54.19 -40.05 26.77
N GLY D 11 -54.48 -41.34 26.62
CA GLY D 11 -55.81 -41.88 26.81
C GLY D 11 -56.20 -42.74 25.63
N LEU D 12 -57.50 -43.02 25.56
CA LEU D 12 -58.09 -43.84 24.50
C LEU D 12 -58.87 -42.95 23.54
N VAL D 13 -58.63 -43.15 22.24
CA VAL D 13 -59.25 -42.35 21.20
C VAL D 13 -59.72 -43.28 20.08
N GLN D 14 -60.55 -42.74 19.19
CA GLN D 14 -60.98 -43.45 18.00
C GLN D 14 -60.06 -43.10 16.83
N ALA D 15 -60.20 -43.86 15.75
CA ALA D 15 -59.40 -43.62 14.56
C ALA D 15 -59.75 -42.26 13.95
N GLY D 16 -58.72 -41.50 13.60
CA GLY D 16 -58.90 -40.18 13.02
C GLY D 16 -59.09 -39.06 14.02
N GLY D 17 -58.85 -39.30 15.31
CA GLY D 17 -59.00 -38.28 16.32
C GLY D 17 -57.75 -37.42 16.48
N SER D 18 -57.71 -36.69 17.59
CA SER D 18 -56.58 -35.85 17.93
C SER D 18 -56.34 -35.89 19.43
N LEU D 19 -55.11 -35.58 19.84
CA LEU D 19 -54.75 -35.63 21.24
C LEU D 19 -53.55 -34.72 21.47
N ARG D 20 -53.41 -34.23 22.71
CA ARG D 20 -52.34 -33.34 23.11
C ARG D 20 -51.55 -33.97 24.24
N LEU D 21 -50.23 -34.03 24.10
CA LEU D 21 -49.34 -34.57 25.11
C LEU D 21 -48.31 -33.52 25.48
N SER D 22 -47.85 -33.56 26.72
CA SER D 22 -46.90 -32.58 27.23
C SER D 22 -45.81 -33.28 28.02
N CYS D 23 -44.60 -32.71 27.96
CA CYS D 23 -43.45 -33.22 28.71
C CYS D 23 -42.89 -32.06 29.52
N ALA D 24 -43.28 -31.99 30.79
CA ALA D 24 -42.75 -30.98 31.69
C ALA D 24 -41.32 -31.34 32.07
N ALA D 25 -40.41 -30.38 31.92
CA ALA D 25 -38.99 -30.58 32.16
C ALA D 25 -38.54 -29.78 33.36
N SER D 26 -37.63 -30.35 34.14
CA SER D 26 -37.09 -29.67 35.30
C SER D 26 -35.67 -30.16 35.57
N GLY D 27 -34.92 -29.36 36.31
CA GLY D 27 -33.60 -29.74 36.76
C GLY D 27 -32.45 -29.48 35.81
N PHE D 28 -32.68 -28.71 34.74
CA PHE D 28 -31.61 -28.40 33.81
C PHE D 28 -31.87 -27.07 33.14
N THR D 29 -30.82 -26.51 32.52
CA THR D 29 -30.97 -25.31 31.70
C THR D 29 -31.76 -25.66 30.45
N PHE D 30 -32.94 -25.08 30.32
CA PHE D 30 -33.90 -25.52 29.31
C PHE D 30 -33.47 -25.09 27.91
N ASP D 31 -32.87 -23.90 27.80
CA ASP D 31 -32.54 -23.35 26.50
C ASP D 31 -31.34 -24.04 25.85
N ASP D 32 -30.71 -24.99 26.54
CA ASP D 32 -29.51 -25.64 26.04
C ASP D 32 -29.72 -27.13 25.77
N TYR D 33 -30.96 -27.55 25.52
CA TYR D 33 -31.30 -28.96 25.35
C TYR D 33 -32.08 -29.18 24.07
N ALA D 34 -32.01 -30.42 23.58
CA ALA D 34 -32.88 -30.92 22.53
C ALA D 34 -33.77 -31.99 23.12
N ILE D 35 -35.07 -31.92 22.81
CA ILE D 35 -36.08 -32.77 23.45
C ILE D 35 -36.74 -33.64 22.39
N GLY D 36 -36.77 -34.93 22.64
CA GLY D 36 -37.27 -35.88 21.65
C GLY D 36 -38.44 -36.69 22.16
N TRP D 37 -39.37 -36.98 21.25
CA TRP D 37 -40.52 -37.84 21.49
C TRP D 37 -40.29 -39.18 20.81
N PHE D 38 -40.42 -40.26 21.59
CA PHE D 38 -40.25 -41.63 21.13
C PHE D 38 -41.51 -42.43 21.39
N ARG D 39 -41.59 -43.60 20.74
CA ARG D 39 -42.68 -44.54 20.97
C ARG D 39 -42.12 -45.95 21.08
N GLN D 40 -42.82 -46.79 21.84
CA GLN D 40 -42.40 -48.18 22.05
C GLN D 40 -43.66 -49.04 22.07
N ALA D 41 -43.99 -49.62 20.92
CA ALA D 41 -45.15 -50.49 20.82
C ALA D 41 -44.89 -51.80 21.56
N PRO D 42 -45.92 -52.42 22.13
CA PRO D 42 -45.74 -53.70 22.81
C PRO D 42 -45.26 -54.77 21.83
N GLY D 43 -44.20 -55.47 22.22
CA GLY D 43 -43.62 -56.50 21.38
C GLY D 43 -42.73 -56.00 20.27
N LYS D 44 -42.51 -54.70 20.17
CA LYS D 44 -41.70 -54.09 19.13
C LYS D 44 -40.56 -53.28 19.73
N GLU D 45 -39.54 -53.06 18.92
CA GLU D 45 -38.39 -52.28 19.37
C GLU D 45 -38.77 -50.81 19.51
N ARG D 46 -38.02 -50.11 20.36
CA ARG D 46 -38.27 -48.69 20.59
C ARG D 46 -37.94 -47.89 19.33
N GLU D 47 -38.77 -46.89 19.04
CA GLU D 47 -38.65 -46.09 17.83
C GLU D 47 -38.75 -44.61 18.17
N GLY D 48 -37.97 -43.79 17.47
CA GLY D 48 -38.05 -42.35 17.61
C GLY D 48 -39.11 -41.76 16.71
N VAL D 49 -39.76 -40.70 17.20
CA VAL D 49 -40.92 -40.10 16.53
C VAL D 49 -40.64 -38.67 16.09
N SER D 50 -40.10 -37.84 16.99
CA SER D 50 -39.90 -36.44 16.67
C SER D 50 -38.84 -35.83 17.57
N CYS D 51 -38.35 -34.65 17.19
CA CYS D 51 -37.43 -33.94 18.04
C CYS D 51 -37.56 -32.43 17.81
N ILE D 52 -37.32 -31.68 18.88
CA ILE D 52 -37.37 -30.23 18.89
C ILE D 52 -36.07 -29.69 19.45
N SER D 53 -35.50 -28.70 18.75
CA SER D 53 -34.30 -28.00 19.20
C SER D 53 -34.74 -26.69 19.85
N THR D 54 -34.56 -26.60 21.17
CA THR D 54 -35.04 -25.46 21.95
C THR D 54 -34.38 -24.14 21.56
N SER D 55 -33.06 -24.11 21.38
CA SER D 55 -32.33 -22.86 21.20
C SER D 55 -32.76 -22.09 19.95
N ASP D 56 -33.33 -22.76 18.95
CA ASP D 56 -33.73 -22.10 17.72
C ASP D 56 -35.13 -22.45 17.24
N GLY D 57 -35.75 -23.50 17.77
CA GLY D 57 -37.11 -23.85 17.39
C GLY D 57 -37.23 -24.75 16.17
N SER D 58 -36.12 -25.14 15.55
CA SER D 58 -36.18 -26.03 14.41
C SER D 58 -36.67 -27.42 14.84
N THR D 59 -37.33 -28.11 13.91
CA THR D 59 -38.02 -29.35 14.21
C THR D 59 -37.52 -30.47 13.32
N TYR D 60 -37.75 -31.71 13.77
CA TYR D 60 -37.52 -32.89 12.96
C TYR D 60 -38.63 -33.91 13.19
N TYR D 61 -39.20 -34.40 12.10
CA TYR D 61 -40.25 -35.41 12.13
C TYR D 61 -39.71 -36.68 11.50
N ALA D 62 -40.03 -37.83 12.10
CA ALA D 62 -39.46 -39.11 11.69
C ALA D 62 -40.18 -39.64 10.46
N ASP D 63 -39.84 -39.07 9.30
CA ASP D 63 -40.25 -39.58 7.99
C ASP D 63 -41.72 -39.94 7.89
N SER D 64 -42.07 -41.16 8.33
CA SER D 64 -43.41 -41.68 8.12
C SER D 64 -44.47 -40.83 8.81
N VAL D 65 -44.09 -40.09 9.84
CA VAL D 65 -45.03 -39.28 10.59
C VAL D 65 -44.95 -37.80 10.17
N LYS D 66 -44.41 -37.53 8.98
CA LYS D 66 -44.27 -36.16 8.50
C LYS D 66 -45.63 -35.50 8.36
N GLY D 67 -45.74 -34.28 8.88
CA GLY D 67 -46.98 -33.53 8.83
C GLY D 67 -48.09 -34.06 9.71
N ARG D 68 -48.01 -35.32 10.15
CA ARG D 68 -49.07 -35.87 10.98
C ARG D 68 -49.16 -35.16 12.31
N PHE D 69 -48.01 -34.82 12.91
CA PHE D 69 -48.00 -34.18 14.21
C PHE D 69 -47.24 -32.85 14.11
N THR D 70 -47.06 -32.19 15.26
CA THR D 70 -46.37 -30.91 15.31
C THR D 70 -45.87 -30.69 16.72
N ILE D 71 -44.59 -30.31 16.86
CA ILE D 71 -43.96 -30.11 18.16
C ILE D 71 -43.79 -28.62 18.42
N SER D 72 -44.20 -28.20 19.62
CA SER D 72 -44.05 -26.81 20.05
C SER D 72 -43.78 -26.79 21.54
N SER D 73 -42.76 -26.04 21.96
CA SER D 73 -42.36 -25.99 23.35
C SER D 73 -42.94 -24.73 24.01
N ASP D 74 -42.80 -24.67 25.34
CA ASP D 74 -43.24 -23.52 26.13
C ASP D 74 -42.07 -23.09 27.01
N ASN D 75 -41.49 -21.93 26.69
CA ASN D 75 -40.35 -21.45 27.46
C ASN D 75 -40.76 -21.01 28.86
N ALA D 76 -42.04 -20.68 29.06
CA ALA D 76 -42.48 -20.18 30.36
C ALA D 76 -42.54 -21.29 31.40
N LYS D 77 -43.12 -22.44 31.05
CA LYS D 77 -43.32 -23.51 32.01
C LYS D 77 -42.50 -24.77 31.70
N ASN D 78 -41.53 -24.66 30.80
CA ASN D 78 -40.52 -25.71 30.60
C ASN D 78 -41.15 -27.01 30.10
N THR D 79 -42.21 -26.87 29.32
CA THR D 79 -43.00 -28.01 28.87
C THR D 79 -43.14 -27.96 27.35
N VAL D 80 -42.71 -29.01 26.68
CA VAL D 80 -42.94 -29.15 25.23
C VAL D 80 -44.27 -29.86 25.02
N TYR D 81 -44.94 -29.52 23.92
CA TYR D 81 -46.21 -30.14 23.56
C TYR D 81 -46.06 -30.77 22.18
N LEU D 82 -46.43 -32.05 22.08
CA LEU D 82 -46.47 -32.74 20.80
C LEU D 82 -47.92 -32.77 20.33
N GLN D 83 -48.24 -31.93 19.36
CA GLN D 83 -49.61 -31.82 18.84
C GLN D 83 -49.91 -33.06 18.01
N MET D 84 -50.53 -34.06 18.64
CA MET D 84 -50.86 -35.33 17.99
C MET D 84 -52.18 -35.13 17.27
N ASN D 85 -52.11 -34.75 15.99
CA ASN D 85 -53.30 -34.55 15.19
C ASN D 85 -53.48 -35.70 14.20
N SER D 86 -54.74 -35.99 13.87
CA SER D 86 -55.10 -37.05 12.92
C SER D 86 -54.53 -38.39 13.37
N LEU D 87 -55.03 -38.87 14.50
CA LEU D 87 -54.52 -40.09 15.13
C LEU D 87 -54.98 -41.30 14.35
N LYS D 88 -54.19 -41.66 13.33
CA LYS D 88 -54.39 -42.91 12.62
C LYS D 88 -53.91 -44.08 13.49
N PRO D 89 -54.46 -45.28 13.27
CA PRO D 89 -54.29 -46.35 14.26
C PRO D 89 -52.90 -46.97 14.33
N GLU D 90 -51.89 -46.38 13.68
CA GLU D 90 -50.57 -47.01 13.67
C GLU D 90 -49.84 -46.86 15.00
N ASP D 91 -50.04 -45.73 15.69
CA ASP D 91 -49.18 -45.41 16.84
C ASP D 91 -49.27 -46.41 17.98
N THR D 92 -50.43 -46.53 18.63
CA THR D 92 -50.71 -47.51 19.69
C THR D 92 -49.49 -47.78 20.57
N ALA D 93 -48.97 -46.72 21.19
CA ALA D 93 -47.71 -46.83 21.90
C ALA D 93 -47.81 -46.11 23.24
N VAL D 94 -46.67 -46.03 23.93
CA VAL D 94 -46.56 -45.57 25.31
C VAL D 94 -45.59 -44.38 25.35
N TYR D 95 -45.66 -43.53 24.33
CA TYR D 95 -44.67 -42.52 23.96
C TYR D 95 -43.93 -41.89 25.14
N TYR D 96 -42.60 -41.85 25.04
CA TYR D 96 -41.73 -41.25 26.04
C TYR D 96 -41.18 -39.92 25.55
N CYS D 97 -40.73 -39.10 26.50
CA CYS D 97 -40.03 -37.85 26.20
C CYS D 97 -38.66 -37.89 26.84
N ALA D 98 -37.65 -37.44 26.09
CA ALA D 98 -36.26 -37.47 26.53
C ALA D 98 -35.59 -36.14 26.23
N ALA D 99 -34.52 -35.85 26.97
CA ALA D 99 -33.78 -34.61 26.82
C ALA D 99 -32.29 -34.92 26.69
N ASP D 100 -31.58 -34.07 25.93
CA ASP D 100 -30.14 -34.27 25.76
C ASP D 100 -29.48 -32.92 25.54
N PRO D 101 -28.35 -32.64 26.20
CA PRO D 101 -27.68 -31.34 25.98
C PRO D 101 -27.12 -31.14 24.58
N TYR D 102 -26.95 -32.21 23.80
CA TYR D 102 -26.38 -32.11 22.46
C TYR D 102 -27.45 -32.43 21.42
N LEU D 103 -27.56 -31.57 20.41
CA LEU D 103 -28.46 -31.84 19.31
C LEU D 103 -27.93 -33.03 18.50
N PRO D 104 -28.82 -33.86 17.94
CA PRO D 104 -28.36 -35.00 17.13
C PRO D 104 -27.83 -34.56 15.78
N ILE D 105 -27.52 -35.54 14.91
CA ILE D 105 -26.99 -35.25 13.58
C ILE D 105 -28.09 -35.06 12.54
N ARG D 106 -29.36 -35.28 12.91
CA ARG D 106 -30.45 -35.41 11.94
C ARG D 106 -30.02 -36.47 10.93
N GLY D 107 -30.23 -36.29 9.64
CA GLY D 107 -29.71 -37.25 8.67
C GLY D 107 -30.24 -38.64 8.93
N ARG D 108 -29.38 -39.50 9.50
CA ARG D 108 -29.83 -40.81 9.96
C ARG D 108 -31.05 -40.69 10.84
N GLY D 109 -31.04 -39.73 11.77
CA GLY D 109 -32.23 -39.38 12.51
C GLY D 109 -32.00 -39.47 14.00
N ILE D 110 -33.12 -39.55 14.73
CA ILE D 110 -33.12 -39.61 16.19
C ILE D 110 -32.83 -41.00 16.72
N GLU D 111 -32.77 -42.01 15.83
CA GLU D 111 -32.71 -43.40 16.25
C GLU D 111 -31.35 -43.72 16.85
N SER D 112 -31.12 -45.01 17.12
CA SER D 112 -29.98 -45.53 17.87
C SER D 112 -30.05 -45.18 19.35
N THR D 113 -31.22 -44.72 19.81
CA THR D 113 -31.50 -44.47 21.23
C THR D 113 -30.48 -43.49 21.82
N ASP D 114 -30.54 -42.27 21.32
CA ASP D 114 -29.73 -41.18 21.85
C ASP D 114 -30.38 -40.66 23.13
N PHE D 115 -29.92 -39.49 23.60
CA PHE D 115 -30.46 -38.82 24.79
C PHE D 115 -30.11 -39.56 26.07
N GLY D 116 -29.88 -38.82 27.15
CA GLY D 116 -29.43 -39.42 28.39
C GLY D 116 -30.42 -39.37 29.53
N SER D 117 -31.37 -38.43 29.46
CA SER D 117 -32.41 -38.28 30.47
C SER D 117 -33.75 -38.68 29.86
N TRP D 118 -34.43 -39.60 30.53
CA TRP D 118 -35.67 -40.17 29.98
C TRP D 118 -36.78 -40.08 31.03
N GLY D 119 -38.01 -39.98 30.54
CA GLY D 119 -39.18 -39.94 31.38
C GLY D 119 -39.84 -41.30 31.52
N GLN D 120 -41.01 -41.29 32.17
CA GLN D 120 -41.76 -42.52 32.39
C GLN D 120 -42.68 -42.85 31.24
N GLY D 121 -43.10 -41.84 30.46
CA GLY D 121 -43.96 -42.08 29.32
C GLY D 121 -45.43 -42.06 29.68
N THR D 122 -46.26 -41.97 28.64
CA THR D 122 -47.70 -41.99 28.79
C THR D 122 -48.30 -42.87 27.70
N GLN D 123 -49.29 -43.67 28.07
CA GLN D 123 -49.90 -44.62 27.14
C GLN D 123 -50.95 -43.93 26.29
N VAL D 124 -50.86 -44.13 24.98
CA VAL D 124 -51.84 -43.62 24.03
C VAL D 124 -52.39 -44.81 23.26
N THR D 125 -53.71 -44.97 23.27
CA THR D 125 -54.36 -46.07 22.58
C THR D 125 -55.41 -45.53 21.62
N VAL D 126 -55.47 -46.11 20.44
CA VAL D 126 -56.44 -45.75 19.41
C VAL D 126 -57.14 -47.02 18.94
N SER D 127 -58.47 -46.98 18.91
CA SER D 127 -59.29 -48.13 18.55
C SER D 127 -59.86 -47.94 17.15
N SER D 128 -59.98 -49.05 16.42
CA SER D 128 -60.49 -49.03 15.05
C SER D 128 -62.00 -49.14 14.98
N ALA D 129 -62.69 -49.14 16.12
CA ALA D 129 -64.14 -49.22 16.14
C ALA D 129 -64.79 -47.99 15.51
C1 NAG E . -14.96 -34.47 -4.34
C2 NAG E . -15.60 -35.60 -5.18
C3 NAG E . -16.95 -35.16 -5.75
C4 NAG E . -16.84 -33.85 -6.54
C5 NAG E . -15.90 -32.89 -5.83
C6 NAG E . -16.44 -31.46 -5.79
C7 NAG E . -13.75 -36.95 -6.05
C8 NAG E . -12.93 -37.30 -7.26
N2 NAG E . -14.71 -36.04 -6.24
O3 NAG E . -17.89 -35.00 -4.69
O4 NAG E . -16.36 -34.11 -7.85
O5 NAG E . -15.73 -33.29 -4.46
O6 NAG E . -16.21 -30.79 -7.02
O7 NAG E . -13.56 -37.49 -4.96
C1 NAG E . -17.46 -34.46 -8.70
C2 NAG E . -17.67 -33.35 -9.74
C3 NAG E . -18.76 -33.73 -10.75
C4 NAG E . -18.49 -35.11 -11.34
C5 NAG E . -18.29 -36.13 -10.22
C6 NAG E . -17.92 -37.50 -10.74
C7 NAG E . -18.91 -31.61 -8.38
C8 NAG E . -19.99 -32.60 -8.02
N2 NAG E . -17.90 -32.03 -9.16
O3 NAG E . -18.80 -32.76 -11.79
O4 NAG E . -19.57 -35.52 -12.17
O5 NAG E . -17.22 -35.71 -9.36
O6 NAG E . -19.07 -38.22 -11.15
O7 NAG E . -18.97 -30.46 -7.97
#